data_5VM1
#
_entry.id   5VM1
#
_cell.length_a   51.660
_cell.length_b   167.070
_cell.length_c   117.830
_cell.angle_alpha   90.000
_cell.angle_beta   101.610
_cell.angle_gamma   90.000
#
_symmetry.space_group_name_H-M   'P 1 21 1'
#
loop_
_entity.id
_entity.type
_entity.pdbx_description
1 polymer Xylulokinase
2 water water
#
_entity_poly.entity_id   1
_entity_poly.type   'polypeptide(L)'
_entity_poly.pdbx_seq_one_letter_code
;MAHHHHHHMYLGLDLGTSGVKALLIDEAQNPVGAAHGELDVSRPHPGWSEQDPAQWIKACRTAIEALRAAHPKEFSAITG
IGLSGQMHGATLLDAEDRVLRPCILWNDTRSYREAAELDADPAFRAITGNIVFPGFTAPKLVWVARNEADIFARIRKVLL
PKDYLRLWLTGEYISDMSDSAGTSWLDTGARRWSAELLAKTGLGEGQMPQLVEGSEAAGCLRAELAAEWSLTASVIVAGG
AGDNAASACGMGTVKPGHAFVSLGTSGVLFAANGAYQPKPESAVHAFCHALPRTWHQMGVILSAASALEWYSKIVGATPQ
SLDRELGETLKAPGSVTFLPYLSGERTPYNDAKIRGSFCGLEHEADRSALTQAVLEGVAFAIRDNLLALQSAGTEITSLT
AVGGGSRSTYWLKAIATALNVPIALPEEGDFGAAFGAARLGLIAATGADPFTICTPPQTARTIEPEQALLSAYDEAYQRY
HALYPALHALD
;
_entity_poly.pdbx_strand_id   A,B,C,D
#
# COMPACT_ATOMS: atom_id res chain seq x y z
N HIS A 8 4.53 26.65 -34.64
CA HIS A 8 4.08 25.25 -34.44
C HIS A 8 2.83 24.92 -35.26
N MET A 9 2.74 23.69 -35.71
CA MET A 9 1.62 23.22 -36.54
C MET A 9 1.11 21.86 -36.05
N TYR A 10 -0.17 21.58 -36.33
CA TYR A 10 -0.77 20.33 -35.91
C TYR A 10 -1.66 19.80 -37.02
N LEU A 11 -1.55 18.50 -37.26
CA LEU A 11 -2.23 17.83 -38.35
C LEU A 11 -3.24 16.86 -37.77
N GLY A 12 -4.46 16.88 -38.33
CA GLY A 12 -5.48 15.90 -37.97
C GLY A 12 -5.83 15.04 -39.18
N LEU A 13 -5.93 13.72 -38.95
CA LEU A 13 -6.30 12.76 -39.99
C LEU A 13 -7.58 12.07 -39.58
N ASP A 14 -8.66 12.31 -40.34
CA ASP A 14 -9.94 11.63 -40.12
C ASP A 14 -10.09 10.55 -41.18
N LEU A 15 -10.05 9.31 -40.75
CA LEU A 15 -10.30 8.17 -41.63
C LEU A 15 -11.80 7.85 -41.55
N GLY A 16 -12.58 8.40 -42.47
CA GLY A 16 -14.00 8.12 -42.49
C GLY A 16 -14.31 6.95 -43.39
N THR A 17 -15.59 6.63 -43.46
CA THR A 17 -15.94 5.51 -44.31
C THR A 17 -15.88 5.92 -45.79
N SER A 18 -16.21 7.18 -46.10
CA SER A 18 -16.19 7.68 -47.47
C SER A 18 -14.86 8.31 -47.87
N GLY A 19 -13.97 8.58 -46.91
CA GLY A 19 -12.67 9.13 -47.29
C GLY A 19 -11.80 9.45 -46.10
N VAL A 20 -10.60 9.92 -46.42
CA VAL A 20 -9.60 10.35 -45.45
C VAL A 20 -9.48 11.85 -45.59
N LYS A 21 -9.72 12.58 -44.50
CA LYS A 21 -9.61 14.03 -44.46
C LYS A 21 -8.34 14.38 -43.70
N ALA A 22 -7.58 15.35 -44.23
CA ALA A 22 -6.36 15.82 -43.59
C ALA A 22 -6.52 17.30 -43.31
N LEU A 23 -6.32 17.71 -42.06
CA LEU A 23 -6.59 19.08 -41.66
C LEU A 23 -5.37 19.60 -40.93
N LEU A 24 -4.88 20.76 -41.36
CA LEU A 24 -3.69 21.36 -40.78
C LEU A 24 -4.08 22.67 -40.13
N ILE A 25 -3.68 22.82 -38.87
CA ILE A 25 -4.01 23.98 -38.06
C ILE A 25 -2.75 24.50 -37.38
N ASP A 26 -2.78 25.76 -36.99
CA ASP A 26 -1.68 26.42 -36.35
C ASP A 26 -1.90 26.41 -34.84
N GLU A 27 -1.03 27.12 -34.11
CA GLU A 27 -1.10 27.13 -32.65
C GLU A 27 -2.40 27.74 -32.13
N ALA A 28 -3.07 28.58 -32.92
CA ALA A 28 -4.31 29.23 -32.50
C ALA A 28 -5.56 28.53 -33.05
N GLN A 29 -5.39 27.31 -33.58
CA GLN A 29 -6.48 26.45 -34.06
C GLN A 29 -7.22 27.08 -35.23
N ASN A 30 -6.51 27.85 -36.05
CA ASN A 30 -7.01 28.36 -37.32
C ASN A 30 -6.66 27.38 -38.43
N PRO A 31 -7.60 27.04 -39.31
CA PRO A 31 -7.26 26.09 -40.36
C PRO A 31 -6.26 26.74 -41.31
N VAL A 32 -5.34 25.93 -41.79
CA VAL A 32 -4.29 26.37 -42.70
C VAL A 32 -4.49 25.75 -44.07
N GLY A 33 -4.94 24.51 -44.10
CA GLY A 33 -5.26 23.83 -45.34
C GLY A 33 -5.87 22.49 -45.01
N ALA A 34 -6.50 21.90 -46.02
CA ALA A 34 -7.16 20.61 -45.87
C ALA A 34 -7.14 19.88 -47.20
N ALA A 35 -7.12 18.56 -47.14
CA ALA A 35 -7.12 17.77 -48.36
C ALA A 35 -7.91 16.49 -48.11
N HIS A 36 -8.38 15.90 -49.20
CA HIS A 36 -9.25 14.72 -49.15
C HIS A 36 -8.68 13.63 -50.03
N GLY A 37 -8.82 12.39 -49.57
CA GLY A 37 -8.50 11.21 -50.36
C GLY A 37 -9.70 10.30 -50.36
N GLU A 38 -10.19 9.92 -51.54
CA GLU A 38 -11.43 9.17 -51.65
C GLU A 38 -11.27 7.71 -51.24
N LEU A 39 -12.37 7.15 -50.75
CA LEU A 39 -12.43 5.75 -50.37
C LEU A 39 -13.70 5.13 -50.94
N ASP A 40 -13.60 3.86 -51.28
CA ASP A 40 -14.72 3.08 -51.77
C ASP A 40 -15.12 2.09 -50.71
N VAL A 41 -16.33 1.55 -50.83
CA VAL A 41 -16.83 0.52 -49.92
C VAL A 41 -17.17 -0.69 -50.77
N SER A 42 -16.76 -1.87 -50.31
CA SER A 42 -17.07 -3.10 -51.03
C SER A 42 -18.19 -3.82 -50.28
N ARG A 43 -19.20 -4.27 -51.02
CA ARG A 43 -20.37 -4.95 -50.47
C ARG A 43 -20.56 -6.24 -51.25
N PRO A 44 -19.73 -7.26 -50.97
CA PRO A 44 -19.77 -8.48 -51.80
C PRO A 44 -21.04 -9.27 -51.64
N HIS A 45 -21.63 -9.27 -50.46
CA HIS A 45 -22.83 -10.02 -50.17
C HIS A 45 -23.83 -9.17 -49.39
N PRO A 46 -25.10 -9.57 -49.32
CA PRO A 46 -26.07 -8.79 -48.55
C PRO A 46 -25.64 -8.59 -47.10
N GLY A 47 -25.72 -7.34 -46.65
CA GLY A 47 -25.32 -6.98 -45.31
C GLY A 47 -23.83 -6.75 -45.10
N TRP A 48 -22.99 -7.05 -46.09
CA TRP A 48 -21.53 -6.89 -45.97
C TRP A 48 -21.09 -5.49 -46.34
N SER A 49 -20.03 -5.04 -45.64
CA SER A 49 -19.46 -3.71 -45.84
C SER A 49 -17.98 -3.79 -45.48
N GLU A 50 -17.11 -3.75 -46.49
CA GLU A 50 -15.69 -3.98 -46.29
C GLU A 50 -14.86 -2.88 -46.94
N GLN A 51 -13.59 -2.84 -46.56
CA GLN A 51 -12.61 -1.92 -47.11
C GLN A 51 -11.25 -2.58 -47.01
N ASP A 52 -10.43 -2.38 -48.04
CA ASP A 52 -9.04 -2.83 -48.00
C ASP A 52 -8.24 -1.83 -47.16
N PRO A 53 -7.60 -2.24 -46.05
CA PRO A 53 -6.81 -1.27 -45.30
C PRO A 53 -5.71 -0.61 -46.13
N ALA A 54 -5.28 -1.23 -47.24
CA ALA A 54 -4.34 -0.55 -48.11
C ALA A 54 -4.95 0.69 -48.72
N GLN A 55 -6.25 0.66 -49.01
CA GLN A 55 -6.89 1.82 -49.61
C GLN A 55 -6.86 3.00 -48.65
N TRP A 56 -7.02 2.75 -47.36
CA TRP A 56 -6.87 3.79 -46.35
C TRP A 56 -5.52 4.51 -46.48
N ILE A 57 -4.44 3.73 -46.59
CA ILE A 57 -3.11 4.33 -46.68
C ILE A 57 -2.91 5.10 -47.99
N LYS A 58 -3.37 4.56 -49.13
CA LYS A 58 -3.24 5.31 -50.37
C LYS A 58 -4.04 6.62 -50.29
N ALA A 59 -5.23 6.57 -49.67
CA ALA A 59 -6.03 7.78 -49.54
C ALA A 59 -5.37 8.78 -48.60
N CYS A 60 -4.81 8.29 -47.50
CA CYS A 60 -4.12 9.15 -46.55
C CYS A 60 -2.84 9.72 -47.16
N ARG A 61 -2.10 8.91 -47.92
CA ARG A 61 -0.92 9.41 -48.62
C ARG A 61 -1.29 10.47 -49.66
N THR A 62 -2.44 10.28 -50.30
CA THR A 62 -2.90 11.25 -51.28
C THR A 62 -3.15 12.59 -50.63
N ALA A 63 -3.88 12.59 -49.50
CA ALA A 63 -4.22 13.84 -48.85
C ALA A 63 -3.01 14.47 -48.16
N ILE A 64 -2.10 13.67 -47.59
CA ILE A 64 -0.92 14.25 -46.95
C ILE A 64 -0.04 14.96 -47.97
N GLU A 65 0.36 14.26 -49.04
CA GLU A 65 1.28 14.91 -49.97
C GLU A 65 0.60 16.07 -50.67
N ALA A 66 -0.70 15.93 -50.96
CA ALA A 66 -1.45 17.05 -51.54
C ALA A 66 -1.45 18.26 -50.60
N LEU A 67 -1.53 18.01 -49.30
CA LEU A 67 -1.43 19.08 -48.31
C LEU A 67 0.00 19.61 -48.22
N ARG A 68 0.99 18.69 -48.16
CA ARG A 68 2.39 19.11 -48.08
C ARG A 68 2.80 19.89 -49.32
N ALA A 69 2.28 19.53 -50.48
CA ALA A 69 2.68 20.23 -51.69
C ALA A 69 2.05 21.62 -51.77
N ALA A 70 0.99 21.91 -51.02
CA ALA A 70 0.40 23.24 -51.00
C ALA A 70 0.87 24.10 -49.83
N HIS A 71 1.38 23.49 -48.76
CA HIS A 71 1.90 24.20 -47.59
C HIS A 71 3.17 23.50 -47.12
N PRO A 72 4.24 23.54 -47.93
CA PRO A 72 5.43 22.73 -47.57
C PRO A 72 6.13 23.20 -46.31
N LYS A 73 6.33 24.51 -46.15
CA LYS A 73 6.99 25.04 -44.96
C LYS A 73 6.12 24.87 -43.72
N GLU A 74 4.81 25.08 -43.85
CA GLU A 74 3.92 24.88 -42.70
C GLU A 74 3.80 23.40 -42.34
N PHE A 75 3.74 22.53 -43.36
CA PHE A 75 3.65 21.11 -43.05
C PHE A 75 4.89 20.64 -42.32
N SER A 76 6.06 21.17 -42.70
CA SER A 76 7.26 20.71 -42.03
C SER A 76 7.34 21.17 -40.57
N ALA A 77 6.52 22.13 -40.16
CA ALA A 77 6.53 22.62 -38.79
C ALA A 77 5.55 21.86 -37.92
N ILE A 78 5.05 20.73 -38.40
CA ILE A 78 4.15 19.89 -37.61
C ILE A 78 4.91 19.24 -36.46
N THR A 79 4.40 19.42 -35.24
CA THR A 79 4.98 18.84 -34.05
C THR A 79 4.14 17.68 -33.49
N GLY A 80 2.83 17.72 -33.70
CA GLY A 80 1.96 16.62 -33.29
C GLY A 80 0.96 16.29 -34.37
N ILE A 81 0.52 15.02 -34.38
CA ILE A 81 -0.49 14.49 -35.30
C ILE A 81 -1.60 13.83 -34.48
N GLY A 82 -2.84 14.14 -34.76
CA GLY A 82 -3.99 13.50 -34.13
C GLY A 82 -4.81 12.71 -35.12
N LEU A 83 -5.33 11.57 -34.68
CA LEU A 83 -6.08 10.65 -35.53
C LEU A 83 -7.56 10.57 -35.14
N SER A 84 -8.40 10.37 -36.16
CA SER A 84 -9.82 10.10 -35.98
C SER A 84 -10.23 9.00 -36.95
N GLY A 85 -11.19 8.19 -36.54
CA GLY A 85 -11.63 7.10 -37.39
C GLY A 85 -13.07 6.69 -37.22
N GLN A 86 -13.63 6.14 -38.30
CA GLN A 86 -14.84 5.36 -38.23
C GLN A 86 -14.64 4.24 -37.24
N MET A 87 -15.60 4.08 -36.33
CA MET A 87 -15.53 3.21 -35.18
C MET A 87 -15.80 1.74 -35.56
N HIS A 88 -15.56 0.85 -34.60
CA HIS A 88 -16.07 -0.53 -34.62
C HIS A 88 -15.41 -1.43 -35.67
N GLY A 89 -14.76 -0.86 -36.68
CA GLY A 89 -14.24 -1.68 -37.79
C GLY A 89 -13.22 -2.71 -37.32
N ALA A 90 -13.28 -3.90 -37.92
CA ALA A 90 -12.47 -5.05 -37.50
C ALA A 90 -11.38 -5.33 -38.53
N THR A 91 -10.12 -4.99 -38.17
CA THR A 91 -8.94 -5.20 -39.02
C THR A 91 -8.09 -6.30 -38.38
N LEU A 92 -8.00 -7.45 -39.05
CA LEU A 92 -7.29 -8.62 -38.51
C LEU A 92 -5.89 -8.71 -39.12
N LEU A 93 -4.86 -8.71 -38.26
CA LEU A 93 -3.49 -8.81 -38.72
C LEU A 93 -2.87 -10.13 -38.26
N ASP A 94 -1.95 -10.66 -39.07
CA ASP A 94 -1.29 -11.92 -38.73
C ASP A 94 -0.03 -11.63 -37.91
N ALA A 95 0.89 -12.61 -37.83
CA ALA A 95 2.09 -12.43 -37.01
C ALA A 95 3.00 -11.34 -37.57
N GLU A 96 2.96 -11.14 -38.88
CA GLU A 96 3.78 -10.14 -39.57
C GLU A 96 3.03 -8.86 -39.91
N ASP A 97 1.92 -8.59 -39.24
CA ASP A 97 1.12 -7.40 -39.49
C ASP A 97 0.46 -7.38 -40.86
N ARG A 98 0.42 -8.51 -41.58
CA ARG A 98 -0.30 -8.56 -42.85
C ARG A 98 -1.82 -8.61 -42.62
N VAL A 99 -2.57 -7.97 -43.51
CA VAL A 99 -4.01 -7.90 -43.38
C VAL A 99 -4.58 -9.24 -43.82
N LEU A 100 -5.27 -9.91 -42.91
CA LEU A 100 -5.76 -11.25 -43.20
C LEU A 100 -7.00 -11.21 -44.08
N ARG A 101 -7.83 -10.20 -43.90
CA ARG A 101 -9.06 -10.07 -44.66
C ARG A 101 -9.46 -8.61 -44.63
N PRO A 102 -10.26 -8.16 -45.59
CA PRO A 102 -10.69 -6.76 -45.55
C PRO A 102 -11.37 -6.42 -44.23
N CYS A 103 -11.22 -5.16 -43.84
CA CYS A 103 -11.84 -4.66 -42.62
C CYS A 103 -13.38 -4.72 -42.70
N ILE A 104 -14.00 -5.24 -41.65
CA ILE A 104 -15.45 -5.37 -41.55
C ILE A 104 -15.97 -4.16 -40.81
N LEU A 105 -16.62 -3.25 -41.54
CA LEU A 105 -16.96 -1.91 -41.07
C LEU A 105 -18.16 -1.91 -40.10
N TRP A 106 -18.41 -0.70 -39.56
CA TRP A 106 -19.46 -0.47 -38.58
C TRP A 106 -20.86 -0.72 -39.14
N ASN A 107 -21.07 -0.48 -40.44
CA ASN A 107 -22.38 -0.70 -41.05
C ASN A 107 -22.53 -2.09 -41.67
N ASP A 108 -21.67 -3.02 -41.30
CA ASP A 108 -21.84 -4.43 -41.67
C ASP A 108 -22.79 -5.11 -40.70
N THR A 109 -23.71 -5.93 -41.23
CA THR A 109 -24.68 -6.65 -40.39
C THR A 109 -24.61 -8.17 -40.58
N ARG A 110 -23.54 -8.70 -41.17
CA ARG A 110 -23.46 -10.14 -41.41
C ARG A 110 -23.41 -10.94 -40.10
N SER A 111 -23.08 -10.31 -38.97
CA SER A 111 -22.89 -10.95 -37.67
C SER A 111 -24.13 -10.88 -36.79
N TYR A 112 -25.31 -10.70 -37.38
CA TYR A 112 -26.49 -10.48 -36.56
C TYR A 112 -26.73 -11.63 -35.60
N ARG A 113 -26.48 -12.88 -36.03
CA ARG A 113 -26.63 -14.04 -35.16
C ARG A 113 -25.62 -14.01 -34.01
N GLU A 114 -24.37 -13.71 -34.30
CA GLU A 114 -23.37 -13.72 -33.25
C GLU A 114 -23.62 -12.59 -32.25
N ALA A 115 -23.99 -11.39 -32.72
CA ALA A 115 -24.30 -10.30 -31.79
C ALA A 115 -25.54 -10.61 -30.96
N ALA A 116 -26.51 -11.33 -31.53
CA ALA A 116 -27.66 -11.70 -30.72
C ALA A 116 -27.21 -12.63 -29.61
N GLU A 117 -26.30 -13.56 -29.91
CA GLU A 117 -25.81 -14.46 -28.88
C GLU A 117 -25.02 -13.69 -27.82
N LEU A 118 -24.14 -12.77 -28.24
CA LEU A 118 -23.37 -12.03 -27.25
C LEU A 118 -24.24 -11.08 -26.43
N ASP A 119 -25.20 -10.42 -27.06
CA ASP A 119 -26.05 -9.48 -26.32
C ASP A 119 -26.84 -10.20 -25.23
N ALA A 120 -27.19 -11.47 -25.44
CA ALA A 120 -27.98 -12.22 -24.47
C ALA A 120 -27.16 -12.70 -23.28
N ASP A 121 -25.86 -12.65 -23.37
CA ASP A 121 -24.95 -12.96 -22.30
C ASP A 121 -24.88 -11.72 -21.42
N PRO A 122 -25.42 -11.78 -20.20
CA PRO A 122 -25.49 -10.59 -19.35
C PRO A 122 -24.13 -9.95 -19.03
N ALA A 123 -23.01 -10.64 -19.30
CA ALA A 123 -21.71 -10.05 -19.03
C ALA A 123 -21.45 -8.83 -19.92
N PHE A 124 -21.96 -8.84 -21.15
CA PHE A 124 -21.61 -7.80 -22.09
C PHE A 124 -22.24 -6.45 -21.74
N ARG A 125 -23.51 -6.41 -21.33
CA ARG A 125 -23.98 -5.07 -20.94
C ARG A 125 -23.43 -4.66 -19.59
N ALA A 126 -23.17 -5.61 -18.71
CA ALA A 126 -22.62 -5.28 -17.41
C ALA A 126 -21.21 -4.72 -17.55
N ILE A 127 -20.39 -5.30 -18.42
CA ILE A 127 -19.00 -4.86 -18.55
C ILE A 127 -18.87 -3.73 -19.57
N THR A 128 -19.57 -3.77 -20.71
CA THR A 128 -19.45 -2.68 -21.67
C THR A 128 -20.45 -1.55 -21.45
N GLY A 129 -21.58 -1.82 -20.78
CA GLY A 129 -22.66 -0.85 -20.67
C GLY A 129 -23.45 -0.61 -21.94
N ASN A 130 -23.28 -1.44 -22.97
CA ASN A 130 -23.92 -1.21 -24.26
C ASN A 130 -24.53 -2.49 -24.81
N ILE A 131 -25.54 -2.31 -25.67
CA ILE A 131 -26.05 -3.41 -26.48
C ILE A 131 -24.96 -3.86 -27.45
N VAL A 132 -24.91 -5.17 -27.72
CA VAL A 132 -23.98 -5.73 -28.70
C VAL A 132 -24.70 -5.74 -30.04
N PHE A 133 -24.44 -4.74 -30.85
CA PHE A 133 -24.95 -4.73 -32.22
C PHE A 133 -23.99 -5.42 -33.17
N PRO A 134 -24.50 -5.93 -34.31
CA PRO A 134 -23.64 -6.66 -35.25
C PRO A 134 -22.53 -5.84 -35.85
N GLY A 135 -22.62 -4.50 -35.79
CA GLY A 135 -21.59 -3.61 -36.30
C GLY A 135 -20.44 -3.34 -35.35
N PHE A 136 -20.58 -3.79 -34.12
CA PHE A 136 -19.51 -3.72 -33.15
C PHE A 136 -18.47 -4.81 -33.45
N THR A 137 -17.28 -4.68 -32.84
CA THR A 137 -16.15 -5.51 -33.27
C THR A 137 -16.28 -6.95 -32.77
N ALA A 138 -16.68 -7.14 -31.52
CA ALA A 138 -16.78 -8.47 -30.90
C ALA A 138 -17.59 -9.48 -31.70
N PRO A 139 -18.86 -9.21 -32.08
CA PRO A 139 -19.61 -10.22 -32.86
C PRO A 139 -18.97 -10.58 -34.19
N LYS A 140 -18.29 -9.63 -34.85
CA LYS A 140 -17.63 -9.90 -36.11
C LYS A 140 -16.54 -10.95 -35.92
N LEU A 141 -15.88 -10.98 -34.76
CA LEU A 141 -14.83 -11.96 -34.58
C LEU A 141 -15.35 -13.35 -34.28
N VAL A 142 -16.54 -13.46 -33.67
CA VAL A 142 -17.16 -14.77 -33.59
C VAL A 142 -17.55 -15.22 -34.99
N TRP A 143 -18.06 -14.29 -35.82
CA TRP A 143 -18.38 -14.59 -37.22
C TRP A 143 -17.19 -15.19 -37.94
N VAL A 144 -16.03 -14.54 -37.80
CA VAL A 144 -14.81 -15.00 -38.48
C VAL A 144 -14.38 -16.37 -37.98
N ALA A 145 -14.48 -16.61 -36.67
CA ALA A 145 -14.10 -17.92 -36.12
C ALA A 145 -14.95 -19.05 -36.69
N ARG A 146 -16.19 -18.76 -37.08
CA ARG A 146 -17.12 -19.80 -37.54
C ARG A 146 -17.16 -19.96 -39.03
N ASN A 147 -16.93 -18.88 -39.78
CA ASN A 147 -17.09 -18.93 -41.23
C ASN A 147 -15.77 -18.79 -41.97
N GLU A 148 -14.76 -18.17 -41.34
CA GLU A 148 -13.45 -18.03 -41.92
C GLU A 148 -12.39 -18.48 -40.91
N ALA A 149 -12.44 -19.76 -40.54
CA ALA A 149 -11.63 -20.28 -39.45
C ALA A 149 -10.12 -20.25 -39.74
N ASP A 150 -9.71 -20.42 -41.01
CA ASP A 150 -8.30 -20.32 -41.35
C ASP A 150 -7.74 -18.93 -41.06
N ILE A 151 -8.51 -17.89 -41.34
CA ILE A 151 -8.14 -16.53 -41.00
C ILE A 151 -8.14 -16.30 -39.50
N PHE A 152 -9.04 -16.95 -38.76
CA PHE A 152 -9.11 -16.71 -37.33
C PHE A 152 -7.88 -17.28 -36.62
N ALA A 153 -7.38 -18.43 -37.08
CA ALA A 153 -6.23 -19.08 -36.46
C ALA A 153 -4.97 -18.27 -36.57
N ARG A 154 -4.88 -17.38 -37.57
CA ARG A 154 -3.69 -16.58 -37.84
C ARG A 154 -3.76 -15.18 -37.26
N ILE A 155 -4.83 -14.85 -36.54
CA ILE A 155 -4.99 -13.52 -35.96
C ILE A 155 -3.97 -13.30 -34.84
N ARG A 156 -3.12 -12.29 -35.01
CA ARG A 156 -2.22 -11.90 -33.94
C ARG A 156 -2.54 -10.52 -33.37
N LYS A 157 -3.35 -9.72 -34.07
CA LYS A 157 -3.78 -8.42 -33.58
C LYS A 157 -5.13 -8.07 -34.21
N VAL A 158 -6.01 -7.45 -33.44
CA VAL A 158 -7.28 -6.89 -33.95
C VAL A 158 -7.23 -5.39 -33.74
N LEU A 159 -7.27 -4.63 -34.83
CA LEU A 159 -7.14 -3.19 -34.73
C LEU A 159 -8.36 -2.53 -35.35
N LEU A 160 -8.76 -1.37 -34.80
CA LEU A 160 -9.76 -0.54 -35.43
C LEU A 160 -9.11 0.35 -36.49
N PRO A 161 -9.88 0.87 -37.43
CA PRO A 161 -9.25 1.54 -38.60
C PRO A 161 -8.23 2.62 -38.28
N LYS A 162 -8.54 3.59 -37.42
CA LYS A 162 -7.58 4.65 -37.17
C LYS A 162 -6.31 4.11 -36.52
N ASP A 163 -6.42 3.00 -35.79
CA ASP A 163 -5.28 2.38 -35.16
C ASP A 163 -4.43 1.57 -36.14
N TYR A 164 -5.01 1.08 -37.24
CA TYR A 164 -4.18 0.53 -38.32
C TYR A 164 -3.40 1.64 -39.00
N LEU A 165 -4.04 2.79 -39.16
CA LEU A 165 -3.34 3.94 -39.70
C LEU A 165 -2.20 4.34 -38.78
N ARG A 166 -2.41 4.28 -37.45
CA ARG A 166 -1.35 4.59 -36.50
C ARG A 166 -0.22 3.58 -36.60
N LEU A 167 -0.55 2.32 -36.90
CA LEU A 167 0.47 1.30 -37.07
C LEU A 167 1.38 1.64 -38.22
N TRP A 168 0.79 2.12 -39.32
CA TRP A 168 1.55 2.60 -40.46
C TRP A 168 2.37 3.86 -40.09
N LEU A 169 1.79 4.77 -39.31
CA LEU A 169 2.46 6.03 -38.96
C LEU A 169 3.58 5.84 -37.94
N THR A 170 3.33 5.04 -36.90
CA THR A 170 4.24 4.96 -35.75
C THR A 170 4.90 3.61 -35.58
N GLY A 171 4.34 2.54 -36.14
CA GLY A 171 4.89 1.23 -35.89
C GLY A 171 4.52 0.60 -34.57
N GLU A 172 3.57 1.18 -33.82
CA GLU A 172 3.13 0.64 -32.55
C GLU A 172 1.67 0.22 -32.64
N TYR A 173 1.28 -0.65 -31.71
CA TYR A 173 -0.11 -1.11 -31.59
C TYR A 173 -0.75 -0.39 -30.42
N ILE A 174 -1.50 0.68 -30.68
CA ILE A 174 -2.10 1.47 -29.62
C ILE A 174 -3.50 1.91 -30.07
N SER A 175 -4.43 1.94 -29.12
CA SER A 175 -5.77 2.49 -29.33
C SER A 175 -6.13 3.39 -28.16
N ASP A 176 -7.14 4.23 -28.37
CA ASP A 176 -7.62 5.14 -27.32
C ASP A 176 -8.90 4.56 -26.70
N MET A 177 -9.27 5.12 -25.54
CA MET A 177 -10.40 4.58 -24.79
C MET A 177 -11.72 4.68 -25.56
N SER A 178 -11.96 5.79 -26.28
CA SER A 178 -13.28 6.04 -26.87
C SER A 178 -13.54 5.12 -28.04
N ASP A 179 -12.50 4.80 -28.79
CA ASP A 179 -12.67 3.92 -29.93
C ASP A 179 -12.78 2.49 -29.46
N SER A 180 -12.05 2.15 -28.40
CA SER A 180 -12.06 0.78 -27.93
C SER A 180 -13.29 0.42 -27.13
N ALA A 181 -13.99 1.42 -26.56
CA ALA A 181 -15.28 1.14 -25.92
C ALA A 181 -16.32 0.67 -26.94
N GLY A 182 -16.09 0.94 -28.21
CA GLY A 182 -16.91 0.43 -29.29
C GLY A 182 -16.57 -0.96 -29.78
N THR A 183 -15.66 -1.66 -29.12
CA THR A 183 -15.34 -3.01 -29.57
C THR A 183 -16.21 -4.06 -28.92
N SER A 184 -16.86 -3.70 -27.82
CA SER A 184 -17.56 -4.61 -26.92
C SER A 184 -16.62 -5.58 -26.22
N TRP A 185 -15.32 -5.25 -26.19
CA TRP A 185 -14.35 -5.95 -25.36
C TRP A 185 -13.85 -5.13 -24.17
N LEU A 186 -14.20 -3.85 -24.08
CA LEU A 186 -13.71 -2.94 -23.06
C LEU A 186 -14.60 -2.92 -21.81
N ASP A 187 -13.98 -2.89 -20.62
CA ASP A 187 -14.69 -2.53 -19.40
C ASP A 187 -14.80 -1.00 -19.41
N THR A 188 -15.90 -0.48 -19.95
CA THR A 188 -16.00 0.96 -20.18
C THR A 188 -15.82 1.77 -18.90
N GLY A 189 -16.39 1.30 -17.79
CA GLY A 189 -16.26 2.03 -16.54
C GLY A 189 -14.85 2.00 -15.98
N ALA A 190 -14.12 0.93 -16.23
CA ALA A 190 -12.76 0.77 -15.73
C ALA A 190 -11.68 1.24 -16.71
N ARG A 191 -12.04 1.54 -17.97
CA ARG A 191 -11.09 1.99 -18.98
C ARG A 191 -9.95 0.98 -19.20
N ARG A 192 -10.30 -0.30 -19.20
CA ARG A 192 -9.32 -1.36 -19.35
C ARG A 192 -9.98 -2.45 -20.17
N TRP A 193 -9.18 -3.31 -20.80
CA TRP A 193 -9.72 -4.48 -21.48
C TRP A 193 -10.36 -5.46 -20.48
N SER A 194 -11.38 -6.17 -20.95
CA SER A 194 -12.02 -7.22 -20.18
C SER A 194 -11.49 -8.58 -20.67
N ALA A 195 -10.76 -9.29 -19.81
CA ALA A 195 -10.31 -10.62 -20.19
C ALA A 195 -11.50 -11.55 -20.37
N GLU A 196 -12.52 -11.39 -19.52
CA GLU A 196 -13.69 -12.26 -19.59
C GLU A 196 -14.39 -12.18 -20.94
N LEU A 197 -14.56 -10.96 -21.47
CA LEU A 197 -15.24 -10.78 -22.76
C LEU A 197 -14.37 -11.23 -23.93
N LEU A 198 -13.06 -11.00 -23.83
CA LEU A 198 -12.13 -11.45 -24.87
C LEU A 198 -12.15 -12.98 -25.00
N ALA A 199 -12.10 -13.69 -23.87
CA ALA A 199 -12.13 -15.15 -23.91
C ALA A 199 -13.41 -15.68 -24.55
N LYS A 200 -14.54 -14.98 -24.38
CA LYS A 200 -15.82 -15.43 -24.89
C LYS A 200 -15.92 -15.32 -26.41
N THR A 201 -15.03 -14.57 -27.03
CA THR A 201 -15.00 -14.46 -28.48
C THR A 201 -13.77 -15.13 -29.07
N GLY A 202 -12.95 -15.76 -28.23
CA GLY A 202 -11.85 -16.57 -28.68
C GLY A 202 -10.53 -15.87 -28.79
N LEU A 203 -10.34 -14.76 -28.07
CA LEU A 203 -9.12 -13.99 -28.18
C LEU A 203 -8.57 -13.71 -26.78
N GLY A 204 -7.34 -13.20 -26.75
CA GLY A 204 -6.70 -12.83 -25.52
C GLY A 204 -6.30 -11.38 -25.61
N GLU A 205 -5.88 -10.82 -24.47
CA GLU A 205 -5.53 -9.40 -24.42
C GLU A 205 -4.28 -9.08 -25.24
N GLY A 206 -3.38 -10.06 -25.43
CA GLY A 206 -2.20 -9.87 -26.24
C GLY A 206 -2.47 -9.67 -27.71
N GLN A 207 -3.69 -9.96 -28.16
CA GLN A 207 -4.13 -9.68 -29.51
C GLN A 207 -4.81 -8.33 -29.62
N MET A 208 -4.90 -7.57 -28.51
CA MET A 208 -5.42 -6.21 -28.57
C MET A 208 -4.26 -5.24 -28.54
N PRO A 209 -4.44 -4.02 -29.06
CA PRO A 209 -3.43 -2.98 -28.88
C PRO A 209 -3.44 -2.48 -27.44
N GLN A 210 -2.38 -1.77 -27.08
CA GLN A 210 -2.32 -1.14 -25.77
C GLN A 210 -3.21 0.09 -25.75
N LEU A 211 -3.78 0.38 -24.58
CA LEU A 211 -4.75 1.45 -24.39
C LEU A 211 -4.11 2.70 -23.78
N VAL A 212 -4.59 3.85 -24.23
CA VAL A 212 -4.16 5.17 -23.77
C VAL A 212 -5.39 6.06 -23.79
N GLU A 213 -5.28 7.22 -23.16
CA GLU A 213 -6.32 8.23 -23.35
C GLU A 213 -6.09 8.93 -24.69
N GLY A 214 -7.20 9.34 -25.32
CA GLY A 214 -7.11 9.89 -26.66
C GLY A 214 -6.21 11.11 -26.77
N SER A 215 -6.14 11.90 -25.71
CA SER A 215 -5.36 13.12 -25.72
C SER A 215 -3.93 12.90 -25.24
N GLU A 216 -3.55 11.68 -24.88
CA GLU A 216 -2.18 11.53 -24.42
C GLU A 216 -1.30 10.99 -25.55
N ALA A 217 0.02 11.14 -25.37
CA ALA A 217 0.96 10.80 -26.44
C ALA A 217 0.98 9.29 -26.64
N ALA A 218 0.85 8.86 -27.89
CA ALA A 218 0.68 7.44 -28.17
C ALA A 218 1.39 7.06 -29.48
N GLY A 219 2.71 7.19 -29.45
CA GLY A 219 3.60 6.86 -30.53
C GLY A 219 4.28 8.09 -31.11
N CYS A 220 5.38 7.83 -31.82
CA CYS A 220 6.11 8.84 -32.57
C CYS A 220 6.11 8.46 -34.04
N LEU A 221 6.10 9.47 -34.90
CA LEU A 221 6.13 9.21 -36.34
C LEU A 221 7.43 8.51 -36.75
N ARG A 222 7.31 7.44 -37.54
CA ARG A 222 8.47 6.68 -37.99
C ARG A 222 9.41 7.57 -38.78
N ALA A 223 10.71 7.35 -38.60
CA ALA A 223 11.72 8.22 -39.20
C ALA A 223 11.63 8.24 -40.73
N GLU A 224 11.38 7.08 -41.36
CA GLU A 224 11.26 7.06 -42.83
C GLU A 224 10.14 7.99 -43.28
N LEU A 225 9.04 8.06 -42.52
CA LEU A 225 7.95 8.98 -42.84
C LEU A 225 8.28 10.41 -42.45
N ALA A 226 9.01 10.62 -41.35
CA ALA A 226 9.43 11.96 -40.96
C ALA A 226 10.31 12.61 -42.03
N ALA A 227 11.09 11.80 -42.74
CA ALA A 227 11.93 12.34 -43.82
C ALA A 227 11.20 12.38 -45.16
N GLU A 228 10.21 11.52 -45.36
CA GLU A 228 9.51 11.50 -46.64
C GLU A 228 8.75 12.80 -46.88
N TRP A 229 8.31 13.45 -45.79
CA TRP A 229 7.61 14.74 -45.84
C TRP A 229 8.45 15.87 -45.24
N SER A 230 9.71 15.58 -44.86
CA SER A 230 10.64 16.53 -44.27
C SER A 230 10.06 17.15 -43.00
N LEU A 231 10.05 16.32 -41.95
CA LEU A 231 9.59 16.77 -40.64
C LEU A 231 10.78 17.26 -39.82
N THR A 232 10.64 18.48 -39.28
CA THR A 232 11.74 19.14 -38.58
C THR A 232 12.02 18.53 -37.21
N ALA A 233 10.99 18.09 -36.50
CA ALA A 233 11.15 17.68 -35.12
C ALA A 233 10.57 16.28 -34.91
N SER A 234 10.81 15.78 -33.69
CA SER A 234 10.15 14.57 -33.21
C SER A 234 8.65 14.79 -33.21
N VAL A 235 7.94 14.02 -34.04
CA VAL A 235 6.51 14.21 -34.26
C VAL A 235 5.76 13.22 -33.37
N ILE A 236 5.02 13.73 -32.38
CA ILE A 236 4.21 12.90 -31.50
C ILE A 236 2.88 12.61 -32.18
N VAL A 237 2.40 11.37 -32.05
CA VAL A 237 1.07 10.98 -32.51
C VAL A 237 0.14 10.79 -31.31
N ALA A 238 -1.02 11.45 -31.34
CA ALA A 238 -1.95 11.39 -30.23
C ALA A 238 -2.72 10.06 -30.23
N GLY A 239 -3.38 9.80 -29.09
CA GLY A 239 -4.24 8.63 -29.01
C GLY A 239 -5.36 8.69 -30.03
N GLY A 240 -5.94 9.88 -30.21
CA GLY A 240 -7.01 10.04 -31.15
C GLY A 240 -8.36 9.69 -30.54
N ALA A 241 -9.33 9.44 -31.40
CA ALA A 241 -10.64 9.11 -30.90
C ALA A 241 -11.41 8.43 -32.02
N GLY A 242 -12.52 7.78 -31.66
CA GLY A 242 -13.49 7.45 -32.68
C GLY A 242 -14.16 8.71 -33.19
N ASP A 243 -14.80 8.60 -34.37
CA ASP A 243 -15.26 9.82 -35.05
C ASP A 243 -16.26 10.59 -34.19
N ASN A 244 -17.11 9.89 -33.45
CA ASN A 244 -18.07 10.63 -32.62
C ASN A 244 -17.36 11.43 -31.55
N ALA A 245 -16.51 10.77 -30.75
CA ALA A 245 -15.74 11.45 -29.72
C ALA A 245 -14.77 12.47 -30.34
N ALA A 246 -14.22 12.15 -31.51
CA ALA A 246 -13.38 13.13 -32.21
C ALA A 246 -14.17 14.37 -32.57
N SER A 247 -15.34 14.15 -33.15
CA SER A 247 -16.23 15.24 -33.56
C SER A 247 -16.57 16.12 -32.36
N ALA A 248 -16.87 15.49 -31.22
CA ALA A 248 -17.19 16.22 -29.99
C ALA A 248 -16.03 17.05 -29.48
N CYS A 249 -14.78 16.54 -29.60
CA CYS A 249 -13.62 17.35 -29.28
C CYS A 249 -13.49 18.53 -30.22
N GLY A 250 -13.83 18.36 -31.50
CA GLY A 250 -13.83 19.48 -32.42
C GLY A 250 -14.89 20.51 -32.06
N MET A 251 -16.00 20.07 -31.48
CA MET A 251 -17.12 20.93 -31.17
C MET A 251 -17.06 21.56 -29.78
N GLY A 252 -16.14 21.12 -28.93
CA GLY A 252 -16.13 21.57 -27.55
C GLY A 252 -17.09 20.83 -26.64
N THR A 253 -17.63 19.69 -27.08
CA THR A 253 -18.59 18.94 -26.28
C THR A 253 -17.84 17.92 -25.40
N VAL A 254 -17.22 18.42 -24.34
CA VAL A 254 -16.40 17.58 -23.48
C VAL A 254 -16.75 17.77 -21.99
N LYS A 255 -17.52 18.89 -21.65
CA LYS A 255 -17.87 19.04 -20.22
C LYS A 255 -19.23 18.43 -19.92
N PRO A 256 -19.45 17.96 -18.69
CA PRO A 256 -20.72 17.30 -18.37
C PRO A 256 -21.94 18.17 -18.63
N GLY A 257 -22.94 17.55 -19.26
CA GLY A 257 -24.17 18.21 -19.61
C GLY A 257 -24.14 18.96 -20.91
N HIS A 258 -22.98 19.09 -21.53
CA HIS A 258 -22.86 19.68 -22.86
C HIS A 258 -23.18 18.63 -23.92
N ALA A 259 -23.97 19.04 -24.90
CA ALA A 259 -24.47 18.08 -25.89
C ALA A 259 -24.53 18.69 -27.28
N PHE A 260 -24.37 17.83 -28.28
CA PHE A 260 -24.68 18.20 -29.64
C PHE A 260 -25.65 17.20 -30.24
N VAL A 261 -26.49 17.70 -31.14
CA VAL A 261 -27.40 16.88 -31.92
C VAL A 261 -26.98 16.99 -33.39
N SER A 262 -26.82 15.86 -34.03
CA SER A 262 -26.38 15.77 -35.41
C SER A 262 -27.56 15.33 -36.29
N LEU A 263 -28.01 16.22 -37.17
CA LEU A 263 -29.09 15.87 -38.08
C LEU A 263 -28.52 15.35 -39.38
N GLY A 264 -27.74 14.28 -39.25
CA GLY A 264 -27.23 13.56 -40.39
C GLY A 264 -28.17 12.48 -40.84
N THR A 265 -27.67 11.61 -41.72
CA THR A 265 -28.50 10.51 -42.23
C THR A 265 -29.20 9.80 -41.09
N SER A 266 -28.46 9.52 -40.03
CA SER A 266 -29.01 9.11 -38.77
C SER A 266 -28.84 10.25 -37.79
N GLY A 267 -29.79 10.38 -36.87
CA GLY A 267 -29.66 11.39 -35.83
C GLY A 267 -28.76 10.88 -34.72
N VAL A 268 -27.94 11.77 -34.18
CA VAL A 268 -27.13 11.43 -33.03
C VAL A 268 -27.25 12.53 -32.00
N LEU A 269 -27.54 12.15 -30.76
CA LEU A 269 -27.55 13.05 -29.62
C LEU A 269 -26.35 12.63 -28.77
N PHE A 270 -25.33 13.51 -28.69
CA PHE A 270 -24.07 13.22 -28.02
C PHE A 270 -23.98 14.09 -26.78
N ALA A 271 -23.81 13.46 -25.63
CA ALA A 271 -23.69 14.15 -24.37
C ALA A 271 -22.40 13.72 -23.69
N ALA A 272 -21.59 14.68 -23.26
CA ALA A 272 -20.40 14.38 -22.49
C ALA A 272 -20.76 14.17 -21.03
N ASN A 273 -20.09 13.19 -20.38
CA ASN A 273 -20.33 12.80 -18.98
C ASN A 273 -19.09 12.88 -18.10
N GLY A 274 -19.28 13.26 -16.84
CA GLY A 274 -18.24 13.22 -15.84
C GLY A 274 -17.99 11.86 -15.21
N ALA A 275 -18.84 10.89 -15.51
CA ALA A 275 -18.68 9.52 -15.05
C ALA A 275 -19.23 8.56 -16.09
N TYR A 276 -18.99 7.28 -15.87
CA TYR A 276 -19.54 6.22 -16.71
C TYR A 276 -21.01 6.01 -16.32
N GLN A 277 -21.91 6.25 -17.27
CA GLN A 277 -23.34 6.32 -16.98
C GLN A 277 -24.11 5.47 -18.00
N PRO A 278 -24.03 4.15 -17.87
CA PRO A 278 -24.69 3.29 -18.85
C PRO A 278 -26.20 3.23 -18.64
N LYS A 279 -26.88 2.96 -19.73
CA LYS A 279 -28.31 2.72 -19.68
C LYS A 279 -28.68 1.87 -20.89
N PRO A 280 -28.14 0.67 -21.03
CA PRO A 280 -28.49 -0.14 -22.22
C PRO A 280 -29.94 -0.57 -22.22
N GLU A 281 -30.61 -0.53 -21.07
CA GLU A 281 -32.03 -0.89 -21.00
C GLU A 281 -32.88 0.05 -21.84
N SER A 282 -32.47 1.32 -21.96
CA SER A 282 -33.11 2.29 -22.84
C SER A 282 -32.35 2.48 -24.15
N ALA A 283 -31.44 1.55 -24.47
CA ALA A 283 -30.73 1.53 -25.74
C ALA A 283 -29.97 2.83 -26.00
N VAL A 284 -29.39 3.43 -24.96
CA VAL A 284 -28.43 4.51 -25.17
C VAL A 284 -27.03 3.90 -25.13
N HIS A 285 -26.12 4.46 -25.91
CA HIS A 285 -24.71 4.06 -25.86
C HIS A 285 -23.97 4.89 -24.82
N ALA A 286 -23.06 4.23 -24.08
CA ALA A 286 -22.18 4.90 -23.12
C ALA A 286 -20.76 4.45 -23.40
N PHE A 287 -19.92 5.38 -23.81
CA PHE A 287 -18.56 5.10 -24.21
C PHE A 287 -17.63 6.05 -23.47
N CYS A 288 -16.35 5.65 -23.40
CA CYS A 288 -15.32 6.59 -22.96
C CYS A 288 -15.20 7.75 -23.94
N HIS A 289 -14.86 8.91 -23.41
CA HIS A 289 -14.54 10.05 -24.26
C HIS A 289 -13.06 10.01 -24.62
N ALA A 290 -12.62 10.97 -25.42
CA ALA A 290 -11.20 11.04 -25.76
C ALA A 290 -10.39 11.64 -24.64
N LEU A 291 -11.03 12.18 -23.61
CA LEU A 291 -10.25 12.83 -22.58
C LEU A 291 -10.20 11.96 -21.34
N PRO A 292 -9.15 12.05 -20.56
CA PRO A 292 -9.05 11.17 -19.39
C PRO A 292 -10.17 11.45 -18.41
N ARG A 293 -10.55 10.42 -17.66
CA ARG A 293 -11.58 10.52 -16.60
C ARG A 293 -12.90 11.14 -17.12
N THR A 294 -13.18 10.91 -18.41
CA THR A 294 -14.34 11.50 -19.09
C THR A 294 -15.03 10.44 -19.95
N TRP A 295 -16.36 10.45 -19.95
CA TRP A 295 -17.18 9.52 -20.70
C TRP A 295 -18.15 10.28 -21.58
N HIS A 296 -19.00 9.55 -22.31
CA HIS A 296 -20.10 10.19 -23.02
C HIS A 296 -21.21 9.20 -23.29
N GLN A 297 -22.39 9.77 -23.52
CA GLN A 297 -23.57 9.04 -23.94
C GLN A 297 -23.90 9.36 -25.40
N MET A 298 -24.59 8.43 -26.04
CA MET A 298 -24.95 8.60 -27.43
C MET A 298 -26.35 8.03 -27.61
N GLY A 299 -27.29 8.89 -27.97
CA GLY A 299 -28.60 8.46 -28.42
C GLY A 299 -28.61 8.43 -29.93
N VAL A 300 -29.08 7.32 -30.49
CA VAL A 300 -29.07 7.12 -31.94
C VAL A 300 -30.49 7.04 -32.46
N ILE A 301 -30.82 7.92 -33.40
CA ILE A 301 -32.07 7.89 -34.15
C ILE A 301 -31.76 7.32 -35.53
N LEU A 302 -32.32 6.14 -35.84
CA LEU A 302 -31.86 5.46 -37.05
C LEU A 302 -32.23 6.21 -38.33
N SER A 303 -33.29 7.01 -38.33
CA SER A 303 -33.64 7.76 -39.55
C SER A 303 -34.00 9.17 -39.16
N ALA A 304 -33.09 10.09 -39.45
CA ALA A 304 -33.32 11.50 -39.20
C ALA A 304 -33.38 12.21 -40.54
N ALA A 305 -32.23 12.63 -41.11
CA ALA A 305 -32.25 13.24 -42.43
C ALA A 305 -32.72 12.26 -43.49
N SER A 306 -32.46 10.97 -43.30
CA SER A 306 -32.90 10.00 -44.29
C SER A 306 -34.41 9.84 -44.28
N ALA A 307 -35.07 10.17 -43.17
CA ALA A 307 -36.53 10.22 -43.17
C ALA A 307 -37.04 11.31 -44.09
N LEU A 308 -36.38 12.48 -44.11
CA LEU A 308 -36.79 13.53 -45.05
C LEU A 308 -36.40 13.18 -46.48
N GLU A 309 -35.22 12.61 -46.70
CA GLU A 309 -34.87 12.10 -48.01
C GLU A 309 -35.91 11.10 -48.49
N TRP A 310 -36.32 10.18 -47.62
CA TRP A 310 -37.32 9.20 -48.03
C TRP A 310 -38.58 9.90 -48.53
N TYR A 311 -39.12 10.85 -47.75
CA TYR A 311 -40.35 11.52 -48.13
C TYR A 311 -40.19 12.32 -49.42
N SER A 312 -39.01 12.94 -49.63
CA SER A 312 -38.80 13.71 -50.84
C SER A 312 -38.80 12.81 -52.08
N LYS A 313 -38.21 11.62 -51.99
CA LYS A 313 -38.26 10.73 -53.15
C LYS A 313 -39.70 10.33 -53.45
N ILE A 314 -40.54 10.18 -52.41
CA ILE A 314 -41.96 9.89 -52.64
C ILE A 314 -42.60 11.05 -53.41
N VAL A 315 -42.55 12.26 -52.86
CA VAL A 315 -43.25 13.39 -53.44
C VAL A 315 -42.48 14.05 -54.57
N GLY A 316 -41.29 13.56 -54.90
CA GLY A 316 -40.62 14.04 -56.10
C GLY A 316 -39.99 15.40 -56.03
N ALA A 317 -39.64 15.86 -54.82
CA ALA A 317 -38.91 17.10 -54.62
C ALA A 317 -37.57 16.79 -53.97
N THR A 318 -36.85 17.84 -53.61
CA THR A 318 -35.64 17.66 -52.84
C THR A 318 -35.84 18.21 -51.45
N PRO A 319 -35.09 17.71 -50.48
CA PRO A 319 -35.21 18.27 -49.13
C PRO A 319 -35.18 19.79 -49.10
N GLN A 320 -34.27 20.39 -49.88
CA GLN A 320 -34.14 21.84 -49.86
C GLN A 320 -35.40 22.52 -50.40
N SER A 321 -36.07 21.92 -51.39
CA SER A 321 -37.33 22.48 -51.86
C SER A 321 -38.45 22.28 -50.85
N LEU A 322 -38.52 21.09 -50.24
CA LEU A 322 -39.52 20.88 -49.20
C LEU A 322 -39.29 21.85 -48.03
N ASP A 323 -38.02 22.01 -47.61
CA ASP A 323 -37.69 22.97 -46.56
C ASP A 323 -38.00 24.40 -47.03
N ARG A 324 -37.68 24.73 -48.29
CA ARG A 324 -38.04 26.05 -48.82
C ARG A 324 -39.55 26.24 -48.89
N GLU A 325 -40.31 25.18 -49.22
CA GLU A 325 -41.77 25.32 -49.30
C GLU A 325 -42.39 25.51 -47.93
N LEU A 326 -41.88 24.81 -46.91
CA LEU A 326 -42.44 24.91 -45.56
C LEU A 326 -42.16 26.27 -44.93
N GLY A 327 -40.96 26.81 -45.13
CA GLY A 327 -40.65 28.16 -44.71
C GLY A 327 -39.78 28.23 -43.47
N GLU A 328 -39.55 29.47 -43.04
CA GLU A 328 -38.72 29.77 -41.88
C GLU A 328 -39.51 29.95 -40.58
N THR A 329 -40.82 30.15 -40.65
CA THR A 329 -41.64 30.38 -39.47
C THR A 329 -42.24 29.07 -38.95
N LEU A 330 -42.05 28.81 -37.67
CA LEU A 330 -42.58 27.60 -37.05
C LEU A 330 -44.10 27.67 -37.01
N LYS A 331 -44.74 26.56 -37.33
CA LYS A 331 -46.19 26.40 -37.28
C LYS A 331 -46.60 25.48 -36.14
N ALA A 332 -47.81 25.67 -35.65
CA ALA A 332 -48.33 24.74 -34.66
C ALA A 332 -48.54 23.38 -35.31
N PRO A 333 -48.26 22.29 -34.61
CA PRO A 333 -48.44 20.98 -35.22
C PRO A 333 -49.90 20.80 -35.63
N GLY A 334 -50.11 20.09 -36.73
CA GLY A 334 -51.43 19.70 -37.17
C GLY A 334 -51.78 18.29 -36.73
N SER A 335 -52.83 17.75 -37.34
CA SER A 335 -53.31 16.44 -36.95
C SER A 335 -52.41 15.33 -37.47
N VAL A 336 -51.52 15.64 -38.41
CA VAL A 336 -50.60 14.65 -38.97
C VAL A 336 -49.42 14.43 -38.02
N THR A 337 -49.11 13.16 -37.77
CA THR A 337 -47.99 12.73 -36.96
C THR A 337 -47.14 11.78 -37.79
N PHE A 338 -45.82 11.92 -37.71
CA PHE A 338 -44.91 11.04 -38.45
C PHE A 338 -44.03 10.28 -37.45
N LEU A 339 -44.07 8.95 -37.51
CA LEU A 339 -43.10 8.14 -36.79
C LEU A 339 -41.93 7.81 -37.73
N PRO A 340 -40.69 8.24 -37.43
CA PRO A 340 -39.60 8.08 -38.40
C PRO A 340 -38.90 6.72 -38.38
N TYR A 341 -39.63 5.65 -38.05
CA TYR A 341 -39.03 4.34 -37.82
C TYR A 341 -38.90 3.53 -39.11
N LEU A 342 -38.45 4.15 -40.21
CA LEU A 342 -38.37 3.47 -41.50
C LEU A 342 -37.44 2.26 -41.48
N SER A 343 -36.50 2.21 -40.51
CA SER A 343 -35.52 1.14 -40.38
C SER A 343 -35.59 0.51 -39.01
N GLY A 344 -36.76 0.54 -38.37
CA GLY A 344 -36.86 0.28 -36.95
C GLY A 344 -36.48 1.53 -36.20
N GLU A 345 -36.19 1.37 -34.92
CA GLU A 345 -35.64 2.45 -34.11
C GLU A 345 -34.66 1.88 -33.11
N ARG A 346 -33.62 2.64 -32.81
CA ARG A 346 -32.64 2.25 -31.79
C ARG A 346 -33.02 2.89 -30.44
N THR A 347 -32.58 4.11 -30.17
CA THR A 347 -32.91 4.75 -28.89
C THR A 347 -34.33 5.29 -28.91
N PRO A 348 -35.19 4.91 -27.96
CA PRO A 348 -34.98 4.08 -26.77
C PRO A 348 -35.57 2.66 -26.77
N TYR A 349 -36.09 2.15 -27.88
CA TYR A 349 -36.86 0.92 -27.82
C TYR A 349 -36.08 -0.28 -28.33
N ASN A 350 -35.03 -0.05 -29.10
CA ASN A 350 -34.27 -1.11 -29.75
C ASN A 350 -35.24 -2.13 -30.37
N ASP A 351 -35.99 -1.62 -31.34
CA ASP A 351 -37.10 -2.33 -31.95
C ASP A 351 -36.81 -2.47 -33.44
N ALA A 352 -36.50 -3.69 -33.87
CA ALA A 352 -36.22 -3.93 -35.28
C ALA A 352 -37.49 -4.09 -36.12
N LYS A 353 -38.63 -4.46 -35.52
CA LYS A 353 -39.82 -4.78 -36.29
C LYS A 353 -40.70 -3.57 -36.57
N ILE A 354 -40.67 -2.55 -35.70
CA ILE A 354 -41.51 -1.36 -35.84
C ILE A 354 -41.18 -0.63 -37.16
N ARG A 355 -42.15 0.10 -37.71
CA ARG A 355 -41.95 0.79 -38.98
C ARG A 355 -42.47 2.22 -38.93
N GLY A 356 -42.26 2.94 -40.01
CA GLY A 356 -42.69 4.31 -40.07
C GLY A 356 -44.18 4.42 -40.30
N SER A 357 -44.70 5.61 -40.01
CA SER A 357 -46.14 5.85 -40.05
C SER A 357 -46.45 7.33 -40.18
N PHE A 358 -47.45 7.63 -41.00
CA PHE A 358 -48.18 8.89 -40.95
C PHE A 358 -49.52 8.59 -40.31
N CYS A 359 -49.95 9.45 -39.39
CA CYS A 359 -51.28 9.34 -38.78
C CYS A 359 -51.93 10.70 -38.80
N GLY A 360 -53.24 10.70 -38.61
CA GLY A 360 -53.96 11.95 -38.64
C GLY A 360 -54.17 12.53 -40.01
N LEU A 361 -54.10 11.72 -41.05
CA LEU A 361 -54.24 12.24 -42.40
C LEU A 361 -55.66 12.73 -42.64
N GLU A 362 -55.75 13.89 -43.28
CA GLU A 362 -56.99 14.58 -43.57
C GLU A 362 -56.96 14.94 -45.05
N HIS A 363 -58.12 15.24 -45.64
CA HIS A 363 -58.08 15.68 -47.04
C HIS A 363 -57.31 16.97 -47.19
N GLU A 364 -57.39 17.87 -46.20
CA GLU A 364 -56.70 19.16 -46.24
C GLU A 364 -55.19 19.08 -46.06
N ALA A 365 -54.63 17.94 -45.68
CA ALA A 365 -53.18 17.88 -45.53
C ALA A 365 -52.53 17.90 -46.91
N ASP A 366 -51.74 18.94 -47.18
CA ASP A 366 -51.01 19.04 -48.44
C ASP A 366 -49.59 18.52 -48.25
N ARG A 367 -48.79 18.61 -49.32
CA ARG A 367 -47.42 18.14 -49.24
C ARG A 367 -46.64 18.82 -48.12
N SER A 368 -46.80 20.14 -47.97
CA SER A 368 -46.10 20.88 -46.93
C SER A 368 -46.51 20.43 -45.53
N ALA A 369 -47.79 20.08 -45.34
CA ALA A 369 -48.19 19.63 -44.02
C ALA A 369 -47.51 18.32 -43.65
N LEU A 370 -47.27 17.46 -44.64
CA LEU A 370 -46.61 16.19 -44.33
C LEU A 370 -45.11 16.38 -44.12
N THR A 371 -44.48 17.24 -44.93
CA THR A 371 -43.12 17.70 -44.64
C THR A 371 -43.00 18.17 -43.19
N GLN A 372 -43.90 19.05 -42.75
CA GLN A 372 -43.90 19.53 -41.37
C GLN A 372 -43.97 18.39 -40.37
N ALA A 373 -44.84 17.40 -40.60
CA ALA A 373 -44.97 16.31 -39.66
C ALA A 373 -43.71 15.43 -39.63
N VAL A 374 -42.98 15.36 -40.76
CA VAL A 374 -41.72 14.62 -40.78
C VAL A 374 -40.69 15.31 -39.89
N LEU A 375 -40.58 16.64 -39.99
CA LEU A 375 -39.63 17.36 -39.14
C LEU A 375 -40.07 17.31 -37.69
N GLU A 376 -41.37 17.50 -37.42
CA GLU A 376 -41.87 17.39 -36.05
C GLU A 376 -41.57 16.02 -35.46
N GLY A 377 -41.81 14.97 -36.23
CA GLY A 377 -41.62 13.62 -35.74
C GLY A 377 -40.17 13.30 -35.43
N VAL A 378 -39.24 13.75 -36.27
CA VAL A 378 -37.85 13.53 -35.93
C VAL A 378 -37.49 14.33 -34.70
N ALA A 379 -38.00 15.56 -34.59
CA ALA A 379 -37.81 16.34 -33.37
C ALA A 379 -38.30 15.58 -32.14
N PHE A 380 -39.47 14.94 -32.24
CA PHE A 380 -40.00 14.15 -31.13
C PHE A 380 -39.14 12.93 -30.81
N ALA A 381 -38.56 12.28 -31.83
CA ALA A 381 -37.61 11.22 -31.56
C ALA A 381 -36.40 11.75 -30.79
N ILE A 382 -35.89 12.92 -31.17
CA ILE A 382 -34.82 13.53 -30.39
C ILE A 382 -35.26 13.77 -28.95
N ARG A 383 -36.50 14.22 -28.75
CA ARG A 383 -36.99 14.41 -27.39
C ARG A 383 -37.11 13.07 -26.65
N ASP A 384 -37.48 12.01 -27.37
CA ASP A 384 -37.39 10.68 -26.77
C ASP A 384 -35.95 10.35 -26.38
N ASN A 385 -34.98 10.74 -27.20
CA ASN A 385 -33.59 10.48 -26.86
C ASN A 385 -33.15 11.27 -25.64
N LEU A 386 -33.51 12.56 -25.57
CA LEU A 386 -33.14 13.38 -24.41
C LEU A 386 -33.72 12.80 -23.13
N LEU A 387 -34.95 12.29 -23.20
CA LEU A 387 -35.56 11.67 -22.02
C LEU A 387 -34.77 10.43 -21.57
N ALA A 388 -34.27 9.63 -22.52
CA ALA A 388 -33.46 8.46 -22.18
C ALA A 388 -32.16 8.86 -21.49
N LEU A 389 -31.47 9.86 -22.04
CA LEU A 389 -30.24 10.37 -21.42
C LEU A 389 -30.50 10.89 -20.01
N GLN A 390 -31.62 11.59 -19.82
CA GLN A 390 -31.94 12.06 -18.49
C GLN A 390 -32.19 10.90 -17.53
N SER A 391 -32.75 9.79 -18.00
CA SER A 391 -32.90 8.66 -17.09
C SER A 391 -31.56 8.02 -16.77
N ALA A 392 -30.49 8.42 -17.45
CA ALA A 392 -29.18 7.86 -17.20
C ALA A 392 -28.25 8.88 -16.54
N GLY A 393 -28.81 9.87 -15.84
CA GLY A 393 -28.08 10.77 -14.96
C GLY A 393 -27.56 12.05 -15.59
N THR A 394 -28.02 12.40 -16.78
CA THR A 394 -27.53 13.52 -17.57
C THR A 394 -28.66 14.53 -17.68
N GLU A 395 -28.38 15.79 -17.41
CA GLU A 395 -29.32 16.87 -17.69
C GLU A 395 -28.70 17.72 -18.80
N ILE A 396 -29.39 17.82 -19.93
CA ILE A 396 -28.89 18.59 -21.07
C ILE A 396 -29.39 20.04 -20.94
N THR A 397 -28.47 20.97 -20.73
CA THR A 397 -28.85 22.37 -20.56
C THR A 397 -28.84 23.11 -21.89
N SER A 398 -27.69 23.13 -22.55
CA SER A 398 -27.53 23.74 -23.86
C SER A 398 -27.18 22.66 -24.88
N LEU A 399 -27.71 22.83 -26.07
CA LEU A 399 -27.57 21.90 -27.17
C LEU A 399 -27.02 22.62 -28.39
N THR A 400 -26.07 21.99 -29.08
CA THR A 400 -25.46 22.53 -30.29
C THR A 400 -25.79 21.64 -31.48
N ALA A 401 -26.18 22.23 -32.62
CA ALA A 401 -26.68 21.48 -33.77
C ALA A 401 -25.73 21.49 -34.95
N VAL A 402 -25.46 20.29 -35.51
CA VAL A 402 -24.65 20.12 -36.71
C VAL A 402 -25.31 19.10 -37.62
N GLY A 403 -24.69 18.84 -38.76
CA GLY A 403 -25.19 17.90 -39.73
C GLY A 403 -26.05 18.58 -40.78
N GLY A 404 -26.33 17.82 -41.84
CA GLY A 404 -27.01 18.42 -42.98
C GLY A 404 -28.35 19.04 -42.63
N GLY A 405 -29.15 18.31 -41.85
CA GLY A 405 -30.47 18.81 -41.48
C GLY A 405 -30.40 20.10 -40.69
N SER A 406 -29.27 20.38 -40.04
CA SER A 406 -29.19 21.63 -39.28
C SER A 406 -29.18 22.85 -40.19
N ARG A 407 -29.12 22.66 -41.51
CA ARG A 407 -29.27 23.77 -42.44
C ARG A 407 -30.72 24.21 -42.60
N SER A 408 -31.68 23.53 -41.96
CA SER A 408 -33.09 23.89 -42.00
C SER A 408 -33.45 24.71 -40.76
N THR A 409 -33.77 25.99 -40.98
CA THR A 409 -34.23 26.83 -39.89
C THR A 409 -35.50 26.26 -39.26
N TYR A 410 -36.40 25.71 -40.06
CA TYR A 410 -37.60 25.13 -39.49
C TYR A 410 -37.25 24.00 -38.56
N TRP A 411 -36.35 23.10 -38.98
CA TRP A 411 -36.01 21.94 -38.17
C TRP A 411 -35.43 22.35 -36.84
N LEU A 412 -34.60 23.39 -36.82
CA LEU A 412 -33.96 23.84 -35.58
C LEU A 412 -34.97 24.44 -34.63
N LYS A 413 -35.90 25.25 -35.15
CA LYS A 413 -36.96 25.81 -34.30
C LYS A 413 -37.86 24.71 -33.77
N ALA A 414 -38.13 23.70 -34.60
CA ALA A 414 -38.93 22.57 -34.15
C ALA A 414 -38.24 21.79 -33.02
N ILE A 415 -36.94 21.53 -33.17
CA ILE A 415 -36.22 20.76 -32.15
C ILE A 415 -36.10 21.55 -30.83
N ALA A 416 -35.84 22.86 -30.93
CA ALA A 416 -35.77 23.69 -29.73
C ALA A 416 -37.12 23.75 -29.02
N THR A 417 -38.20 23.91 -29.78
CA THR A 417 -39.48 23.99 -29.11
C THR A 417 -39.90 22.63 -28.55
N ALA A 418 -39.50 21.53 -29.21
CA ALA A 418 -39.86 20.22 -28.69
C ALA A 418 -39.11 19.91 -27.39
N LEU A 419 -37.85 20.36 -27.27
CA LEU A 419 -37.02 20.13 -26.08
C LEU A 419 -37.12 21.23 -25.05
N ASN A 420 -37.59 22.40 -25.45
CA ASN A 420 -37.49 23.62 -24.64
C ASN A 420 -36.06 23.86 -24.16
N VAL A 421 -35.09 23.67 -25.06
CA VAL A 421 -33.71 24.15 -24.87
C VAL A 421 -33.32 25.01 -26.07
N PRO A 422 -32.58 26.08 -25.88
CA PRO A 422 -31.99 26.81 -27.02
C PRO A 422 -30.98 25.94 -27.77
N ILE A 423 -30.87 26.18 -29.08
CA ILE A 423 -29.94 25.45 -29.94
C ILE A 423 -28.96 26.44 -30.55
N ALA A 424 -27.66 26.20 -30.35
CA ALA A 424 -26.60 27.05 -30.88
C ALA A 424 -26.15 26.54 -32.24
N LEU A 425 -26.16 27.42 -33.22
CA LEU A 425 -25.73 27.11 -34.57
C LEU A 425 -24.34 27.70 -34.78
N PRO A 426 -23.33 26.89 -35.08
CA PRO A 426 -21.96 27.42 -35.14
C PRO A 426 -21.70 28.33 -36.32
N GLU A 427 -20.64 29.13 -36.17
CA GLU A 427 -20.10 29.85 -37.31
C GLU A 427 -19.67 28.82 -38.36
N GLU A 428 -19.46 29.28 -39.59
CA GLU A 428 -19.04 28.38 -40.62
C GLU A 428 -17.60 27.92 -40.40
N GLY A 429 -17.37 26.63 -40.65
CA GLY A 429 -16.03 26.08 -40.54
C GLY A 429 -16.15 24.57 -40.42
N ASP A 430 -15.01 23.94 -40.18
CA ASP A 430 -14.93 22.50 -40.00
C ASP A 430 -14.56 22.27 -38.55
N PHE A 431 -15.54 21.94 -37.75
CA PHE A 431 -15.36 21.66 -36.34
C PHE A 431 -15.75 20.22 -36.05
N GLY A 432 -15.51 19.36 -37.03
CA GLY A 432 -15.85 17.96 -37.00
C GLY A 432 -14.73 17.06 -36.52
N ALA A 433 -14.77 15.80 -37.00
CA ALA A 433 -13.83 14.79 -36.57
C ALA A 433 -12.38 15.18 -36.90
N ALA A 434 -12.13 15.69 -38.11
CA ALA A 434 -10.77 16.05 -38.46
C ALA A 434 -10.26 17.21 -37.64
N PHE A 435 -11.13 18.14 -37.27
CA PHE A 435 -10.66 19.23 -36.42
C PHE A 435 -10.42 18.75 -34.99
N GLY A 436 -11.26 17.84 -34.48
CA GLY A 436 -11.00 17.26 -33.18
C GLY A 436 -9.71 16.48 -33.15
N ALA A 437 -9.43 15.76 -34.24
CA ALA A 437 -8.17 15.05 -34.36
C ALA A 437 -6.99 16.03 -34.33
N ALA A 438 -7.07 17.12 -35.08
CA ALA A 438 -5.99 18.12 -35.00
C ALA A 438 -5.83 18.62 -33.57
N ARG A 439 -6.95 18.93 -32.91
CA ARG A 439 -6.90 19.35 -31.51
C ARG A 439 -6.27 18.30 -30.61
N LEU A 440 -6.60 17.02 -30.81
CA LEU A 440 -5.97 15.99 -29.98
C LEU A 440 -4.47 15.93 -30.25
N GLY A 441 -4.07 16.12 -31.50
CA GLY A 441 -2.65 16.22 -31.79
C GLY A 441 -2.01 17.39 -31.10
N LEU A 442 -2.72 18.54 -31.03
CA LEU A 442 -2.16 19.70 -30.32
C LEU A 442 -2.03 19.40 -28.84
N ILE A 443 -2.99 18.66 -28.29
CA ILE A 443 -2.99 18.38 -26.85
C ILE A 443 -1.85 17.45 -26.47
N ALA A 444 -1.64 16.38 -27.25
CA ALA A 444 -0.57 15.44 -26.90
C ALA A 444 0.82 16.04 -27.08
N ALA A 445 0.99 16.88 -28.10
CA ALA A 445 2.32 17.42 -28.41
C ALA A 445 2.76 18.46 -27.38
N THR A 446 1.83 19.27 -26.89
CA THR A 446 2.12 20.31 -25.90
C THR A 446 1.86 19.88 -24.46
N GLY A 447 1.10 18.82 -24.24
CA GLY A 447 0.76 18.47 -22.88
C GLY A 447 -0.18 19.44 -22.24
N ALA A 448 -0.90 20.22 -23.05
CA ALA A 448 -1.84 21.18 -22.52
C ALA A 448 -3.00 20.45 -21.86
N ASP A 449 -3.67 21.14 -20.95
CA ASP A 449 -4.88 20.57 -20.38
C ASP A 449 -5.90 20.39 -21.51
N PRO A 450 -6.40 19.17 -21.77
CA PRO A 450 -7.28 19.00 -22.93
C PRO A 450 -8.56 19.81 -22.84
N PHE A 451 -9.04 20.13 -21.64
CA PHE A 451 -10.26 20.92 -21.53
C PHE A 451 -10.05 22.38 -21.88
N THR A 452 -8.82 22.88 -21.79
CA THR A 452 -8.59 24.24 -22.24
C THR A 452 -8.40 24.32 -23.75
N ILE A 453 -8.17 23.21 -24.43
CA ILE A 453 -7.98 23.24 -25.88
C ILE A 453 -9.31 23.04 -26.62
N CYS A 454 -10.11 22.07 -26.19
CA CYS A 454 -11.34 21.69 -26.87
C CYS A 454 -12.48 22.63 -26.48
N THR A 455 -12.42 23.86 -27.03
CA THR A 455 -13.37 24.94 -26.78
C THR A 455 -14.53 24.89 -27.77
N PRO A 456 -15.70 25.40 -27.41
CA PRO A 456 -16.80 25.46 -28.38
C PRO A 456 -16.50 26.47 -29.46
N PRO A 457 -17.07 26.32 -30.65
CA PRO A 457 -16.87 27.33 -31.69
C PRO A 457 -17.73 28.54 -31.43
N GLN A 458 -17.44 29.61 -32.17
CA GLN A 458 -18.30 30.77 -32.05
C GLN A 458 -19.69 30.47 -32.62
N THR A 459 -20.71 30.95 -31.92
CA THR A 459 -22.09 30.68 -32.26
C THR A 459 -22.56 31.67 -33.32
N ALA A 460 -23.11 31.17 -34.42
CA ALA A 460 -23.62 32.05 -35.47
C ALA A 460 -24.97 32.65 -35.08
N ARG A 461 -25.98 31.79 -34.92
CA ARG A 461 -27.31 32.18 -34.52
C ARG A 461 -27.75 31.26 -33.39
N THR A 462 -28.58 31.77 -32.49
CA THR A 462 -29.13 30.97 -31.40
C THR A 462 -30.64 30.90 -31.59
N ILE A 463 -31.14 29.67 -31.73
CA ILE A 463 -32.55 29.41 -31.98
C ILE A 463 -33.19 29.14 -30.64
N GLU A 464 -34.04 30.07 -30.16
CA GLU A 464 -34.67 29.91 -28.86
C GLU A 464 -35.97 29.14 -29.01
N PRO A 465 -36.43 28.42 -27.99
CA PRO A 465 -37.72 27.73 -28.11
C PRO A 465 -38.84 28.74 -28.28
N GLU A 466 -39.80 28.40 -29.14
CA GLU A 466 -40.97 29.25 -29.38
C GLU A 466 -41.94 29.08 -28.21
N GLN A 467 -41.98 30.07 -27.32
CA GLN A 467 -42.76 29.93 -26.10
C GLN A 467 -44.24 29.72 -26.42
N ALA A 468 -44.74 30.38 -27.48
CA ALA A 468 -46.14 30.27 -27.83
C ALA A 468 -46.51 28.87 -28.28
N LEU A 469 -45.59 28.14 -28.90
CA LEU A 469 -45.88 26.81 -29.41
C LEU A 469 -45.40 25.68 -28.47
N LEU A 470 -44.91 26.01 -27.26
CA LEU A 470 -44.41 24.96 -26.35
C LEU A 470 -45.51 24.00 -25.93
N SER A 471 -46.70 24.54 -25.65
CA SER A 471 -47.81 23.71 -25.22
C SER A 471 -48.30 22.83 -26.36
N ALA A 472 -48.48 23.42 -27.55
CA ALA A 472 -48.94 22.63 -28.69
C ALA A 472 -47.94 21.54 -29.04
N TYR A 473 -46.64 21.80 -28.88
CA TYR A 473 -45.65 20.77 -29.15
C TYR A 473 -45.71 19.65 -28.11
N ASP A 474 -46.01 19.95 -26.83
CA ASP A 474 -46.23 18.90 -25.84
C ASP A 474 -47.41 18.03 -26.22
N GLU A 475 -48.50 18.66 -26.62
CA GLU A 475 -49.69 17.93 -27.00
C GLU A 475 -49.38 17.02 -28.18
N ALA A 476 -48.67 17.54 -29.18
CA ALA A 476 -48.28 16.73 -30.32
C ALA A 476 -47.23 15.69 -29.94
N TYR A 477 -46.31 16.03 -29.03
CA TYR A 477 -45.35 15.04 -28.57
C TYR A 477 -46.06 13.85 -27.94
N GLN A 478 -47.09 14.12 -27.11
CA GLN A 478 -47.78 13.02 -26.45
C GLN A 478 -48.50 12.12 -27.45
N ARG A 479 -49.07 12.71 -28.51
CA ARG A 479 -49.65 11.91 -29.60
C ARG A 479 -48.59 11.00 -30.21
N TYR A 480 -47.42 11.55 -30.53
CA TYR A 480 -46.33 10.76 -31.10
C TYR A 480 -45.93 9.63 -30.16
N HIS A 481 -45.87 9.93 -28.86
CA HIS A 481 -45.44 8.94 -27.88
C HIS A 481 -46.45 7.82 -27.72
N ALA A 482 -47.76 8.14 -27.73
CA ALA A 482 -48.82 7.13 -27.59
C ALA A 482 -48.93 6.23 -28.81
N LEU A 483 -48.48 6.69 -29.98
CA LEU A 483 -48.55 5.86 -31.17
C LEU A 483 -47.64 4.64 -31.08
N TYR A 484 -46.48 4.75 -30.40
CA TYR A 484 -45.56 3.61 -30.42
C TYR A 484 -46.12 2.37 -29.73
N PRO A 485 -46.57 2.42 -28.48
CA PRO A 485 -47.09 1.18 -27.86
C PRO A 485 -48.32 0.63 -28.56
N ALA A 486 -49.14 1.49 -29.16
CA ALA A 486 -50.28 1.01 -29.93
C ALA A 486 -49.83 0.22 -31.15
N LEU A 487 -48.85 0.74 -31.91
CA LEU A 487 -48.40 0.00 -33.07
C LEU A 487 -47.53 -1.19 -32.69
N HIS A 488 -46.75 -1.05 -31.62
CA HIS A 488 -45.88 -2.14 -31.18
C HIS A 488 -46.70 -3.36 -30.79
N ALA A 489 -47.91 -3.17 -30.27
CA ALA A 489 -48.75 -4.29 -29.90
C ALA A 489 -49.14 -5.14 -31.12
N LEU A 490 -49.03 -4.60 -32.32
CA LEU A 490 -49.40 -5.31 -33.53
C LEU A 490 -48.27 -6.13 -34.14
N ASP A 491 -47.05 -6.06 -33.59
CA ASP A 491 -45.88 -6.75 -34.17
C ASP A 491 -45.67 -8.15 -33.61
N HIS B 8 -12.37 8.90 37.90
CA HIS B 8 -12.33 9.19 36.46
C HIS B 8 -13.63 9.74 35.85
N MET B 9 -13.46 10.62 34.87
CA MET B 9 -14.58 11.25 34.19
C MET B 9 -14.31 11.22 32.68
N TYR B 10 -15.38 11.21 31.88
CA TYR B 10 -15.26 11.11 30.41
C TYR B 10 -16.29 12.03 29.76
N LEU B 11 -15.87 12.77 28.73
CA LEU B 11 -16.69 13.80 28.11
C LEU B 11 -17.04 13.43 26.66
N GLY B 12 -18.31 13.61 26.30
CA GLY B 12 -18.78 13.40 24.92
C GLY B 12 -19.30 14.69 24.31
N LEU B 13 -18.93 14.93 23.06
CA LEU B 13 -19.34 16.11 22.31
C LEU B 13 -20.12 15.67 21.09
N ASP B 14 -21.41 16.04 21.02
CA ASP B 14 -22.25 15.80 19.84
C ASP B 14 -22.34 17.10 19.07
N LEU B 15 -21.74 17.13 17.89
CA LEU B 15 -21.78 18.30 17.04
C LEU B 15 -22.97 18.10 16.12
N GLY B 16 -24.12 18.66 16.52
CA GLY B 16 -25.31 18.55 15.74
C GLY B 16 -25.45 19.70 14.77
N THR B 17 -26.53 19.64 14.00
CA THR B 17 -26.78 20.67 13.01
C THR B 17 -27.33 21.95 13.67
N SER B 18 -28.14 21.81 14.73
CA SER B 18 -28.67 22.99 15.40
C SER B 18 -27.85 23.44 16.60
N GLY B 19 -26.93 22.62 17.10
CA GLY B 19 -26.09 23.05 18.22
C GLY B 19 -25.17 21.95 18.68
N VAL B 20 -24.33 22.31 19.66
CA VAL B 20 -23.35 21.41 20.26
C VAL B 20 -23.80 21.13 21.70
N LYS B 21 -23.99 19.85 22.01
CA LYS B 21 -24.32 19.40 23.35
C LYS B 21 -23.09 18.72 23.93
N ALA B 22 -22.78 19.02 25.19
CA ALA B 22 -21.63 18.46 25.89
C ALA B 22 -22.13 17.65 27.09
N LEU B 23 -21.68 16.42 27.22
CA LEU B 23 -22.17 15.52 28.25
C LEU B 23 -21.02 14.87 29.00
N LEU B 24 -21.10 14.91 30.33
CA LEU B 24 -20.07 14.42 31.24
C LEU B 24 -20.57 13.24 32.07
N ILE B 25 -19.79 12.15 32.08
CA ILE B 25 -20.18 10.93 32.79
C ILE B 25 -18.98 10.39 33.56
N ASP B 26 -19.26 9.56 34.57
CA ASP B 26 -18.23 8.94 35.41
C ASP B 26 -17.94 7.52 34.90
N GLU B 27 -17.08 6.81 35.62
CA GLU B 27 -16.68 5.47 35.19
C GLU B 27 -17.85 4.50 35.14
N ALA B 28 -18.93 4.76 35.89
CA ALA B 28 -20.14 3.94 35.88
C ALA B 28 -21.25 4.54 35.04
N GLN B 29 -20.90 5.50 34.17
CA GLN B 29 -21.80 6.06 33.16
C GLN B 29 -23.02 6.75 33.75
N ASN B 30 -22.87 7.31 34.93
CA ASN B 30 -23.92 8.20 35.40
C ASN B 30 -23.59 9.62 34.93
N PRO B 31 -24.53 10.35 34.35
CA PRO B 31 -24.22 11.70 33.88
C PRO B 31 -23.97 12.66 35.02
N VAL B 32 -23.04 13.59 34.80
CA VAL B 32 -22.66 14.56 35.82
C VAL B 32 -22.98 15.99 35.42
N GLY B 33 -23.69 16.18 34.31
CA GLY B 33 -24.12 17.50 33.88
C GLY B 33 -23.96 17.69 32.38
N ALA B 34 -24.63 18.72 31.87
CA ALA B 34 -24.65 18.95 30.43
C ALA B 34 -24.84 20.44 30.12
N ALA B 35 -24.37 20.83 28.94
CA ALA B 35 -24.46 22.19 28.43
C ALA B 35 -24.70 22.17 26.92
N HIS B 36 -25.24 23.27 26.41
CA HIS B 36 -25.58 23.39 25.01
C HIS B 36 -24.95 24.67 24.46
N GLY B 37 -24.59 24.61 23.19
CA GLY B 37 -24.19 25.80 22.47
C GLY B 37 -25.00 25.87 21.20
N GLU B 38 -25.70 26.98 21.00
CA GLU B 38 -26.64 27.08 19.88
C GLU B 38 -25.89 27.31 18.58
N LEU B 39 -26.45 26.78 17.49
CA LEU B 39 -25.87 26.89 16.15
C LEU B 39 -26.93 27.33 15.15
N ASP B 40 -26.49 28.04 14.13
CA ASP B 40 -27.36 28.48 13.05
C ASP B 40 -27.03 27.73 11.77
N VAL B 41 -27.97 27.77 10.84
CA VAL B 41 -27.83 27.18 9.51
C VAL B 41 -27.96 28.31 8.50
N SER B 42 -27.05 28.35 7.53
CA SER B 42 -27.04 29.39 6.52
C SER B 42 -27.61 28.84 5.22
N ARG B 43 -28.53 29.60 4.59
CA ARG B 43 -29.22 29.20 3.37
C ARG B 43 -29.12 30.28 2.30
N PRO B 44 -27.98 30.41 1.62
CA PRO B 44 -27.85 31.50 0.64
C PRO B 44 -28.78 31.34 -0.55
N HIS B 45 -29.00 30.12 -1.01
CA HIS B 45 -29.86 29.84 -2.16
C HIS B 45 -30.79 28.68 -1.87
N PRO B 46 -31.86 28.55 -2.64
CA PRO B 46 -32.76 27.41 -2.44
C PRO B 46 -31.98 26.11 -2.56
N GLY B 47 -32.17 25.24 -1.57
CA GLY B 47 -31.47 23.98 -1.52
C GLY B 47 -30.10 24.03 -0.86
N TRP B 48 -29.56 25.21 -0.57
CA TRP B 48 -28.26 25.34 0.07
C TRP B 48 -28.42 25.33 1.60
N SER B 49 -27.41 24.77 2.28
CA SER B 49 -27.41 24.66 3.73
C SER B 49 -25.95 24.61 4.19
N GLU B 50 -25.46 25.68 4.83
CA GLU B 50 -24.05 25.78 5.21
C GLU B 50 -23.89 26.21 6.66
N GLN B 51 -22.65 26.06 7.13
CA GLN B 51 -22.19 26.47 8.45
C GLN B 51 -20.70 26.79 8.36
N ASP B 52 -20.29 27.90 8.98
CA ASP B 52 -18.86 28.21 9.06
C ASP B 52 -18.23 27.38 10.18
N PRO B 53 -17.19 26.59 9.90
CA PRO B 53 -16.58 25.76 10.96
C PRO B 53 -16.09 26.56 12.16
N ALA B 54 -15.90 27.86 12.03
CA ALA B 54 -15.55 28.65 13.20
C ALA B 54 -16.67 28.63 14.23
N GLN B 55 -17.93 28.63 13.78
CA GLN B 55 -19.04 28.55 14.74
C GLN B 55 -19.05 27.23 15.49
N TRP B 56 -18.65 26.13 14.82
CA TRP B 56 -18.50 24.83 15.51
C TRP B 56 -17.59 24.96 16.73
N ILE B 57 -16.46 25.64 16.56
CA ILE B 57 -15.51 25.80 17.65
C ILE B 57 -16.10 26.70 18.73
N LYS B 58 -16.65 27.85 18.33
CA LYS B 58 -17.25 28.76 19.31
C LYS B 58 -18.42 28.09 20.03
N ALA B 59 -19.28 27.39 19.28
CA ALA B 59 -20.42 26.72 19.92
C ALA B 59 -19.95 25.60 20.84
N CYS B 60 -18.93 24.83 20.40
CA CYS B 60 -18.35 23.79 21.25
C CYS B 60 -17.59 24.39 22.43
N ARG B 61 -16.81 25.45 22.19
CA ARG B 61 -16.12 26.13 23.28
C ARG B 61 -17.11 26.71 24.27
N THR B 62 -18.25 27.20 23.78
CA THR B 62 -19.29 27.74 24.66
C THR B 62 -19.85 26.67 25.58
N ALA B 63 -20.17 25.49 25.03
CA ALA B 63 -20.70 24.42 25.86
C ALA B 63 -19.63 23.83 26.78
N ILE B 64 -18.37 23.82 26.33
CA ILE B 64 -17.28 23.25 27.13
C ILE B 64 -17.04 24.06 28.39
N GLU B 65 -16.86 25.38 28.25
CA GLU B 65 -16.60 26.22 29.42
C GLU B 65 -17.82 26.34 30.31
N ALA B 66 -19.03 26.36 29.72
CA ALA B 66 -20.25 26.35 30.53
C ALA B 66 -20.35 25.12 31.41
N LEU B 67 -19.83 23.98 30.94
CA LEU B 67 -19.73 22.80 31.80
C LEU B 67 -18.70 23.03 32.89
N ARG B 68 -17.56 23.64 32.54
CA ARG B 68 -16.49 23.88 33.51
C ARG B 68 -16.98 24.77 34.65
N ALA B 69 -17.79 25.78 34.34
CA ALA B 69 -18.33 26.65 35.39
C ALA B 69 -19.49 26.01 36.13
N ALA B 70 -20.10 24.96 35.55
CA ALA B 70 -21.21 24.27 36.20
C ALA B 70 -20.78 23.04 36.98
N HIS B 71 -19.69 22.38 36.59
CA HIS B 71 -19.18 21.21 37.31
C HIS B 71 -17.66 21.23 37.28
N PRO B 72 -17.03 22.19 37.97
CA PRO B 72 -15.57 22.33 37.82
C PRO B 72 -14.76 21.15 38.33
N LYS B 73 -15.11 20.59 39.50
CA LYS B 73 -14.33 19.49 40.04
C LYS B 73 -14.41 18.25 39.15
N GLU B 74 -15.60 17.97 38.60
CA GLU B 74 -15.73 16.86 37.67
C GLU B 74 -15.09 17.18 36.30
N PHE B 75 -15.20 18.44 35.86
CA PHE B 75 -14.69 18.82 34.53
C PHE B 75 -13.18 18.64 34.43
N SER B 76 -12.46 18.95 35.50
CA SER B 76 -11.01 18.82 35.52
C SER B 76 -10.54 17.36 35.53
N ALA B 77 -11.43 16.41 35.83
CA ALA B 77 -11.10 14.99 35.95
C ALA B 77 -11.37 14.20 34.67
N ILE B 78 -11.54 14.87 33.53
CA ILE B 78 -11.83 14.19 32.27
C ILE B 78 -10.58 13.50 31.72
N THR B 79 -10.67 12.19 31.46
CA THR B 79 -9.57 11.40 30.94
C THR B 79 -9.75 11.04 29.48
N GLY B 80 -10.98 10.91 29.01
CA GLY B 80 -11.24 10.63 27.61
C GLY B 80 -12.30 11.56 27.04
N ILE B 81 -12.19 11.79 25.74
CA ILE B 81 -13.12 12.63 24.99
C ILE B 81 -13.66 11.82 23.81
N GLY B 82 -14.98 11.83 23.66
CA GLY B 82 -15.64 11.20 22.52
C GLY B 82 -16.28 12.26 21.65
N LEU B 83 -16.20 12.07 20.34
CA LEU B 83 -16.74 13.00 19.36
C LEU B 83 -17.92 12.36 18.65
N SER B 84 -18.90 13.21 18.31
CA SER B 84 -20.04 12.83 17.48
C SER B 84 -20.42 14.03 16.63
N GLY B 85 -20.91 13.77 15.42
CA GLY B 85 -21.25 14.87 14.53
C GLY B 85 -22.37 14.54 13.57
N GLN B 86 -23.03 15.60 13.11
CA GLN B 86 -23.92 15.47 11.96
C GLN B 86 -23.14 14.90 10.79
N MET B 87 -23.76 13.95 10.09
CA MET B 87 -23.05 13.21 9.07
C MET B 87 -22.93 14.01 7.79
N HIS B 88 -22.09 13.48 6.89
CA HIS B 88 -21.99 13.83 5.46
C HIS B 88 -21.39 15.20 5.13
N GLY B 89 -21.34 16.15 6.07
CA GLY B 89 -20.92 17.50 5.73
C GLY B 89 -19.50 17.56 5.18
N ALA B 90 -19.28 18.44 4.19
CA ALA B 90 -18.01 18.55 3.47
C ALA B 90 -17.28 19.82 3.86
N THR B 91 -16.18 19.67 4.59
CA THR B 91 -15.32 20.78 5.02
C THR B 91 -14.03 20.71 4.21
N LEU B 92 -13.80 21.69 3.34
CA LEU B 92 -12.64 21.69 2.46
C LEU B 92 -11.51 22.49 3.12
N LEU B 93 -10.36 21.85 3.30
CA LEU B 93 -9.19 22.50 3.88
C LEU B 93 -8.06 22.58 2.86
N ASP B 94 -7.29 23.66 2.97
CA ASP B 94 -6.16 23.91 2.08
C ASP B 94 -4.87 23.38 2.70
N ALA B 95 -3.72 23.81 2.14
CA ALA B 95 -2.43 23.31 2.56
C ALA B 95 -2.06 23.75 3.98
N GLU B 96 -2.59 24.91 4.44
CA GLU B 96 -2.33 25.43 5.77
C GLU B 96 -3.48 25.19 6.74
N ASP B 97 -4.37 24.24 6.45
CA ASP B 97 -5.52 23.88 7.28
C ASP B 97 -6.57 24.99 7.42
N ARG B 98 -6.52 26.02 6.58
CA ARG B 98 -7.55 27.06 6.59
C ARG B 98 -8.81 26.55 5.89
N VAL B 99 -9.97 27.05 6.32
CA VAL B 99 -11.25 26.61 5.77
C VAL B 99 -11.53 27.35 4.45
N LEU B 100 -11.71 26.59 3.36
CA LEU B 100 -11.81 27.19 2.04
C LEU B 100 -13.20 27.77 1.73
N ARG B 101 -14.24 27.12 2.22
CA ARG B 101 -15.63 27.54 2.03
C ARG B 101 -16.44 26.93 3.15
N PRO B 102 -17.61 27.48 3.46
CA PRO B 102 -18.44 26.87 4.51
C PRO B 102 -18.73 25.39 4.24
N CYS B 103 -18.89 24.66 5.33
CA CYS B 103 -19.23 23.25 5.22
C CYS B 103 -20.59 23.07 4.55
N ILE B 104 -20.65 22.14 3.59
CA ILE B 104 -21.86 21.85 2.83
C ILE B 104 -22.55 20.67 3.51
N LEU B 105 -23.65 20.96 4.23
CA LEU B 105 -24.24 20.07 5.23
C LEU B 105 -25.07 18.93 4.62
N TRP B 106 -25.54 18.04 5.52
CA TRP B 106 -26.26 16.83 5.11
C TRP B 106 -27.58 17.13 4.41
N ASN B 107 -28.24 18.24 4.76
CA ASN B 107 -29.52 18.62 4.19
C ASN B 107 -29.37 19.62 3.03
N ASP B 108 -28.18 19.78 2.50
CA ASP B 108 -27.93 20.52 1.27
C ASP B 108 -28.31 19.65 0.07
N THR B 109 -28.97 20.28 -0.94
CA THR B 109 -29.36 19.59 -2.17
C THR B 109 -28.77 20.22 -3.43
N ARG B 110 -27.77 21.11 -3.33
CA ARG B 110 -27.25 21.78 -4.53
C ARG B 110 -26.53 20.84 -5.50
N SER B 111 -26.14 19.63 -5.08
CA SER B 111 -25.33 18.72 -5.91
C SER B 111 -26.16 17.65 -6.60
N TYR B 112 -27.47 17.88 -6.76
CA TYR B 112 -28.36 16.85 -7.27
C TYR B 112 -27.96 16.40 -8.68
N ARG B 113 -27.45 17.32 -9.50
CA ARG B 113 -26.95 16.94 -10.81
C ARG B 113 -25.75 16.01 -10.66
N GLU B 114 -24.79 16.39 -9.85
CA GLU B 114 -23.59 15.60 -9.68
C GLU B 114 -23.91 14.27 -9.01
N ALA B 115 -24.88 14.28 -8.08
CA ALA B 115 -25.31 13.03 -7.44
C ALA B 115 -25.98 12.09 -8.44
N ALA B 116 -26.76 12.64 -9.38
CA ALA B 116 -27.39 11.78 -10.38
C ALA B 116 -26.33 11.12 -11.25
N GLU B 117 -25.28 11.86 -11.59
CA GLU B 117 -24.22 11.33 -12.44
C GLU B 117 -23.45 10.21 -11.75
N LEU B 118 -23.12 10.37 -10.45
CA LEU B 118 -22.38 9.32 -9.76
C LEU B 118 -23.24 8.09 -9.50
N ASP B 119 -24.54 8.31 -9.21
CA ASP B 119 -25.44 7.19 -8.95
C ASP B 119 -25.59 6.27 -10.17
N ALA B 120 -25.51 6.84 -11.36
CA ALA B 120 -25.65 6.04 -12.55
C ALA B 120 -24.41 5.20 -12.85
N ASP B 121 -23.29 5.48 -12.17
CA ASP B 121 -22.06 4.69 -12.26
C ASP B 121 -22.23 3.52 -11.29
N PRO B 122 -22.43 2.31 -11.80
CA PRO B 122 -22.77 1.18 -10.94
C PRO B 122 -21.71 0.86 -9.89
N ALA B 123 -20.53 1.47 -9.98
CA ALA B 123 -19.49 1.25 -8.99
C ALA B 123 -19.88 1.80 -7.63
N PHE B 124 -20.64 2.89 -7.58
CA PHE B 124 -20.90 3.53 -6.30
C PHE B 124 -21.81 2.71 -5.41
N ARG B 125 -22.92 2.18 -5.94
CA ARG B 125 -23.72 1.32 -5.09
C ARG B 125 -23.02 -0.01 -4.85
N ALA B 126 -22.22 -0.47 -5.81
CA ALA B 126 -21.47 -1.71 -5.60
C ALA B 126 -20.43 -1.56 -4.51
N ILE B 127 -19.67 -0.46 -4.52
CA ILE B 127 -18.58 -0.31 -3.56
C ILE B 127 -19.04 0.33 -2.25
N THR B 128 -19.92 1.33 -2.29
CA THR B 128 -20.42 1.96 -1.07
C THR B 128 -21.69 1.31 -0.54
N GLY B 129 -22.45 0.61 -1.38
CA GLY B 129 -23.71 0.05 -0.95
C GLY B 129 -24.83 1.04 -0.70
N ASN B 130 -24.68 2.29 -1.14
CA ASN B 130 -25.67 3.33 -0.90
C ASN B 130 -25.98 4.10 -2.17
N ILE B 131 -27.20 4.60 -2.25
CA ILE B 131 -27.55 5.56 -3.27
C ILE B 131 -26.73 6.83 -3.05
N VAL B 132 -26.33 7.48 -4.13
CA VAL B 132 -25.58 8.74 -4.02
C VAL B 132 -26.59 9.87 -4.04
N PHE B 133 -26.95 10.38 -2.83
CA PHE B 133 -27.81 11.55 -2.65
C PHE B 133 -27.00 12.84 -2.64
N PRO B 134 -27.59 13.97 -3.04
CA PRO B 134 -26.81 15.22 -3.08
C PRO B 134 -26.32 15.67 -1.72
N GLY B 135 -26.92 15.18 -0.63
CA GLY B 135 -26.46 15.51 0.70
C GLY B 135 -25.25 14.72 1.17
N PHE B 136 -24.83 13.73 0.41
CA PHE B 136 -23.59 13.01 0.67
C PHE B 136 -22.38 13.82 0.19
N THR B 137 -21.19 13.38 0.59
CA THR B 137 -19.98 14.17 0.47
C THR B 137 -19.43 14.24 -0.96
N ALA B 138 -19.35 13.08 -1.63
CA ALA B 138 -18.75 13.00 -2.97
C ALA B 138 -19.38 13.94 -4.00
N PRO B 139 -20.71 13.95 -4.22
CA PRO B 139 -21.27 14.86 -5.23
C PRO B 139 -21.01 16.31 -4.90
N LYS B 140 -20.84 16.65 -3.61
CA LYS B 140 -20.51 18.01 -3.23
C LYS B 140 -19.15 18.41 -3.72
N LEU B 141 -18.21 17.47 -3.78
CA LEU B 141 -16.88 17.84 -4.23
C LEU B 141 -16.76 17.88 -5.74
N VAL B 142 -17.56 17.08 -6.46
CA VAL B 142 -17.68 17.29 -7.92
C VAL B 142 -18.34 18.64 -8.21
N TRP B 143 -19.40 18.97 -7.46
CA TRP B 143 -20.04 20.28 -7.59
C TRP B 143 -19.03 21.41 -7.44
N VAL B 144 -18.17 21.30 -6.41
CA VAL B 144 -17.14 22.32 -6.19
C VAL B 144 -16.15 22.36 -7.36
N ALA B 145 -15.78 21.19 -7.89
CA ALA B 145 -14.85 21.17 -9.01
C ALA B 145 -15.40 21.95 -10.21
N ARG B 146 -16.72 21.99 -10.38
CA ARG B 146 -17.31 22.61 -11.56
C ARG B 146 -17.79 24.03 -11.33
N ASN B 147 -18.06 24.42 -10.09
CA ASN B 147 -18.59 25.74 -9.80
C ASN B 147 -17.63 26.63 -9.02
N GLU B 148 -16.73 26.05 -8.22
CA GLU B 148 -15.73 26.79 -7.45
C GLU B 148 -14.35 26.19 -7.72
N ALA B 149 -13.93 26.25 -9.00
CA ALA B 149 -12.75 25.52 -9.45
C ALA B 149 -11.48 25.99 -8.77
N ASP B 150 -11.36 27.31 -8.50
CA ASP B 150 -10.19 27.82 -7.77
C ASP B 150 -10.16 27.23 -6.36
N ILE B 151 -11.31 27.16 -5.69
CA ILE B 151 -11.33 26.50 -4.38
C ILE B 151 -11.01 25.02 -4.54
N PHE B 152 -11.45 24.40 -5.65
CA PHE B 152 -11.17 22.98 -5.84
C PHE B 152 -9.68 22.72 -6.03
N ALA B 153 -8.96 23.61 -6.69
CA ALA B 153 -7.54 23.42 -6.91
C ALA B 153 -6.74 23.43 -5.61
N ARG B 154 -7.25 24.06 -4.56
CA ARG B 154 -6.51 24.24 -3.30
C ARG B 154 -6.86 23.21 -2.24
N ILE B 155 -7.71 22.23 -2.55
CA ILE B 155 -8.11 21.26 -1.53
C ILE B 155 -6.93 20.35 -1.22
N ARG B 156 -6.54 20.33 0.04
CA ARG B 156 -5.53 19.41 0.52
C ARG B 156 -6.08 18.39 1.50
N LYS B 157 -7.25 18.66 2.09
CA LYS B 157 -7.94 17.77 3.01
C LYS B 157 -9.44 18.02 2.93
N VAL B 158 -10.23 16.94 3.01
CA VAL B 158 -11.68 17.00 3.16
C VAL B 158 -12.07 16.26 4.44
N LEU B 159 -12.71 16.95 5.38
CA LEU B 159 -13.07 16.35 6.65
C LEU B 159 -14.58 16.52 6.86
N LEU B 160 -15.16 15.57 7.58
CA LEU B 160 -16.55 15.68 7.99
C LEU B 160 -16.65 16.57 9.22
N PRO B 161 -17.84 17.07 9.57
CA PRO B 161 -17.93 18.06 10.66
C PRO B 161 -17.27 17.63 11.97
N LYS B 162 -17.56 16.43 12.47
CA LYS B 162 -16.97 16.00 13.75
C LYS B 162 -15.46 15.86 13.66
N ASP B 163 -14.94 15.49 12.49
CA ASP B 163 -13.50 15.34 12.33
C ASP B 163 -12.77 16.67 12.21
N TYR B 164 -13.44 17.72 11.72
CA TYR B 164 -12.83 19.05 11.78
C TYR B 164 -12.65 19.48 13.23
N LEU B 165 -13.64 19.17 14.07
CA LEU B 165 -13.50 19.43 15.49
C LEU B 165 -12.29 18.70 16.04
N ARG B 166 -12.01 17.49 15.52
CA ARG B 166 -10.84 16.73 15.95
C ARG B 166 -9.53 17.43 15.61
N LEU B 167 -9.46 18.09 14.45
CA LEU B 167 -8.21 18.75 14.06
C LEU B 167 -7.89 19.88 15.03
N TRP B 168 -8.91 20.60 15.50
CA TRP B 168 -8.71 21.60 16.54
C TRP B 168 -8.24 20.95 17.83
N LEU B 169 -8.85 19.82 18.20
CA LEU B 169 -8.57 19.15 19.46
C LEU B 169 -7.25 18.40 19.44
N THR B 170 -6.93 17.71 18.33
CA THR B 170 -5.78 16.82 18.30
C THR B 170 -4.68 17.26 17.34
N GLY B 171 -5.01 18.08 16.34
CA GLY B 171 -4.01 18.41 15.35
C GLY B 171 -3.77 17.30 14.34
N GLU B 172 -4.63 16.30 14.31
CA GLU B 172 -4.50 15.19 13.36
C GLU B 172 -5.70 15.11 12.43
N TYR B 173 -5.50 14.40 11.32
CA TYR B 173 -6.55 14.17 10.33
C TYR B 173 -7.05 12.74 10.49
N ILE B 174 -8.17 12.57 11.17
CA ILE B 174 -8.71 11.24 11.47
C ILE B 174 -10.23 11.27 11.33
N SER B 175 -10.78 10.17 10.79
CA SER B 175 -12.21 9.92 10.81
C SER B 175 -12.45 8.47 11.22
N ASP B 176 -13.68 8.15 11.56
CA ASP B 176 -14.03 6.79 11.90
C ASP B 176 -14.78 6.14 10.74
N MET B 177 -14.90 4.82 10.82
CA MET B 177 -15.51 4.06 9.73
C MET B 177 -16.97 4.48 9.52
N SER B 178 -17.72 4.77 10.59
CA SER B 178 -19.15 5.02 10.46
C SER B 178 -19.44 6.38 9.82
N ASP B 179 -18.64 7.41 10.14
CA ASP B 179 -18.86 8.72 9.54
C ASP B 179 -18.32 8.76 8.12
N SER B 180 -17.19 8.11 7.87
CA SER B 180 -16.61 8.11 6.54
C SER B 180 -17.33 7.15 5.61
N ALA B 181 -18.11 6.21 6.13
CA ALA B 181 -18.97 5.41 5.28
C ALA B 181 -20.09 6.23 4.62
N GLY B 182 -20.42 7.38 5.18
CA GLY B 182 -21.37 8.30 4.61
C GLY B 182 -20.80 9.29 3.61
N THR B 183 -19.53 9.11 3.17
CA THR B 183 -18.93 10.02 2.20
C THR B 183 -19.11 9.59 0.76
N SER B 184 -19.50 8.34 0.54
CA SER B 184 -19.54 7.64 -0.76
C SER B 184 -18.15 7.47 -1.37
N TRP B 185 -17.09 7.60 -0.59
CA TRP B 185 -15.75 7.20 -1.02
C TRP B 185 -15.27 5.93 -0.34
N LEU B 186 -15.97 5.45 0.68
CA LEU B 186 -15.50 4.31 1.45
C LEU B 186 -15.99 3.01 0.83
N ASP B 187 -15.09 2.03 0.75
CA ASP B 187 -15.51 0.66 0.45
C ASP B 187 -16.08 0.13 1.75
N THR B 188 -17.40 0.28 1.89
CA THR B 188 -18.07 0.02 3.18
C THR B 188 -17.84 -1.42 3.65
N GLY B 189 -17.81 -2.38 2.73
CA GLY B 189 -17.55 -3.74 3.14
C GLY B 189 -16.13 -3.97 3.60
N ALA B 190 -15.17 -3.24 3.01
CA ALA B 190 -13.76 -3.42 3.34
C ALA B 190 -13.27 -2.49 4.45
N ARG B 191 -14.07 -1.51 4.84
CA ARG B 191 -13.68 -0.54 5.87
C ARG B 191 -12.38 0.16 5.48
N ARG B 192 -12.26 0.51 4.20
CA ARG B 192 -11.07 1.14 3.68
C ARG B 192 -11.51 2.16 2.66
N TRP B 193 -10.66 3.14 2.37
CA TRP B 193 -10.96 4.05 1.27
C TRP B 193 -10.90 3.29 -0.05
N SER B 194 -11.71 3.74 -1.00
CA SER B 194 -11.75 3.19 -2.35
C SER B 194 -10.98 4.13 -3.28
N ALA B 195 -9.90 3.63 -3.87
CA ALA B 195 -9.17 4.47 -4.82
C ALA B 195 -10.02 4.79 -6.04
N GLU B 196 -10.74 3.80 -6.56
CA GLU B 196 -11.52 4.00 -7.77
C GLU B 196 -12.53 5.13 -7.60
N LEU B 197 -13.26 5.13 -6.48
CA LEU B 197 -14.29 6.14 -6.26
C LEU B 197 -13.70 7.52 -6.06
N LEU B 198 -12.54 7.60 -5.38
CA LEU B 198 -11.88 8.88 -5.21
C LEU B 198 -11.50 9.47 -6.55
N ALA B 199 -10.88 8.67 -7.41
CA ALA B 199 -10.49 9.15 -8.74
C ALA B 199 -11.69 9.56 -9.56
N LYS B 200 -12.82 8.88 -9.38
CA LYS B 200 -14.01 9.21 -10.16
C LYS B 200 -14.64 10.51 -9.69
N THR B 201 -14.21 11.08 -8.57
CA THR B 201 -14.67 12.39 -8.15
C THR B 201 -13.57 13.45 -8.18
N GLY B 202 -12.34 13.08 -8.60
CA GLY B 202 -11.28 14.04 -8.80
C GLY B 202 -10.36 14.25 -7.62
N LEU B 203 -10.26 13.28 -6.71
CA LEU B 203 -9.47 13.38 -5.50
C LEU B 203 -8.61 12.12 -5.34
N GLY B 204 -7.66 12.19 -4.41
CA GLY B 204 -6.84 11.06 -4.08
C GLY B 204 -6.92 10.76 -2.59
N GLU B 205 -6.35 9.61 -2.21
CA GLU B 205 -6.41 9.20 -0.80
C GLU B 205 -5.63 10.16 0.12
N GLY B 206 -4.65 10.90 -0.41
CA GLY B 206 -3.98 11.87 0.43
C GLY B 206 -4.85 13.05 0.83
N GLN B 207 -5.99 13.26 0.17
CA GLN B 207 -6.88 14.32 0.59
C GLN B 207 -7.90 13.86 1.62
N MET B 208 -7.88 12.50 2.02
CA MET B 208 -8.73 11.92 3.04
C MET B 208 -7.98 11.83 4.35
N PRO B 209 -8.70 11.85 5.47
CA PRO B 209 -8.06 11.57 6.77
C PRO B 209 -7.73 10.09 6.91
N GLN B 210 -6.90 9.77 7.89
CA GLN B 210 -6.65 8.36 8.18
C GLN B 210 -7.83 7.78 8.97
N LEU B 211 -8.11 6.50 8.74
CA LEU B 211 -9.30 5.85 9.27
C LEU B 211 -9.03 5.04 10.53
N VAL B 212 -9.99 5.05 11.43
CA VAL B 212 -9.96 4.28 12.67
C VAL B 212 -11.38 3.80 12.96
N GLU B 213 -11.47 2.82 13.85
CA GLU B 213 -12.76 2.42 14.37
C GLU B 213 -13.16 3.40 15.46
N GLY B 214 -14.48 3.61 15.60
CA GLY B 214 -14.94 4.62 16.53
C GLY B 214 -14.45 4.43 17.95
N SER B 215 -14.28 3.18 18.37
CA SER B 215 -13.90 2.89 19.74
C SER B 215 -12.39 2.88 19.94
N GLU B 216 -11.61 3.21 18.91
CA GLU B 216 -10.16 3.19 19.05
C GLU B 216 -9.62 4.59 19.37
N ALA B 217 -8.40 4.60 19.90
CA ALA B 217 -7.76 5.85 20.28
C ALA B 217 -7.31 6.60 19.02
N ALA B 218 -7.64 7.89 18.94
CA ALA B 218 -7.40 8.63 17.71
C ALA B 218 -6.90 10.04 18.03
N GLY B 219 -5.77 10.11 18.72
CA GLY B 219 -5.18 11.38 19.05
C GLY B 219 -5.27 11.72 20.53
N CYS B 220 -4.49 12.70 20.93
CA CYS B 220 -4.52 13.25 22.27
C CYS B 220 -4.86 14.73 22.19
N LEU B 221 -5.48 15.25 23.26
CA LEU B 221 -5.83 16.67 23.31
C LEU B 221 -4.57 17.51 23.13
N ARG B 222 -4.65 18.51 22.27
CA ARG B 222 -3.48 19.33 22.01
C ARG B 222 -2.99 19.96 23.30
N ALA B 223 -1.66 20.10 23.41
CA ALA B 223 -1.09 20.64 24.64
C ALA B 223 -1.68 22.02 24.96
N GLU B 224 -1.84 22.87 23.94
CA GLU B 224 -2.40 24.19 24.16
C GLU B 224 -3.83 24.12 24.68
N LEU B 225 -4.66 23.27 24.06
CA LEU B 225 -6.05 23.11 24.47
C LEU B 225 -6.21 22.16 25.66
N VAL B 235 -4.50 12.61 27.92
CA VAL B 235 -5.91 12.63 27.48
C VAL B 235 -6.13 12.12 26.03
N ILE B 236 -6.78 10.96 25.90
CA ILE B 236 -7.08 10.35 24.62
C ILE B 236 -8.39 10.87 24.06
N VAL B 237 -8.41 11.15 22.76
CA VAL B 237 -9.64 11.48 22.02
C VAL B 237 -9.96 10.28 21.15
N ALA B 238 -11.19 9.79 21.24
CA ALA B 238 -11.58 8.58 20.54
C ALA B 238 -11.89 8.85 19.06
N GLY B 239 -11.99 7.76 18.29
CA GLY B 239 -12.36 7.88 16.89
C GLY B 239 -13.73 8.53 16.72
N GLY B 240 -14.67 8.20 17.59
CA GLY B 240 -15.99 8.80 17.53
C GLY B 240 -16.92 8.08 16.57
N ALA B 241 -17.98 8.79 16.17
CA ALA B 241 -18.97 8.23 15.26
C ALA B 241 -19.83 9.35 14.70
N GLY B 242 -20.54 9.03 13.60
CA GLY B 242 -21.62 9.87 13.12
C GLY B 242 -22.82 9.80 14.06
N ASP B 243 -23.74 10.76 13.89
CA ASP B 243 -24.79 10.93 14.91
C ASP B 243 -25.62 9.66 15.08
N ASN B 244 -25.95 8.98 13.98
CA ASN B 244 -26.75 7.77 14.06
C ASN B 244 -26.01 6.65 14.78
N ALA B 245 -24.80 6.33 14.34
CA ALA B 245 -24.04 5.28 14.98
C ALA B 245 -23.71 5.64 16.44
N ALA B 246 -23.43 6.92 16.70
CA ALA B 246 -23.20 7.34 18.09
C ALA B 246 -24.47 7.19 18.92
N SER B 247 -25.62 7.57 18.35
CA SER B 247 -26.89 7.41 19.06
C SER B 247 -27.18 5.95 19.40
N ALA B 248 -26.93 5.04 18.46
CA ALA B 248 -27.16 3.61 18.72
C ALA B 248 -26.26 3.08 19.84
N CYS B 249 -25.06 3.64 19.96
CA CYS B 249 -24.22 3.33 21.11
C CYS B 249 -24.86 3.82 22.40
N GLY B 250 -25.57 4.95 22.33
CA GLY B 250 -26.29 5.43 23.49
C GLY B 250 -27.45 4.55 23.88
N MET B 251 -28.08 3.90 22.91
CA MET B 251 -29.26 3.08 23.18
C MET B 251 -28.92 1.62 23.45
N GLY B 252 -27.66 1.23 23.26
CA GLY B 252 -27.27 -0.16 23.36
C GLY B 252 -27.48 -0.96 22.10
N THR B 253 -27.71 -0.29 20.97
CA THR B 253 -27.99 -0.96 19.69
C THR B 253 -26.69 -1.13 18.89
N VAL B 254 -25.88 -2.08 19.36
CA VAL B 254 -24.56 -2.30 18.79
C VAL B 254 -24.39 -3.78 18.47
N LYS B 255 -25.36 -4.64 18.98
CA LYS B 255 -25.22 -6.05 18.65
C LYS B 255 -26.09 -6.43 17.44
N PRO B 256 -25.69 -7.45 16.70
CA PRO B 256 -26.50 -7.89 15.54
C PRO B 256 -27.94 -8.22 15.92
N GLY B 257 -28.87 -7.77 15.08
CA GLY B 257 -30.28 -8.01 15.30
C GLY B 257 -30.94 -7.03 16.23
N HIS B 258 -30.16 -6.18 16.90
CA HIS B 258 -30.70 -5.11 17.73
C HIS B 258 -31.11 -3.92 16.86
N ALA B 259 -32.26 -3.35 17.16
CA ALA B 259 -32.81 -2.30 16.33
C ALA B 259 -33.51 -1.26 17.19
N PHE B 260 -33.46 -0.02 16.73
CA PHE B 260 -34.30 1.02 17.28
C PHE B 260 -35.04 1.67 16.12
N VAL B 261 -36.24 2.16 16.39
CA VAL B 261 -37.00 2.94 15.42
C VAL B 261 -37.21 4.33 16.02
N SER B 262 -36.92 5.36 15.23
CA SER B 262 -36.99 6.74 15.70
C SER B 262 -38.18 7.45 15.05
N LEU B 263 -39.19 7.76 15.86
CA LEU B 263 -40.37 8.46 15.36
C LEU B 263 -40.19 9.97 15.49
N GLY B 264 -39.14 10.47 14.84
CA GLY B 264 -38.86 11.88 14.77
C GLY B 264 -39.54 12.54 13.59
N THR B 265 -39.09 13.76 13.26
CA THR B 265 -39.61 14.44 12.07
C THR B 265 -39.57 13.52 10.86
N SER B 266 -38.43 12.90 10.63
CA SER B 266 -38.29 11.83 9.67
C SER B 266 -38.13 10.52 10.43
N GLY B 267 -38.67 9.45 9.88
CA GLY B 267 -38.50 8.14 10.49
C GLY B 267 -37.18 7.50 10.10
N VAL B 268 -36.56 6.83 11.06
CA VAL B 268 -35.35 6.03 10.84
C VAL B 268 -35.52 4.68 11.53
N LEU B 269 -35.23 3.60 10.79
CA LEU B 269 -35.16 2.25 11.35
C LEU B 269 -33.71 1.80 11.26
N PHE B 270 -33.08 1.60 12.41
CA PHE B 270 -31.65 1.37 12.53
C PHE B 270 -31.40 -0.06 13.02
N ALA B 271 -30.68 -0.85 12.23
CA ALA B 271 -30.35 -2.22 12.62
C ALA B 271 -28.85 -2.42 12.57
N ALA B 272 -28.29 -2.91 13.67
CA ALA B 272 -26.86 -3.27 13.73
C ALA B 272 -26.61 -4.65 13.11
N ASN B 273 -25.53 -4.77 12.36
CA ASN B 273 -25.26 -5.99 11.63
C ASN B 273 -23.89 -6.55 11.99
N GLY B 274 -23.79 -7.89 11.97
CA GLY B 274 -22.50 -8.56 12.12
C GLY B 274 -21.66 -8.62 10.86
N ALA B 275 -22.26 -8.29 9.73
CA ALA B 275 -21.54 -8.22 8.47
C ALA B 275 -22.15 -7.09 7.67
N TYR B 276 -21.46 -6.73 6.59
CA TYR B 276 -21.91 -5.68 5.68
C TYR B 276 -23.08 -6.22 4.86
N GLN B 277 -24.23 -5.57 4.97
CA GLN B 277 -25.48 -6.07 4.40
C GLN B 277 -26.19 -4.95 3.63
N PRO B 278 -25.68 -4.58 2.46
CA PRO B 278 -26.27 -3.49 1.70
C PRO B 278 -27.54 -3.93 0.98
N LYS B 279 -28.36 -2.94 0.66
CA LYS B 279 -29.55 -3.12 -0.17
C LYS B 279 -29.93 -1.81 -0.86
N PRO B 280 -29.07 -1.26 -1.72
CA PRO B 280 -29.39 0.04 -2.34
C PRO B 280 -30.58 -0.02 -3.30
N GLU B 281 -30.89 -1.19 -3.87
CA GLU B 281 -32.03 -1.31 -4.76
C GLU B 281 -33.35 -1.02 -4.05
N SER B 282 -33.44 -1.33 -2.74
CA SER B 282 -34.59 -0.98 -1.91
C SER B 282 -34.34 0.29 -1.09
N ALA B 283 -33.32 1.06 -1.46
CA ALA B 283 -33.03 2.38 -0.89
C ALA B 283 -32.79 2.35 0.62
N VAL B 284 -32.20 1.24 1.14
CA VAL B 284 -31.80 1.20 2.54
C VAL B 284 -30.33 1.59 2.59
N HIS B 285 -29.96 2.32 3.64
CA HIS B 285 -28.59 2.74 3.89
C HIS B 285 -27.83 1.67 4.67
N ALA B 286 -26.56 1.48 4.30
CA ALA B 286 -25.68 0.52 4.92
C ALA B 286 -24.36 1.21 5.21
N PHE B 287 -24.00 1.29 6.48
CA PHE B 287 -22.78 1.95 6.89
C PHE B 287 -22.01 1.08 7.88
N CYS B 288 -20.72 1.35 8.02
CA CYS B 288 -20.00 0.81 9.15
C CYS B 288 -20.53 1.43 10.43
N HIS B 289 -20.46 0.66 11.53
CA HIS B 289 -20.78 1.13 12.86
C HIS B 289 -19.52 1.69 13.52
N ALA B 290 -19.67 2.16 14.76
CA ALA B 290 -18.58 2.71 15.55
C ALA B 290 -17.66 1.65 16.18
N LEU B 291 -18.03 0.38 16.14
CA LEU B 291 -17.28 -0.71 16.76
C LEU B 291 -16.61 -1.58 15.68
N PRO B 292 -15.52 -2.27 16.01
CA PRO B 292 -14.86 -3.12 15.02
C PRO B 292 -15.78 -4.23 14.54
N ARG B 293 -15.56 -4.66 13.29
CA ARG B 293 -16.29 -5.80 12.71
C ARG B 293 -17.80 -5.65 12.83
N THR B 294 -18.31 -4.42 12.80
CA THR B 294 -19.72 -4.15 13.05
C THR B 294 -20.24 -3.14 12.03
N TRP B 295 -21.44 -3.38 11.52
CA TRP B 295 -22.06 -2.53 10.51
C TRP B 295 -23.45 -2.16 11.00
N HIS B 296 -24.14 -1.38 10.18
CA HIS B 296 -25.54 -1.10 10.47
C HIS B 296 -26.25 -0.70 9.19
N GLN B 297 -27.56 -0.86 9.24
CA GLN B 297 -28.48 -0.47 8.19
C GLN B 297 -29.35 0.68 8.68
N MET B 298 -29.94 1.38 7.72
CA MET B 298 -30.83 2.49 8.02
C MET B 298 -31.90 2.55 6.95
N GLY B 299 -33.15 2.34 7.35
CA GLY B 299 -34.29 2.62 6.49
C GLY B 299 -34.80 4.00 6.86
N VAL B 300 -35.05 4.82 5.85
CA VAL B 300 -35.44 6.20 6.08
C VAL B 300 -36.86 6.37 5.60
N ILE B 301 -37.72 6.83 6.51
CA ILE B 301 -39.10 7.23 6.21
C ILE B 301 -39.15 8.75 6.24
N LEU B 302 -39.44 9.36 5.09
CA LEU B 302 -39.22 10.81 4.98
C LEU B 302 -40.19 11.62 5.82
N SER B 303 -41.39 11.11 6.11
CA SER B 303 -42.36 11.84 6.93
C SER B 303 -43.00 10.86 7.91
N ALA B 304 -42.62 10.97 9.18
CA ALA B 304 -43.19 10.11 10.19
C ALA B 304 -43.96 11.01 11.13
N ALA B 305 -43.32 11.59 12.17
CA ALA B 305 -44.01 12.52 13.05
C ALA B 305 -44.49 13.74 12.31
N SER B 306 -43.82 14.11 11.21
CA SER B 306 -44.28 15.26 10.44
C SER B 306 -45.61 14.98 9.70
N ALA B 307 -45.94 13.71 9.44
CA ALA B 307 -47.24 13.38 8.89
C ALA B 307 -48.35 13.68 9.90
N LEU B 308 -48.11 13.39 11.17
CA LEU B 308 -49.09 13.75 12.18
C LEU B 308 -49.12 15.27 12.41
N GLU B 309 -47.95 15.93 12.36
CA GLU B 309 -47.93 17.38 12.39
C GLU B 309 -48.72 17.97 11.21
N TRP B 310 -48.51 17.43 9.99
CA TRP B 310 -49.23 17.94 8.83
C TRP B 310 -50.74 17.81 9.02
N TYR B 311 -51.21 16.62 9.40
CA TYR B 311 -52.63 16.42 9.64
C TYR B 311 -53.10 17.27 10.79
N SER B 312 -52.22 17.48 11.78
CA SER B 312 -52.58 18.29 12.95
C SER B 312 -52.88 19.73 12.57
N LYS B 313 -52.07 20.31 11.67
CA LYS B 313 -52.35 21.66 11.19
C LYS B 313 -53.60 21.72 10.32
N ILE B 314 -53.93 20.64 9.59
CA ILE B 314 -55.16 20.65 8.81
C ILE B 314 -56.36 20.81 9.72
N VAL B 315 -56.48 19.93 10.71
CA VAL B 315 -57.67 19.93 11.56
C VAL B 315 -57.60 20.96 12.66
N GLY B 316 -56.50 21.71 12.77
CA GLY B 316 -56.40 22.78 13.73
C GLY B 316 -56.18 22.31 15.15
N ALA B 317 -55.67 21.10 15.33
CA ALA B 317 -55.41 20.53 16.64
C ALA B 317 -53.91 20.37 16.86
N THR B 318 -53.56 19.71 17.94
CA THR B 318 -52.17 19.37 18.14
C THR B 318 -52.01 17.85 18.12
N PRO B 319 -50.83 17.35 17.77
CA PRO B 319 -50.62 15.90 17.83
C PRO B 319 -51.04 15.31 19.16
N GLN B 320 -50.75 16.02 20.25
CA GLN B 320 -51.02 15.52 21.59
C GLN B 320 -52.51 15.43 21.86
N SER B 321 -53.29 16.41 21.39
CA SER B 321 -54.74 16.35 21.60
C SER B 321 -55.37 15.27 20.74
N LEU B 322 -54.91 15.14 19.50
CA LEU B 322 -55.41 14.07 18.63
C LEU B 322 -55.08 12.70 19.21
N ASP B 323 -53.91 12.56 19.83
CA ASP B 323 -53.58 11.29 20.46
C ASP B 323 -54.50 10.98 21.65
N ARG B 324 -54.83 12.00 22.47
CA ARG B 324 -55.77 11.78 23.56
C ARG B 324 -57.15 11.41 23.03
N GLU B 325 -57.54 11.98 21.88
CA GLU B 325 -58.84 11.67 21.30
C GLU B 325 -58.91 10.23 20.81
N LEU B 326 -57.82 9.74 20.20
CA LEU B 326 -57.85 8.37 19.70
C LEU B 326 -57.80 7.35 20.85
N GLY B 327 -57.05 7.66 21.91
CA GLY B 327 -57.00 6.83 23.10
C GLY B 327 -55.72 6.02 23.22
N GLU B 328 -55.70 5.17 24.25
CA GLU B 328 -54.60 4.25 24.48
C GLU B 328 -54.90 2.83 23.98
N THR B 329 -56.16 2.54 23.64
CA THR B 329 -56.60 1.21 23.23
C THR B 329 -56.55 1.09 21.70
N LEU B 330 -55.82 0.09 21.20
CA LEU B 330 -55.66 -0.11 19.76
C LEU B 330 -57.00 -0.49 19.12
N LYS B 331 -57.31 0.15 18.01
CA LYS B 331 -58.54 -0.14 17.28
C LYS B 331 -58.22 -0.89 16.00
N ALA B 332 -59.18 -1.67 15.53
CA ALA B 332 -59.02 -2.39 14.28
C ALA B 332 -59.03 -1.40 13.10
N PRO B 333 -58.18 -1.61 12.10
CA PRO B 333 -58.14 -0.67 10.97
C PRO B 333 -59.48 -0.59 10.26
N GLY B 334 -59.83 0.63 9.82
CA GLY B 334 -61.01 0.87 9.01
C GLY B 334 -60.69 0.94 7.53
N SER B 335 -61.65 1.50 6.76
CA SER B 335 -61.46 1.60 5.31
C SER B 335 -60.52 2.72 4.90
N VAL B 336 -60.25 3.68 5.78
CA VAL B 336 -59.38 4.80 5.44
C VAL B 336 -57.93 4.33 5.52
N THR B 337 -57.18 4.59 4.44
CA THR B 337 -55.78 4.26 4.32
C THR B 337 -55.02 5.55 4.03
N PHE B 338 -53.89 5.74 4.69
CA PHE B 338 -53.08 6.96 4.50
C PHE B 338 -51.67 6.61 4.05
N LEU B 339 -51.27 7.14 2.89
CA LEU B 339 -49.88 7.10 2.42
C LEU B 339 -49.15 8.31 2.97
N PRO B 340 -48.10 8.13 3.75
CA PRO B 340 -47.46 9.30 4.39
C PRO B 340 -46.44 10.01 3.51
N TYR B 341 -46.57 9.89 2.19
CA TYR B 341 -45.51 10.32 1.28
C TYR B 341 -45.57 11.82 0.97
N LEU B 342 -45.76 12.63 2.01
CA LEU B 342 -45.87 14.08 1.83
C LEU B 342 -44.62 14.70 1.21
N SER B 343 -43.49 14.02 1.29
CA SER B 343 -42.22 14.51 0.73
C SER B 343 -41.64 13.55 -0.29
N GLY B 344 -42.46 12.70 -0.88
CA GLY B 344 -41.96 11.56 -1.60
C GLY B 344 -41.66 10.48 -0.58
N GLU B 345 -40.85 9.50 -0.97
CA GLU B 345 -40.39 8.52 -0.02
C GLU B 345 -39.00 8.01 -0.36
N ARG B 346 -38.22 7.72 0.68
CA ARG B 346 -36.92 7.08 0.46
C ARG B 346 -37.07 5.56 0.57
N THR B 347 -36.97 5.00 1.75
CA THR B 347 -37.06 3.54 1.83
C THR B 347 -38.52 3.11 1.76
N PRO B 348 -38.89 2.18 0.86
CA PRO B 348 -38.09 1.37 -0.07
C PRO B 348 -38.12 1.78 -1.53
N TYR B 349 -38.69 2.95 -1.87
CA TYR B 349 -38.95 3.29 -3.26
C TYR B 349 -38.07 4.37 -3.87
N ASN B 350 -37.41 5.22 -3.07
CA ASN B 350 -36.60 6.34 -3.58
C ASN B 350 -37.31 7.10 -4.70
N ASP B 351 -38.45 7.67 -4.34
CA ASP B 351 -39.39 8.26 -5.29
C ASP B 351 -39.65 9.70 -4.87
N ALA B 352 -39.16 10.67 -5.65
CA ALA B 352 -39.37 12.07 -5.32
C ALA B 352 -40.73 12.61 -5.78
N LYS B 353 -41.37 11.95 -6.76
CA LYS B 353 -42.54 12.54 -7.40
C LYS B 353 -43.86 12.16 -6.72
N ILE B 354 -43.92 10.98 -6.09
CA ILE B 354 -45.12 10.51 -5.40
C ILE B 354 -45.45 11.39 -4.19
N ARG B 355 -46.74 11.44 -3.84
CA ARG B 355 -47.21 12.32 -2.78
C ARG B 355 -48.15 11.58 -1.84
N GLY B 356 -48.59 12.27 -0.78
CA GLY B 356 -49.42 11.64 0.22
C GLY B 356 -50.86 11.43 -0.24
N SER B 357 -51.58 10.58 0.49
CA SER B 357 -52.90 10.21 0.03
C SER B 357 -53.74 9.67 1.18
N PHE B 358 -55.03 9.98 1.15
CA PHE B 358 -56.05 9.30 1.93
C PHE B 358 -56.90 8.48 0.97
N CYS B 359 -57.21 7.25 1.34
CA CYS B 359 -58.09 6.45 0.52
C CYS B 359 -59.11 5.76 1.39
N GLY B 360 -60.21 5.34 0.77
CA GLY B 360 -61.30 4.72 1.50
C GLY B 360 -62.14 5.69 2.31
N LEU B 361 -62.10 6.98 1.97
CA LEU B 361 -62.89 7.94 2.73
C LEU B 361 -64.39 7.69 2.58
N GLU B 362 -65.10 7.73 3.71
CA GLU B 362 -66.52 7.47 3.79
C GLU B 362 -67.13 8.56 4.65
N HIS B 363 -68.46 8.71 4.55
CA HIS B 363 -69.13 9.70 5.39
C HIS B 363 -68.90 9.43 6.87
N GLU B 364 -68.80 8.15 7.25
CA GLU B 364 -68.59 7.79 8.64
C GLU B 364 -67.21 8.19 9.18
N ALA B 365 -66.25 8.53 8.31
CA ALA B 365 -64.90 8.83 8.78
C ALA B 365 -64.88 10.19 9.48
N ASP B 366 -64.59 10.19 10.78
CA ASP B 366 -64.51 11.42 11.55
C ASP B 366 -63.03 11.80 11.74
N ARG B 367 -62.80 12.89 12.48
CA ARG B 367 -61.44 13.32 12.75
C ARG B 367 -60.63 12.17 13.35
N SER B 368 -61.23 11.43 14.30
CA SER B 368 -60.55 10.29 14.91
C SER B 368 -60.19 9.22 13.88
N ALA B 369 -61.06 9.01 12.89
CA ALA B 369 -60.85 7.95 11.91
C ALA B 369 -59.62 8.23 11.06
N LEU B 370 -59.38 9.51 10.74
CA LEU B 370 -58.23 9.87 9.91
C LEU B 370 -56.93 9.96 10.72
N THR B 371 -56.99 10.50 11.95
CA THR B 371 -55.85 10.38 12.86
C THR B 371 -55.39 8.93 12.95
N GLN B 372 -56.33 8.02 13.17
CA GLN B 372 -55.99 6.61 13.25
C GLN B 372 -55.26 6.14 12.00
N ALA B 373 -55.73 6.55 10.82
CA ALA B 373 -55.16 6.09 9.57
C ALA B 373 -53.75 6.61 9.35
N VAL B 374 -53.46 7.83 9.81
CA VAL B 374 -52.10 8.36 9.68
C VAL B 374 -51.11 7.51 10.49
N LEU B 375 -51.47 7.15 11.72
CA LEU B 375 -50.58 6.32 12.53
C LEU B 375 -50.45 4.91 11.95
N GLU B 376 -51.57 4.33 11.49
CA GLU B 376 -51.49 3.03 10.83
C GLU B 376 -50.58 3.09 9.61
N GLY B 377 -50.69 4.19 8.86
CA GLY B 377 -49.93 4.31 7.62
C GLY B 377 -48.43 4.43 7.85
N VAL B 378 -48.02 5.23 8.83
CA VAL B 378 -46.60 5.33 9.14
C VAL B 378 -46.07 4.00 9.70
N ALA B 379 -46.91 3.31 10.48
CA ALA B 379 -46.57 1.95 10.90
C ALA B 379 -46.35 1.03 9.72
N PHE B 380 -47.25 1.07 8.71
CA PHE B 380 -47.04 0.26 7.52
C PHE B 380 -45.78 0.69 6.76
N ALA B 381 -45.45 1.98 6.80
CA ALA B 381 -44.19 2.43 6.21
C ALA B 381 -43.01 1.81 6.93
N ILE B 382 -43.05 1.78 8.26
CA ILE B 382 -42.03 1.09 9.03
C ILE B 382 -42.00 -0.39 8.65
N ARG B 383 -43.18 -0.96 8.43
CA ARG B 383 -43.26 -2.36 7.99
C ARG B 383 -42.61 -2.55 6.62
N ASP B 384 -42.80 -1.58 5.71
CA ASP B 384 -42.09 -1.64 4.43
C ASP B 384 -40.58 -1.63 4.64
N ASN B 385 -40.11 -0.85 5.61
CA ASN B 385 -38.68 -0.73 5.90
C ASN B 385 -38.13 -2.02 6.52
N LEU B 386 -38.85 -2.57 7.50
CA LEU B 386 -38.41 -3.82 8.10
C LEU B 386 -38.30 -4.92 7.06
N LEU B 387 -39.25 -4.98 6.11
CA LEU B 387 -39.16 -5.95 5.02
C LEU B 387 -37.93 -5.67 4.15
N ALA B 388 -37.63 -4.38 3.91
CA ALA B 388 -36.46 -4.04 3.11
C ALA B 388 -35.17 -4.44 3.82
N LEU B 389 -35.03 -4.05 5.09
CA LEU B 389 -33.84 -4.41 5.84
C LEU B 389 -33.68 -5.92 5.90
N GLN B 390 -34.77 -6.62 6.17
CA GLN B 390 -34.75 -8.08 6.27
C GLN B 390 -34.39 -8.74 4.95
N SER B 391 -34.67 -8.10 3.82
CA SER B 391 -34.24 -8.67 2.54
C SER B 391 -32.74 -8.60 2.34
N ALA B 392 -32.01 -7.94 3.25
CA ALA B 392 -30.57 -7.84 3.17
C ALA B 392 -29.89 -8.72 4.22
N GLY B 393 -30.58 -9.78 4.69
CA GLY B 393 -29.96 -10.72 5.59
C GLY B 393 -30.14 -10.43 7.06
N THR B 394 -31.12 -9.60 7.41
CA THR B 394 -31.32 -9.11 8.77
C THR B 394 -32.61 -9.68 9.32
N GLU B 395 -32.55 -10.20 10.54
CA GLU B 395 -33.75 -10.49 11.31
C GLU B 395 -33.72 -9.58 12.53
N ILE B 396 -34.74 -8.73 12.69
CA ILE B 396 -34.75 -7.82 13.84
C ILE B 396 -35.31 -8.60 15.01
N THR B 397 -34.48 -8.84 16.04
CA THR B 397 -34.88 -9.65 17.18
C THR B 397 -35.58 -8.80 18.24
N SER B 398 -34.93 -7.75 18.71
CA SER B 398 -35.58 -6.80 19.61
C SER B 398 -35.64 -5.45 18.91
N LEU B 399 -36.71 -4.71 19.15
CA LEU B 399 -36.93 -3.38 18.62
C LEU B 399 -37.22 -2.43 19.77
N THR B 400 -36.53 -1.29 19.79
CA THR B 400 -36.67 -0.27 20.82
C THR B 400 -37.17 1.01 20.17
N ALA B 401 -38.08 1.71 20.85
CA ALA B 401 -38.73 2.87 20.26
C ALA B 401 -38.21 4.15 20.92
N VAL B 402 -37.78 5.11 20.10
CA VAL B 402 -37.30 6.40 20.60
C VAL B 402 -37.91 7.50 19.76
N GLY B 403 -37.59 8.74 20.10
CA GLY B 403 -38.07 9.89 19.36
C GLY B 403 -39.39 10.44 19.87
N GLY B 404 -39.73 11.62 19.35
CA GLY B 404 -40.93 12.31 19.82
C GLY B 404 -42.20 11.52 19.63
N GLY B 405 -42.34 10.89 18.46
CA GLY B 405 -43.57 10.15 18.19
C GLY B 405 -43.83 9.01 19.15
N SER B 406 -42.79 8.50 19.80
CA SER B 406 -42.96 7.39 20.72
C SER B 406 -43.67 7.78 22.01
N ARG B 407 -44.00 9.07 22.21
CA ARG B 407 -44.82 9.47 23.35
C ARG B 407 -46.28 9.08 23.18
N SER B 408 -46.63 8.47 22.03
CA SER B 408 -47.99 8.06 21.71
C SER B 408 -48.19 6.57 22.01
N THR B 409 -49.09 6.27 22.95
CA THR B 409 -49.41 4.88 23.28
C THR B 409 -49.99 4.14 22.08
N TYR B 410 -50.90 4.77 21.33
CA TYR B 410 -51.48 4.12 20.16
C TYR B 410 -50.43 3.81 19.11
N TRP B 411 -49.59 4.80 18.79
CA TRP B 411 -48.61 4.62 17.71
C TRP B 411 -47.70 3.44 17.98
N LEU B 412 -47.30 3.24 19.23
CA LEU B 412 -46.44 2.10 19.54
C LEU B 412 -47.21 0.78 19.37
N LYS B 413 -48.49 0.75 19.81
CA LYS B 413 -49.29 -0.44 19.63
C LYS B 413 -49.53 -0.74 18.15
N ALA B 414 -49.67 0.29 17.31
CA ALA B 414 -49.81 0.07 15.88
C ALA B 414 -48.52 -0.50 15.29
N ILE B 415 -47.36 0.05 15.67
CA ILE B 415 -46.10 -0.46 15.14
C ILE B 415 -45.85 -1.87 15.64
N ALA B 416 -46.22 -2.16 16.89
CA ALA B 416 -46.02 -3.51 17.40
C ALA B 416 -46.86 -4.52 16.60
N THR B 417 -48.14 -4.19 16.37
CA THR B 417 -49.02 -5.08 15.61
C THR B 417 -48.69 -5.06 14.11
N ALA B 418 -48.18 -3.95 13.57
CA ALA B 418 -47.82 -3.95 12.16
C ALA B 418 -46.62 -4.85 11.90
N LEU B 419 -45.63 -4.82 12.81
CA LEU B 419 -44.43 -5.62 12.67
C LEU B 419 -44.54 -6.98 13.34
N ASN B 420 -45.49 -7.13 14.26
CA ASN B 420 -45.57 -8.30 15.12
C ASN B 420 -44.24 -8.56 15.81
N VAL B 421 -43.61 -7.49 16.30
CA VAL B 421 -42.49 -7.62 17.22
C VAL B 421 -42.81 -6.78 18.45
N PRO B 422 -42.48 -7.26 19.65
CA PRO B 422 -42.57 -6.38 20.82
C PRO B 422 -41.70 -5.17 20.62
N ILE B 423 -42.14 -4.05 21.15
CA ILE B 423 -41.40 -2.80 21.07
C ILE B 423 -41.09 -2.39 22.50
N ALA B 424 -39.82 -2.15 22.78
CA ALA B 424 -39.39 -1.72 24.10
C ALA B 424 -39.31 -0.20 24.13
N LEU B 425 -39.96 0.39 25.13
CA LEU B 425 -39.93 1.82 25.33
C LEU B 425 -38.93 2.14 26.43
N PRO B 426 -37.85 2.86 26.17
CA PRO B 426 -36.83 3.05 27.20
C PRO B 426 -37.35 3.91 28.35
N GLU B 427 -36.73 3.77 29.51
CA GLU B 427 -36.99 4.67 30.61
C GLU B 427 -36.62 6.10 30.22
N GLU B 428 -37.19 7.06 30.95
CA GLU B 428 -36.87 8.44 30.68
C GLU B 428 -35.41 8.69 31.06
N GLY B 429 -34.71 9.43 30.21
CA GLY B 429 -33.31 9.73 30.44
C GLY B 429 -32.67 10.19 29.15
N ASP B 430 -31.35 10.35 29.21
CA ASP B 430 -30.55 10.82 28.07
C ASP B 430 -29.63 9.68 27.60
N PHE B 431 -30.07 8.95 26.59
CA PHE B 431 -29.33 7.87 25.97
C PHE B 431 -29.11 8.15 24.48
N GLY B 432 -28.88 9.42 24.14
CA GLY B 432 -28.75 9.84 22.76
C GLY B 432 -27.31 9.88 22.24
N ALA B 433 -27.13 10.69 21.19
CA ALA B 433 -25.84 10.75 20.50
C ALA B 433 -24.73 11.30 21.41
N ALA B 434 -25.05 12.29 22.24
CA ALA B 434 -24.03 12.85 23.12
C ALA B 434 -23.57 11.84 24.18
N PHE B 435 -24.50 11.03 24.69
CA PHE B 435 -24.13 9.98 25.64
C PHE B 435 -23.36 8.86 24.96
N GLY B 436 -23.75 8.53 23.71
CA GLY B 436 -22.98 7.56 22.95
C GLY B 436 -21.55 8.02 22.69
N ALA B 437 -21.38 9.31 22.40
CA ALA B 437 -20.03 9.85 22.29
C ALA B 437 -19.27 9.70 23.60
N ALA B 438 -19.93 10.02 24.72
CA ALA B 438 -19.29 9.86 26.03
C ALA B 438 -18.87 8.41 26.26
N ARG B 439 -19.74 7.46 25.91
CA ARG B 439 -19.38 6.05 26.03
C ARG B 439 -18.15 5.73 25.18
N LEU B 440 -18.07 6.25 23.95
CA LEU B 440 -16.93 5.97 23.09
C LEU B 440 -15.63 6.60 23.60
N GLY B 441 -15.70 7.77 24.22
CA GLY B 441 -14.51 8.32 24.86
C GLY B 441 -14.05 7.47 26.02
N LEU B 442 -15.00 6.97 26.82
CA LEU B 442 -14.65 6.07 27.92
C LEU B 442 -14.10 4.76 27.39
N ILE B 443 -14.62 4.27 26.26
CA ILE B 443 -14.14 3.00 25.73
C ILE B 443 -12.70 3.11 25.23
N ALA B 444 -12.36 4.19 24.52
CA ALA B 444 -11.00 4.33 24.02
C ALA B 444 -10.00 4.64 25.13
N ALA B 445 -10.44 5.36 26.16
CA ALA B 445 -9.55 5.76 27.24
C ALA B 445 -9.21 4.58 28.15
N THR B 446 -10.17 3.70 28.41
CA THR B 446 -9.99 2.53 29.26
C THR B 446 -9.69 1.24 28.52
N GLY B 447 -10.00 1.16 27.23
CA GLY B 447 -9.83 -0.07 26.49
C GLY B 447 -10.77 -1.19 26.88
N ALA B 448 -11.89 -0.87 27.56
CA ALA B 448 -12.85 -1.87 27.98
C ALA B 448 -13.63 -2.43 26.79
N ASP B 449 -14.17 -3.63 26.98
CA ASP B 449 -14.95 -4.27 25.94
C ASP B 449 -16.16 -3.40 25.59
N PRO B 450 -16.32 -3.01 24.33
CA PRO B 450 -17.42 -2.08 24.00
C PRO B 450 -18.78 -2.67 24.30
N PHE B 451 -18.91 -3.99 24.35
CA PHE B 451 -20.21 -4.59 24.65
C PHE B 451 -20.56 -4.51 26.13
N THR B 452 -19.57 -4.38 27.02
CA THR B 452 -19.90 -4.17 28.42
C THR B 452 -20.25 -2.73 28.71
N ILE B 453 -19.91 -1.82 27.78
CA ILE B 453 -20.21 -0.41 27.92
C ILE B 453 -21.50 -0.02 27.19
N CYS B 454 -21.66 -0.43 25.92
CA CYS B 454 -22.80 0.03 25.12
C CYS B 454 -24.01 -0.86 25.38
N THR B 455 -24.53 -0.74 26.56
CA THR B 455 -25.67 -1.51 26.99
C THR B 455 -26.97 -0.75 26.83
N PRO B 456 -28.09 -1.47 26.63
CA PRO B 456 -29.38 -0.80 26.57
C PRO B 456 -29.82 -0.30 27.92
N PRO B 457 -30.65 0.75 27.97
CA PRO B 457 -31.21 1.24 29.23
C PRO B 457 -32.35 0.35 29.74
N GLN B 458 -32.76 0.62 30.97
CA GLN B 458 -33.87 -0.12 31.56
C GLN B 458 -35.16 0.21 30.80
N THR B 459 -35.97 -0.81 30.53
CA THR B 459 -37.19 -0.65 29.75
C THR B 459 -38.36 -0.21 30.63
N ALA B 460 -38.99 0.90 30.26
CA ALA B 460 -40.13 1.39 31.04
C ALA B 460 -41.36 0.54 30.79
N ARG B 461 -41.78 0.43 29.54
CA ARG B 461 -42.89 -0.41 29.15
C ARG B 461 -42.46 -1.25 27.96
N THR B 462 -43.06 -2.43 27.83
CA THR B 462 -42.88 -3.29 26.67
C THR B 462 -44.24 -3.41 25.99
N ILE B 463 -44.29 -3.04 24.71
CA ILE B 463 -45.54 -2.97 23.97
C ILE B 463 -45.73 -4.29 23.23
N GLU B 464 -46.78 -5.08 23.64
CA GLU B 464 -46.89 -6.32 22.88
C GLU B 464 -47.78 -6.10 21.66
N PRO B 465 -47.56 -6.86 20.59
CA PRO B 465 -48.49 -6.77 19.45
C PRO B 465 -49.86 -7.26 19.86
N GLU B 466 -50.90 -6.58 19.38
CA GLU B 466 -52.26 -6.95 19.73
C GLU B 466 -52.65 -8.18 18.91
N GLN B 467 -52.70 -9.35 19.56
CA GLN B 467 -52.89 -10.61 18.86
C GLN B 467 -54.21 -10.69 18.12
N ALA B 468 -55.27 -10.09 18.67
CA ALA B 468 -56.57 -10.16 18.01
C ALA B 468 -56.59 -9.39 16.68
N LEU B 469 -55.76 -8.35 16.55
CA LEU B 469 -55.73 -7.45 15.41
C LEU B 469 -54.60 -7.73 14.39
N LEU B 470 -53.89 -8.87 14.50
CA LEU B 470 -52.78 -9.14 13.58
C LEU B 470 -53.27 -9.32 12.14
N SER B 471 -54.37 -10.05 11.95
CA SER B 471 -54.90 -10.27 10.61
C SER B 471 -55.51 -8.98 10.06
N ALA B 472 -56.25 -8.25 10.89
CA ALA B 472 -56.79 -6.97 10.46
C ALA B 472 -55.66 -6.01 10.07
N TYR B 473 -54.52 -6.10 10.76
CA TYR B 473 -53.36 -5.31 10.36
C TYR B 473 -52.72 -5.85 9.09
N ASP B 474 -52.70 -7.18 8.94
CA ASP B 474 -52.19 -7.77 7.70
C ASP B 474 -53.03 -7.35 6.51
N GLU B 475 -54.36 -7.38 6.64
CA GLU B 475 -55.21 -6.98 5.53
C GLU B 475 -55.02 -5.51 5.17
N ALA B 476 -54.98 -4.64 6.19
CA ALA B 476 -54.87 -3.21 5.91
C ALA B 476 -53.50 -2.85 5.33
N TYR B 477 -52.44 -3.51 5.80
CA TYR B 477 -51.15 -3.29 5.19
C TYR B 477 -51.20 -3.61 3.69
N GLN B 478 -51.89 -4.68 3.32
CA GLN B 478 -51.94 -5.08 1.93
C GLN B 478 -52.65 -4.02 1.08
N ARG B 479 -53.72 -3.43 1.60
CA ARG B 479 -54.30 -2.29 0.93
C ARG B 479 -53.31 -1.14 0.82
N TYR B 480 -52.56 -0.88 1.90
CA TYR B 480 -51.56 0.17 1.85
C TYR B 480 -50.50 -0.13 0.79
N HIS B 481 -50.07 -1.39 0.72
CA HIS B 481 -49.00 -1.78 -0.19
C HIS B 481 -49.43 -1.68 -1.65
N ALA B 482 -50.66 -2.07 -1.94
CA ALA B 482 -51.16 -2.09 -3.31
C ALA B 482 -51.38 -0.68 -3.86
N LEU B 483 -51.56 0.30 -2.97
CA LEU B 483 -51.85 1.66 -3.40
C LEU B 483 -50.66 2.31 -4.11
N TYR B 484 -49.44 2.01 -3.67
CA TYR B 484 -48.28 2.70 -4.23
C TYR B 484 -48.12 2.43 -5.72
N PRO B 485 -48.00 1.18 -6.20
CA PRO B 485 -47.88 0.99 -7.66
C PRO B 485 -49.09 1.50 -8.43
N ALA B 486 -50.27 1.55 -7.81
CA ALA B 486 -51.45 2.11 -8.48
C ALA B 486 -51.28 3.60 -8.75
N LEU B 487 -50.83 4.36 -7.75
CA LEU B 487 -50.63 5.80 -7.90
C LEU B 487 -49.34 6.10 -8.65
N HIS B 488 -48.33 5.24 -8.50
CA HIS B 488 -47.04 5.46 -9.13
C HIS B 488 -47.15 5.47 -10.66
N ALA B 489 -48.07 4.68 -11.22
CA ALA B 489 -48.23 4.68 -12.67
C ALA B 489 -48.72 6.03 -13.19
N LEU B 490 -49.32 6.86 -12.34
CA LEU B 490 -49.83 8.15 -12.76
C LEU B 490 -48.77 9.24 -12.76
N ASP B 491 -47.55 8.93 -12.34
CA ASP B 491 -46.50 9.95 -12.31
C ASP B 491 -45.67 9.90 -13.58
N HIS C 8 12.86 8.23 -28.26
CA HIS C 8 12.77 8.69 -26.88
C HIS C 8 14.12 9.10 -26.27
N MET C 9 14.11 10.16 -25.45
CA MET C 9 15.29 10.75 -24.85
C MET C 9 15.04 11.05 -23.37
N TYR C 10 16.11 11.07 -22.57
CA TYR C 10 15.98 11.25 -21.13
C TYR C 10 17.10 12.17 -20.63
N LEU C 11 16.76 13.15 -19.79
CA LEU C 11 17.65 14.23 -19.41
C LEU C 11 18.01 14.14 -17.92
N GLY C 12 19.29 14.28 -17.62
CA GLY C 12 19.77 14.36 -16.25
C GLY C 12 20.40 15.70 -15.97
N LEU C 13 20.10 16.26 -14.80
CA LEU C 13 20.64 17.54 -14.33
C LEU C 13 21.41 17.29 -13.04
N ASP C 14 22.73 17.48 -13.06
CA ASP C 14 23.55 17.34 -11.86
C ASP C 14 23.89 18.73 -11.32
N LEU C 15 23.34 19.07 -10.16
CA LEU C 15 23.60 20.33 -9.50
C LEU C 15 24.69 20.13 -8.43
N GLY C 16 25.94 20.44 -8.79
CA GLY C 16 27.05 20.34 -7.87
C GLY C 16 27.31 21.64 -7.14
N THR C 17 28.39 21.66 -6.37
CA THR C 17 28.74 22.90 -5.66
C THR C 17 29.33 23.93 -6.62
N SER C 18 30.15 23.48 -7.55
CA SER C 18 30.86 24.38 -8.45
C SER C 18 30.12 24.64 -9.76
N GLY C 19 29.09 23.86 -10.06
CA GLY C 19 28.36 24.14 -11.29
C GLY C 19 27.28 23.12 -11.51
N VAL C 20 26.52 23.36 -12.58
CA VAL C 20 25.40 22.52 -12.98
C VAL C 20 25.73 21.85 -14.31
N LYS C 21 25.74 20.52 -14.31
CA LYS C 21 25.99 19.71 -15.51
C LYS C 21 24.69 19.09 -15.98
N ALA C 22 24.45 19.16 -17.29
CA ALA C 22 23.26 18.65 -17.95
C ALA C 22 23.67 17.53 -18.90
N LEU C 23 22.95 16.41 -18.84
CA LEU C 23 23.28 15.23 -19.62
C LEU C 23 22.05 14.69 -20.35
N LEU C 24 22.19 14.42 -21.66
CA LEU C 24 21.10 13.91 -22.48
C LEU C 24 21.47 12.55 -23.07
N ILE C 25 20.59 11.55 -22.90
CA ILE C 25 20.81 10.19 -23.40
C ILE C 25 19.53 9.66 -24.04
N ASP C 26 19.67 8.58 -24.82
CA ASP C 26 18.56 7.94 -25.53
C ASP C 26 18.04 6.72 -24.76
N GLU C 27 17.09 5.98 -25.36
CA GLU C 27 16.48 4.83 -24.68
C GLU C 27 17.51 3.75 -24.34
N ALA C 28 18.63 3.70 -25.08
CA ALA C 28 19.72 2.76 -24.82
C ALA C 28 20.89 3.44 -24.12
N GLN C 29 20.67 4.64 -23.57
CA GLN C 29 21.63 5.34 -22.73
C GLN C 29 22.90 5.74 -23.47
N ASN C 30 22.81 6.04 -24.77
CA ASN C 30 23.98 6.60 -25.43
C ASN C 30 23.94 8.13 -25.31
N PRO C 31 25.05 8.77 -24.94
CA PRO C 31 25.02 10.22 -24.72
C PRO C 31 24.87 11.04 -26.01
N VAL C 32 24.15 12.15 -25.87
CA VAL C 32 23.91 13.11 -26.95
C VAL C 32 24.37 14.50 -26.50
N GLY C 33 25.57 14.62 -25.96
CA GLY C 33 26.08 15.93 -25.56
C GLY C 33 25.71 16.34 -24.14
N ALA C 34 26.41 17.38 -23.67
CA ALA C 34 26.29 17.88 -22.30
C ALA C 34 26.65 19.35 -22.29
N ALA C 35 26.22 20.04 -21.24
CA ALA C 35 26.50 21.48 -21.10
C ALA C 35 26.71 21.81 -19.62
N HIS C 36 27.43 22.92 -19.39
CA HIS C 36 27.83 23.33 -18.05
C HIS C 36 27.40 24.78 -17.81
N GLY C 37 27.01 25.07 -16.58
CA GLY C 37 26.76 26.43 -16.14
C GLY C 37 27.45 26.67 -14.81
N GLU C 38 28.31 27.69 -14.74
CA GLU C 38 29.19 27.86 -13.58
C GLU C 38 28.43 28.38 -12.37
N LEU C 39 28.92 28.00 -11.18
CA LEU C 39 28.37 28.38 -9.89
C LEU C 39 29.47 28.93 -8.98
N ASP C 40 29.09 29.88 -8.13
CA ASP C 40 30.01 30.46 -7.15
C ASP C 40 29.56 30.06 -5.74
N VAL C 41 30.50 30.13 -4.79
CA VAL C 41 30.28 29.85 -3.38
C VAL C 41 30.73 31.05 -2.54
N SER C 42 29.93 31.43 -1.54
CA SER C 42 30.25 32.56 -0.68
C SER C 42 30.74 32.10 0.69
N ARG C 43 31.81 32.73 1.18
CA ARG C 43 32.37 32.43 2.51
C ARG C 43 32.50 33.74 3.29
N PRO C 44 31.37 34.29 3.75
CA PRO C 44 31.41 35.64 4.37
C PRO C 44 32.14 35.72 5.70
N HIS C 45 32.04 34.69 6.54
CA HIS C 45 32.72 34.63 7.82
C HIS C 45 33.49 33.33 7.85
N PRO C 46 34.47 33.20 8.74
CA PRO C 46 35.24 31.95 8.81
C PRO C 46 34.32 30.76 9.09
N GLY C 47 34.50 29.70 8.29
CA GLY C 47 33.68 28.50 8.40
C GLY C 47 32.39 28.51 7.62
N TRP C 48 32.01 29.63 7.04
CA TRP C 48 30.76 29.73 6.31
C TRP C 48 30.93 29.30 4.86
N SER C 49 29.87 28.72 4.29
CA SER C 49 29.88 28.29 2.88
C SER C 49 28.44 28.33 2.38
N GLU C 50 28.10 29.33 1.56
CA GLU C 50 26.73 29.60 1.15
C GLU C 50 26.60 29.73 -0.37
N GLN C 51 25.35 29.70 -0.82
CA GLN C 51 25.01 29.87 -2.23
C GLN C 51 23.62 30.48 -2.31
N ASP C 52 23.45 31.46 -3.19
CA ASP C 52 22.11 31.99 -3.43
C ASP C 52 21.35 31.01 -4.32
N PRO C 53 20.23 30.45 -3.86
CA PRO C 53 19.50 29.47 -4.68
C PRO C 53 19.04 29.99 -6.05
N ALA C 54 18.96 31.31 -6.26
CA ALA C 54 18.66 31.81 -7.59
C ALA C 54 19.73 31.41 -8.60
N GLN C 55 20.99 31.27 -8.15
CA GLN C 55 22.07 30.86 -9.04
C GLN C 55 21.86 29.43 -9.55
N TRP C 56 21.33 28.54 -8.69
CA TRP C 56 20.94 27.20 -9.12
C TRP C 56 20.01 27.24 -10.34
N ILE C 57 19.02 28.14 -10.30
CA ILE C 57 18.09 28.28 -11.42
C ILE C 57 18.79 28.89 -12.63
N LYS C 58 19.58 29.94 -12.42
CA LYS C 58 20.23 30.61 -13.55
C LYS C 58 21.17 29.67 -14.30
N ALA C 59 21.98 28.89 -13.58
CA ALA C 59 22.92 27.98 -14.24
C ALA C 59 22.22 26.82 -14.92
N CYS C 60 21.17 26.27 -14.27
CA CYS C 60 20.42 25.16 -14.87
C CYS C 60 19.68 25.60 -16.13
N ARG C 61 19.02 26.76 -16.07
CA ARG C 61 18.41 27.31 -17.28
C ARG C 61 19.46 27.58 -18.34
N THR C 62 20.66 27.98 -17.92
CA THR C 62 21.76 28.21 -18.86
C THR C 62 22.18 26.91 -19.55
N ALA C 63 22.41 25.84 -18.78
CA ALA C 63 22.90 24.59 -19.36
C ALA C 63 21.84 23.88 -20.18
N ILE C 64 20.58 23.95 -19.74
CA ILE C 64 19.49 23.30 -20.49
C ILE C 64 19.29 23.96 -21.86
N GLU C 65 19.17 25.29 -21.88
CA GLU C 65 18.95 26.01 -23.15
C GLU C 65 20.18 25.92 -24.04
N ALA C 66 21.39 25.90 -23.44
CA ALA C 66 22.61 25.62 -24.18
C ALA C 66 22.60 24.20 -24.76
N LEU C 67 21.99 23.25 -24.05
CA LEU C 67 21.81 21.91 -24.59
C LEU C 67 20.81 21.90 -25.74
N ARG C 68 19.68 22.61 -25.58
CA ARG C 68 18.65 22.62 -26.61
C ARG C 68 19.18 23.20 -27.92
N ALA C 69 20.03 24.22 -27.83
CA ALA C 69 20.53 24.87 -29.03
C ALA C 69 21.57 24.05 -29.78
N ALA C 70 22.19 23.07 -29.11
CA ALA C 70 23.20 22.21 -29.72
C ALA C 70 22.65 20.89 -30.24
N HIS C 71 21.55 20.41 -29.68
CA HIS C 71 20.91 19.16 -30.12
C HIS C 71 19.40 19.34 -30.08
N PRO C 72 18.85 20.21 -30.94
CA PRO C 72 17.41 20.56 -30.81
C PRO C 72 16.45 19.41 -31.11
N LYS C 73 16.72 18.60 -32.15
CA LYS C 73 15.84 17.49 -32.47
C LYS C 73 15.86 16.42 -31.39
N GLU C 74 17.04 16.14 -30.82
CA GLU C 74 17.13 15.23 -29.68
C GLU C 74 16.53 15.83 -28.41
N PHE C 75 16.64 17.15 -28.25
CA PHE C 75 16.09 17.79 -27.05
C PHE C 75 14.57 17.64 -26.95
N SER C 76 13.85 17.71 -28.09
CA SER C 76 12.39 17.63 -28.08
C SER C 76 11.84 16.26 -27.70
N ALA C 77 12.67 15.21 -27.70
CA ALA C 77 12.24 13.86 -27.38
C ALA C 77 12.46 13.52 -25.91
N ILE C 78 12.69 14.52 -25.06
CA ILE C 78 12.86 14.27 -23.64
C ILE C 78 11.53 13.83 -23.05
N THR C 79 11.52 12.68 -22.41
CA THR C 79 10.34 12.13 -21.74
C THR C 79 10.47 12.18 -20.24
N GLY C 80 11.69 12.07 -19.73
CA GLY C 80 11.91 12.17 -18.29
C GLY C 80 13.10 13.05 -18.00
N ILE C 81 13.06 13.66 -16.83
CA ILE C 81 14.16 14.45 -16.32
C ILE C 81 14.50 13.88 -14.94
N GLY C 82 15.78 13.61 -14.71
CA GLY C 82 16.25 13.14 -13.43
C GLY C 82 17.15 14.18 -12.77
N LEU C 83 17.02 14.31 -11.46
CA LEU C 83 17.75 15.30 -10.67
C LEU C 83 18.75 14.61 -9.76
N SER C 84 19.91 15.25 -9.58
CA SER C 84 20.93 14.87 -8.60
C SER C 84 21.56 16.15 -8.08
N GLY C 85 21.96 16.14 -6.81
CA GLY C 85 22.47 17.35 -6.19
C GLY C 85 23.48 17.10 -5.09
N GLN C 86 24.27 18.14 -4.82
CA GLN C 86 25.08 18.18 -3.61
C GLN C 86 24.19 18.02 -2.38
N MET C 87 24.64 17.17 -1.46
CA MET C 87 23.84 16.78 -0.32
C MET C 87 23.88 17.85 0.77
N HIS C 88 23.04 17.64 1.79
CA HIS C 88 23.12 18.30 3.09
C HIS C 88 22.76 19.78 3.14
N GLY C 89 22.75 20.46 1.99
CA GLY C 89 22.53 21.90 2.02
C GLY C 89 21.16 22.27 2.59
N ALA C 90 21.13 23.37 3.35
CA ALA C 90 19.92 23.83 4.04
C ALA C 90 19.39 25.08 3.33
N THR C 91 18.28 24.92 2.62
CA THR C 91 17.63 26.02 1.92
C THR C 91 16.28 26.29 2.60
N LEU C 92 16.15 27.47 3.21
CA LEU C 92 14.97 27.82 4.00
C LEU C 92 13.98 28.66 3.18
N LEU C 93 12.74 28.18 3.07
CA LEU C 93 11.69 28.87 2.34
C LEU C 93 10.57 29.28 3.31
N ASP C 94 9.92 30.41 3.02
CA ASP C 94 8.79 30.89 3.82
C ASP C 94 7.45 30.43 3.22
N ALA C 95 6.36 31.06 3.64
CA ALA C 95 5.05 30.67 3.13
C ALA C 95 4.89 30.98 1.64
N GLU C 96 5.60 31.98 1.13
CA GLU C 96 5.53 32.36 -0.27
C GLU C 96 6.70 31.81 -1.07
N ASP C 97 7.33 30.74 -0.57
CA ASP C 97 8.44 30.05 -1.22
C ASP C 97 9.66 30.95 -1.39
N ARG C 98 9.66 32.12 -0.77
CA ARG C 98 10.78 33.03 -0.90
C ARG C 98 11.95 32.53 -0.06
N VAL C 99 13.15 32.75 -0.57
CA VAL C 99 14.37 32.25 0.06
C VAL C 99 14.77 33.20 1.19
N LEU C 100 14.81 32.69 2.43
CA LEU C 100 15.07 33.56 3.58
C LEU C 100 16.54 33.88 3.79
N ARG C 101 17.44 32.97 3.44
CA ARG C 101 18.87 33.19 3.60
C ARG C 101 19.59 32.27 2.63
N PRO C 102 20.84 32.60 2.27
CA PRO C 102 21.58 31.73 1.36
C PRO C 102 21.62 30.30 1.88
N CYS C 103 21.63 29.35 0.95
CA CYS C 103 21.69 27.95 1.33
C CYS C 103 23.01 27.66 2.05
N ILE C 104 22.94 26.94 3.16
CA ILE C 104 24.12 26.61 3.96
C ILE C 104 24.60 25.23 3.52
N LEU C 105 25.73 25.20 2.79
CA LEU C 105 26.16 24.01 2.05
C LEU C 105 26.78 22.96 2.96
N TRP C 106 27.13 21.82 2.36
CA TRP C 106 27.69 20.67 3.07
C TRP C 106 29.08 20.94 3.66
N ASN C 107 29.86 21.82 3.05
CA ASN C 107 31.20 22.15 3.54
C ASN C 107 31.20 23.37 4.46
N ASP C 108 30.02 23.81 4.90
CA ASP C 108 29.90 24.82 5.93
C ASP C 108 30.06 24.13 7.28
N THR C 109 30.85 24.72 8.18
CA THR C 109 31.07 24.14 9.51
C THR C 109 30.70 25.09 10.63
N ARG C 110 29.86 26.09 10.36
CA ARG C 110 29.53 27.08 11.37
C ARG C 110 28.79 26.48 12.57
N SER C 111 28.25 25.25 12.44
CA SER C 111 27.41 24.63 13.45
C SER C 111 28.13 23.64 14.36
N TYR C 112 29.45 23.80 14.55
CA TYR C 112 30.21 22.78 15.29
C TYR C 112 29.67 22.57 16.70
N ARG C 113 29.22 23.66 17.35
CA ARG C 113 28.61 23.51 18.67
C ARG C 113 27.31 22.71 18.58
N GLU C 114 26.43 23.12 17.67
CA GLU C 114 25.12 22.49 17.54
C GLU C 114 25.23 21.02 17.10
N ALA C 115 26.17 20.70 16.20
CA ALA C 115 26.35 19.29 15.82
C ALA C 115 26.84 18.45 17.00
N ALA C 116 27.66 19.03 17.89
CA ALA C 116 28.13 18.28 19.04
C ALA C 116 26.99 17.96 20.00
N GLU C 117 26.07 18.91 20.20
CA GLU C 117 24.98 18.66 21.15
C GLU C 117 24.11 17.53 20.65
N LEU C 118 23.78 17.56 19.35
CA LEU C 118 22.92 16.55 18.76
C LEU C 118 23.63 15.21 18.69
N ASP C 119 24.92 15.20 18.35
CA ASP C 119 25.67 13.96 18.26
C ASP C 119 25.71 13.24 19.61
N ALA C 120 25.63 13.99 20.72
CA ALA C 120 25.71 13.39 22.04
C ALA C 120 24.43 12.70 22.48
N ASP C 121 23.30 12.95 21.80
CA ASP C 121 22.04 12.27 22.07
C ASP C 121 22.02 10.95 21.31
N PRO C 122 22.05 9.81 22.00
CA PRO C 122 22.18 8.53 21.29
C PRO C 122 21.10 8.29 20.23
N ALA C 123 20.03 9.10 20.24
CA ALA C 123 18.95 8.92 19.29
C ALA C 123 19.38 9.21 17.87
N PHE C 124 20.30 10.16 17.67
CA PHE C 124 20.71 10.51 16.33
C PHE C 124 21.46 9.37 15.66
N ARG C 125 22.36 8.70 16.39
CA ARG C 125 22.98 7.51 15.82
C ARG C 125 22.02 6.35 15.72
N ALA C 126 21.09 6.26 16.66
CA ALA C 126 20.10 5.20 16.61
C ALA C 126 19.15 5.37 15.43
N ILE C 127 18.68 6.60 15.19
CA ILE C 127 17.62 6.79 14.21
C ILE C 127 18.15 7.04 12.80
N THR C 128 19.18 7.89 12.65
CA THR C 128 19.75 8.16 11.34
C THR C 128 20.92 7.24 10.99
N GLY C 129 21.56 6.60 11.98
CA GLY C 129 22.71 5.76 11.70
C GLY C 129 23.98 6.50 11.34
N ASN C 130 24.03 7.80 11.59
CA ASN C 130 25.18 8.61 11.19
C ASN C 130 25.61 9.49 12.34
N ILE C 131 26.90 9.85 12.32
CA ILE C 131 27.42 10.92 13.17
C ILE C 131 26.82 12.23 12.69
N VAL C 132 26.54 13.13 13.62
CA VAL C 132 25.98 14.44 13.25
C VAL C 132 27.18 15.37 13.07
N PHE C 133 27.62 15.50 11.85
CA PHE C 133 28.66 16.45 11.51
C PHE C 133 27.99 17.79 11.22
N PRO C 134 28.68 18.92 11.39
CA PRO C 134 28.03 20.24 11.19
C PRO C 134 27.57 20.51 9.76
N GLY C 135 28.05 19.77 8.76
CA GLY C 135 27.56 19.96 7.42
C GLY C 135 26.25 19.27 7.11
N PHE C 136 25.75 18.44 8.03
CA PHE C 136 24.43 17.86 7.83
C PHE C 136 23.37 18.92 8.13
N THR C 137 22.15 18.66 7.70
CA THR C 137 21.12 19.70 7.64
C THR C 137 20.58 20.04 9.01
N ALA C 138 20.33 19.02 9.85
CA ALA C 138 19.70 19.26 11.15
C ALA C 138 20.46 20.26 12.02
N PRO C 139 21.76 20.11 12.29
CA PRO C 139 22.44 21.07 13.17
C PRO C 139 22.41 22.51 12.67
N LYS C 140 22.41 22.75 11.36
CA LYS C 140 22.37 24.13 10.87
C LYS C 140 21.10 24.85 11.29
N LEU C 141 19.98 24.13 11.42
CA LEU C 141 18.73 24.80 11.76
C LEU C 141 18.62 25.11 13.24
N VAL C 142 19.27 24.30 14.08
CA VAL C 142 19.45 24.65 15.49
C VAL C 142 20.27 25.92 15.60
N TRP C 143 21.33 26.03 14.77
CA TRP C 143 22.12 27.26 14.68
C TRP C 143 21.25 28.47 14.33
N VAL C 144 20.42 28.33 13.28
CA VAL C 144 19.55 29.44 12.88
C VAL C 144 18.60 29.79 14.01
N ALA C 145 18.08 28.77 14.71
CA ALA C 145 17.16 29.01 15.81
C ALA C 145 17.80 29.90 16.88
N ARG C 146 19.13 29.83 17.04
CA ARG C 146 19.83 30.55 18.09
C ARG C 146 20.49 31.84 17.64
N ASN C 147 20.84 31.97 16.34
CA ASN C 147 21.53 33.15 15.85
C ASN C 147 20.73 34.02 14.89
N GLU C 148 19.72 33.46 14.22
CA GLU C 148 18.84 34.23 13.34
C GLU C 148 17.37 33.91 13.66
N ALA C 149 16.95 34.21 14.89
CA ALA C 149 15.65 33.74 15.38
C ALA C 149 14.47 34.34 14.60
N ASP C 150 14.60 35.59 14.15
CA ASP C 150 13.54 36.17 13.33
C ASP C 150 13.37 35.40 12.02
N ILE C 151 14.49 34.96 11.45
CA ILE C 151 14.44 34.12 10.25
C ILE C 151 13.84 32.76 10.57
N PHE C 152 14.15 32.21 11.75
CA PHE C 152 13.72 30.87 12.10
C PHE C 152 12.20 30.79 12.27
N ALA C 153 11.60 31.85 12.81
CA ALA C 153 10.16 31.89 13.02
C ALA C 153 9.36 31.90 11.71
N ARG C 154 9.95 32.32 10.60
CA ARG C 154 9.22 32.45 9.34
C ARG C 154 9.41 31.23 8.42
N ILE C 155 10.10 30.18 8.88
CA ILE C 155 10.37 28.99 8.07
C ILE C 155 9.11 28.16 7.86
N ARG C 156 8.77 27.88 6.60
CA ARG C 156 7.69 26.95 6.30
C ARG C 156 8.16 25.69 5.57
N LYS C 157 9.32 25.70 4.94
CA LYS C 157 9.85 24.52 4.28
C LYS C 157 11.38 24.59 4.30
N VAL C 158 12.02 23.44 4.51
CA VAL C 158 13.46 23.28 4.40
C VAL C 158 13.75 22.18 3.37
N LEU C 159 14.46 22.54 2.30
CA LEU C 159 14.71 21.65 1.18
C LEU C 159 16.20 21.54 0.90
N LEU C 160 16.60 20.39 0.36
CA LEU C 160 17.96 20.17 -0.09
C LEU C 160 18.16 20.80 -1.47
N PRO C 161 19.42 21.03 -1.87
CA PRO C 161 19.63 21.81 -3.11
C PRO C 161 18.88 21.29 -4.32
N LYS C 162 18.95 20.00 -4.64
CA LYS C 162 18.27 19.51 -5.85
C LYS C 162 16.75 19.59 -5.71
N ASP C 163 16.24 19.48 -4.48
CA ASP C 163 14.81 19.54 -4.24
C ASP C 163 14.26 20.96 -4.32
N TYR C 164 15.06 21.97 -3.99
CA TYR C 164 14.69 23.34 -4.34
C TYR C 164 14.68 23.52 -5.86
N LEU C 165 15.67 22.94 -6.55
CA LEU C 165 15.66 22.97 -8.01
C LEU C 165 14.41 22.29 -8.56
N ARG C 166 13.95 21.22 -7.90
CA ARG C 166 12.71 20.57 -8.32
C ARG C 166 11.50 21.49 -8.17
N LEU C 167 11.48 22.34 -7.13
CA LEU C 167 10.36 23.25 -6.92
C LEU C 167 10.19 24.20 -8.09
N TRP C 168 11.30 24.68 -8.65
CA TRP C 168 11.27 25.50 -9.85
C TRP C 168 10.72 24.70 -11.03
N LEU C 169 11.19 23.45 -11.19
CA LEU C 169 10.81 22.65 -12.34
C LEU C 169 9.36 22.15 -12.24
N THR C 170 8.95 21.67 -11.05
CA THR C 170 7.70 20.94 -10.94
C THR C 170 6.63 21.65 -10.11
N GLY C 171 7.00 22.56 -9.22
CA GLY C 171 6.05 23.18 -8.33
C GLY C 171 5.63 22.34 -7.15
N GLU C 172 6.27 21.20 -6.91
CA GLU C 172 5.97 20.39 -5.74
C GLU C 172 7.15 20.38 -4.79
N TYR C 173 6.84 20.10 -3.52
CA TYR C 173 7.86 20.02 -2.46
C TYR C 173 8.10 18.54 -2.26
N ILE C 174 9.15 18.02 -2.88
CA ILE C 174 9.42 16.59 -2.85
C ILE C 174 10.92 16.40 -2.71
N SER C 175 11.33 15.40 -1.93
CA SER C 175 12.71 14.95 -1.86
C SER C 175 12.76 13.44 -1.97
N ASP C 176 13.94 12.90 -2.25
CA ASP C 176 14.10 11.46 -2.33
C ASP C 176 14.79 10.94 -1.05
N MET C 177 14.74 9.61 -0.91
CA MET C 177 15.26 8.93 0.28
C MET C 177 16.76 9.15 0.47
N SER C 178 17.54 9.13 -0.61
CA SER C 178 18.98 9.16 -0.47
C SER C 178 19.47 10.53 -0.04
N ASP C 179 18.83 11.58 -0.53
CA ASP C 179 19.22 12.94 -0.19
C ASP C 179 18.68 13.32 1.18
N SER C 180 17.51 12.84 1.53
CA SER C 180 16.95 13.20 2.83
C SER C 180 17.56 12.41 3.98
N ALA C 181 18.17 11.25 3.72
CA ALA C 181 18.88 10.52 4.77
C ALA C 181 20.10 11.28 5.26
N GLY C 182 20.61 12.23 4.46
CA GLY C 182 21.68 13.12 4.82
C GLY C 182 21.28 14.36 5.61
N THR C 183 20.02 14.46 6.03
CA THR C 183 19.61 15.62 6.79
C THR C 183 19.73 15.41 8.28
N SER C 184 19.88 14.15 8.72
CA SER C 184 19.85 13.79 10.13
C SER C 184 18.49 14.07 10.78
N TRP C 185 17.42 14.21 9.98
CA TRP C 185 16.06 14.13 10.49
C TRP C 185 15.38 12.84 10.08
N LEU C 186 15.98 12.08 9.18
CA LEU C 186 15.35 10.89 8.62
C LEU C 186 15.67 9.68 9.48
N ASP C 187 14.65 8.84 9.68
CA ASP C 187 14.80 7.48 10.19
C ASP C 187 15.26 6.64 9.00
N THR C 188 16.58 6.53 8.85
CA THR C 188 17.15 5.90 7.66
C THR C 188 16.67 4.46 7.51
N GLY C 189 16.50 3.75 8.63
CA GLY C 189 16.08 2.35 8.59
C GLY C 189 14.64 2.14 8.17
N ALA C 190 13.76 3.07 8.53
CA ALA C 190 12.34 2.98 8.19
C ALA C 190 11.97 3.77 6.93
N ARG C 191 12.89 4.58 6.41
CA ARG C 191 12.64 5.43 5.24
C ARG C 191 11.49 6.40 5.47
N ARG C 192 11.44 7.01 6.65
CA ARG C 192 10.39 7.94 7.04
C ARG C 192 11.02 9.06 7.85
N TRP C 193 10.33 10.20 7.94
CA TRP C 193 10.78 11.27 8.83
C TRP C 193 10.60 10.84 10.29
N SER C 194 11.48 11.34 11.16
CA SER C 194 11.43 11.04 12.58
C SER C 194 10.80 12.22 13.32
N ALA C 195 9.69 11.96 14.00
CA ALA C 195 9.13 13.00 14.86
C ALA C 195 10.08 13.34 16.02
N GLU C 196 10.68 12.31 16.63
CA GLU C 196 11.55 12.54 17.78
C GLU C 196 12.70 13.49 17.43
N LEU C 197 13.36 13.26 16.28
CA LEU C 197 14.52 14.07 15.91
C LEU C 197 14.11 15.47 15.44
N LEU C 198 12.98 15.59 14.74
CA LEU C 198 12.50 16.91 14.34
C LEU C 198 12.18 17.77 15.56
N ALA C 199 11.47 17.19 16.54
CA ALA C 199 11.20 17.91 17.78
C ALA C 199 12.48 18.28 18.50
N LYS C 200 13.52 17.45 18.41
CA LYS C 200 14.76 17.75 19.11
C LYS C 200 15.54 18.88 18.46
N THR C 201 15.16 19.30 17.25
CA THR C 201 15.73 20.47 16.60
C THR C 201 14.75 21.62 16.40
N GLY C 202 13.49 21.47 16.84
CA GLY C 202 12.56 22.58 16.83
C GLY C 202 11.68 22.70 15.61
N LEU C 203 11.39 21.61 14.91
CA LEU C 203 10.66 21.63 13.65
C LEU C 203 9.55 20.60 13.65
N GLY C 204 8.70 20.64 12.61
CA GLY C 204 7.67 19.63 12.42
C GLY C 204 7.78 18.95 11.06
N GLU C 205 7.10 17.82 10.87
CA GLU C 205 7.19 17.08 9.62
C GLU C 205 6.58 17.85 8.44
N GLY C 206 5.64 18.76 8.72
CA GLY C 206 5.03 19.62 7.71
C GLY C 206 5.96 20.65 7.11
N GLN C 207 7.13 20.85 7.72
CA GLN C 207 8.19 21.69 7.16
C GLN C 207 9.17 20.91 6.30
N MET C 208 8.97 19.59 6.15
CA MET C 208 9.75 18.73 5.30
C MET C 208 9.05 18.52 3.97
N PRO C 209 9.79 18.19 2.92
CA PRO C 209 9.13 17.76 1.68
C PRO C 209 8.53 16.38 1.86
N GLN C 210 7.66 16.01 0.92
CA GLN C 210 7.17 14.65 0.91
C GLN C 210 8.27 13.74 0.38
N LEU C 211 8.33 12.51 0.90
CA LEU C 211 9.40 11.60 0.57
C LEU C 211 8.96 10.64 -0.52
N VAL C 212 9.88 10.34 -1.44
CA VAL C 212 9.66 9.43 -2.55
C VAL C 212 10.95 8.64 -2.72
N GLU C 213 10.85 7.55 -3.48
CA GLU C 213 12.01 6.80 -3.90
C GLU C 213 12.67 7.47 -5.10
N GLY C 214 14.01 7.39 -5.16
CA GLY C 214 14.72 8.13 -6.19
C GLY C 214 14.30 7.76 -7.60
N SER C 215 13.97 6.48 -7.80
CA SER C 215 13.63 5.95 -9.12
C SER C 215 12.15 6.04 -9.46
N GLU C 216 11.33 6.61 -8.58
CA GLU C 216 9.90 6.71 -8.77
C GLU C 216 9.50 8.06 -9.35
N ALA C 217 8.26 8.12 -9.84
CA ALA C 217 7.74 9.33 -10.44
C ALA C 217 7.46 10.35 -9.35
N ALA C 218 7.97 11.56 -9.53
CA ALA C 218 7.91 12.61 -8.50
C ALA C 218 7.67 13.99 -9.11
N GLY C 219 6.52 14.17 -9.75
CA GLY C 219 6.14 15.45 -10.30
C GLY C 219 6.16 15.46 -11.82
N CYS C 220 5.48 16.44 -12.39
CA CYS C 220 5.53 16.71 -13.82
C CYS C 220 6.09 18.12 -14.03
N LEU C 221 6.81 18.31 -15.15
CA LEU C 221 7.38 19.61 -15.47
C LEU C 221 6.29 20.66 -15.62
N ARG C 222 6.51 21.84 -15.02
CA ARG C 222 5.50 22.90 -15.04
C ARG C 222 5.18 23.32 -16.47
N ALA C 223 3.89 23.62 -16.70
CA ALA C 223 3.42 24.03 -18.02
C ALA C 223 4.08 25.34 -18.46
N GLU C 224 4.26 26.29 -17.53
CA GLU C 224 4.89 27.56 -17.89
C GLU C 224 6.30 27.37 -18.42
N LEU C 225 7.08 26.48 -17.78
CA LEU C 225 8.45 26.20 -18.21
C LEU C 225 8.50 25.23 -19.40
N ALA C 226 7.51 24.34 -19.54
CA ALA C 226 7.55 23.37 -20.64
C ALA C 226 7.51 24.07 -22.00
N ALA C 227 6.72 25.15 -22.12
CA ALA C 227 6.56 25.86 -23.38
C ALA C 227 7.73 26.76 -23.71
N GLU C 228 8.53 27.17 -22.72
CA GLU C 228 9.75 27.92 -23.00
C GLU C 228 10.71 27.08 -23.83
N TRP C 229 11.00 25.86 -23.39
CA TRP C 229 11.99 24.99 -24.03
C TRP C 229 11.37 24.07 -25.08
N SER C 230 10.14 24.34 -25.53
CA SER C 230 9.44 23.55 -26.54
C SER C 230 9.49 22.05 -26.22
N LEU C 231 8.77 21.70 -25.15
CA LEU C 231 8.71 20.34 -24.63
C LEU C 231 7.31 20.09 -24.07
N THR C 232 7.00 18.83 -23.77
CA THR C 232 5.65 18.47 -23.34
C THR C 232 5.46 18.73 -21.85
N ALA C 233 4.30 19.28 -21.49
CA ALA C 233 3.98 19.52 -20.08
C ALA C 233 3.67 18.24 -19.32
N SER C 234 3.77 17.07 -19.97
CA SER C 234 3.59 15.78 -19.32
C SER C 234 4.92 15.07 -19.04
N VAL C 235 6.03 15.80 -19.05
CA VAL C 235 7.34 15.25 -18.75
C VAL C 235 7.47 14.96 -17.26
N ILE C 236 7.74 13.70 -16.94
CA ILE C 236 7.90 13.25 -15.58
C ILE C 236 9.32 13.55 -15.11
N VAL C 237 9.42 14.08 -13.88
CA VAL C 237 10.70 14.32 -13.21
C VAL C 237 10.84 13.24 -12.16
N ALA C 238 11.98 12.56 -12.15
CA ALA C 238 12.18 11.46 -11.24
C ALA C 238 12.50 11.98 -9.84
N GLY C 239 12.42 11.08 -8.86
CA GLY C 239 12.75 11.48 -7.51
C GLY C 239 14.16 12.00 -7.40
N GLY C 240 15.10 11.36 -8.08
CA GLY C 240 16.50 11.74 -8.05
C GLY C 240 17.28 11.14 -6.89
N ALA C 241 18.45 11.73 -6.64
CA ALA C 241 19.33 11.24 -5.59
C ALA C 241 20.34 12.32 -5.25
N GLY C 242 20.98 12.17 -4.09
CA GLY C 242 22.13 12.99 -3.77
C GLY C 242 23.29 12.63 -4.67
N ASP C 243 24.30 13.50 -4.69
CA ASP C 243 25.35 13.36 -5.70
C ASP C 243 26.05 12.01 -5.58
N ASN C 244 26.24 11.51 -4.35
CA ASN C 244 26.89 10.21 -4.17
C ASN C 244 26.02 9.07 -4.69
N ALA C 245 24.75 8.99 -4.24
CA ALA C 245 23.88 7.92 -4.69
C ALA C 245 23.62 7.99 -6.21
N ALA C 246 23.54 9.21 -6.76
CA ALA C 246 23.36 9.40 -8.20
C ALA C 246 24.52 8.83 -8.99
N SER C 247 25.75 9.03 -8.49
CA SER C 247 26.91 8.41 -9.10
C SER C 247 26.80 6.89 -9.11
N ALA C 248 26.33 6.31 -7.99
CA ALA C 248 26.18 4.86 -7.92
C ALA C 248 25.13 4.36 -8.91
N CYS C 249 24.07 5.14 -9.15
CA CYS C 249 23.18 4.77 -10.24
C CYS C 249 23.90 4.89 -11.58
N GLY C 250 24.79 5.88 -11.73
CA GLY C 250 25.59 6.02 -12.94
C GLY C 250 26.62 4.94 -13.14
N MET C 251 27.16 4.40 -12.05
CA MET C 251 28.23 3.41 -12.10
C MET C 251 27.71 1.98 -12.14
N GLY C 252 26.41 1.76 -11.95
CA GLY C 252 25.89 0.41 -11.81
C GLY C 252 26.05 -0.19 -10.43
N THR C 253 26.31 0.64 -9.42
CA THR C 253 26.58 0.15 -8.06
C THR C 253 25.29 0.13 -7.24
N VAL C 254 24.44 -0.85 -7.56
CA VAL C 254 23.10 -0.93 -6.96
C VAL C 254 22.76 -2.29 -6.36
N LYS C 255 23.51 -3.37 -6.69
CA LYS C 255 23.19 -4.66 -6.09
C LYS C 255 24.04 -4.88 -4.84
N PRO C 256 23.55 -5.67 -3.88
CA PRO C 256 24.27 -5.87 -2.62
C PRO C 256 25.70 -6.36 -2.81
N GLY C 257 26.62 -5.76 -2.05
CA GLY C 257 28.01 -6.11 -2.13
C GLY C 257 28.76 -5.46 -3.27
N HIS C 258 28.05 -4.81 -4.19
CA HIS C 258 28.70 -4.06 -5.26
C HIS C 258 29.22 -2.76 -4.69
N ALA C 259 30.46 -2.40 -5.02
CA ALA C 259 31.13 -1.26 -4.42
C ALA C 259 31.98 -0.54 -5.44
N PHE C 260 32.14 0.76 -5.25
CA PHE C 260 33.15 1.52 -5.98
C PHE C 260 34.00 2.26 -4.96
N VAL C 261 35.27 2.46 -5.32
CA VAL C 261 36.17 3.30 -4.52
C VAL C 261 36.54 4.51 -5.36
N SER C 262 36.35 5.69 -4.78
CA SER C 262 36.57 6.94 -5.50
C SER C 262 37.82 7.60 -4.93
N LEU C 263 38.87 7.62 -5.75
CA LEU C 263 40.16 8.21 -5.37
C LEU C 263 40.24 9.66 -5.80
N GLY C 264 39.31 10.46 -5.30
CA GLY C 264 39.33 11.89 -5.49
C GLY C 264 40.07 12.55 -4.35
N THR C 265 39.89 13.88 -4.26
CA THR C 265 40.49 14.68 -3.21
C THR C 265 40.28 14.05 -1.84
N SER C 266 39.05 13.64 -1.54
CA SER C 266 38.77 12.78 -0.41
C SER C 266 38.44 11.40 -0.95
N GLY C 267 38.84 10.36 -0.22
CA GLY C 267 38.50 9.01 -0.62
C GLY C 267 37.08 8.69 -0.22
N VAL C 268 36.39 7.96 -1.10
CA VAL C 268 35.05 7.46 -0.81
C VAL C 268 34.99 5.99 -1.22
N LEU C 269 34.53 5.15 -0.29
CA LEU C 269 34.26 3.74 -0.54
C LEU C 269 32.76 3.56 -0.38
N PHE C 270 32.08 3.25 -1.49
CA PHE C 270 30.62 3.18 -1.56
C PHE C 270 30.23 1.72 -1.78
N ALA C 271 29.42 1.17 -0.88
CA ALA C 271 28.94 -0.20 -1.01
C ALA C 271 27.41 -0.20 -0.91
N ALA C 272 26.76 -0.86 -1.85
CA ALA C 272 25.31 -1.04 -1.79
C ALA C 272 24.95 -2.19 -0.86
N ASN C 273 23.84 -2.03 -0.14
CA ASN C 273 23.39 -2.98 0.87
C ASN C 273 21.99 -3.47 0.55
N GLY C 274 21.71 -4.71 0.90
CA GLY C 274 20.35 -5.18 0.73
C GLY C 274 19.38 -4.77 1.83
N ALA C 275 19.90 -4.23 2.92
CA ALA C 275 19.11 -3.75 4.05
C ALA C 275 19.85 -2.58 4.70
N TYR C 276 19.21 -1.98 5.70
CA TYR C 276 19.84 -0.90 6.45
C TYR C 276 20.93 -1.48 7.34
N GLN C 277 22.17 -1.09 7.10
CA GLN C 277 23.33 -1.70 7.76
C GLN C 277 24.19 -0.58 8.35
N PRO C 278 23.72 0.03 9.44
CA PRO C 278 24.46 1.14 10.06
C PRO C 278 25.65 0.66 10.89
N LYS C 279 26.62 1.57 11.04
CA LYS C 279 27.78 1.41 11.92
C LYS C 279 28.41 2.75 12.30
N PRO C 280 27.70 3.65 12.99
CA PRO C 280 28.33 4.94 13.34
C PRO C 280 29.46 4.83 14.36
N GLU C 281 29.55 3.74 15.14
CA GLU C 281 30.61 3.63 16.12
C GLU C 281 31.97 3.64 15.46
N SER C 282 32.05 3.12 14.24
CA SER C 282 33.25 3.13 13.42
C SER C 282 33.21 4.20 12.31
N ALA C 283 32.36 5.20 12.45
CA ALA C 283 32.35 6.38 11.57
C ALA C 283 32.11 6.03 10.10
N VAL C 284 31.27 5.04 9.82
CA VAL C 284 30.80 4.78 8.46
C VAL C 284 29.42 5.42 8.31
N HIS C 285 29.16 5.98 7.12
CA HIS C 285 27.87 6.59 6.79
C HIS C 285 26.94 5.53 6.21
N ALA C 286 25.66 5.62 6.57
CA ALA C 286 24.63 4.72 6.07
C ALA C 286 23.44 5.55 5.63
N PHE C 287 23.11 5.49 4.34
CA PHE C 287 22.04 6.27 3.73
C PHE C 287 21.16 5.35 2.90
N CYS C 288 19.94 5.81 2.64
CA CYS C 288 19.12 5.16 1.64
C CYS C 288 19.75 5.37 0.27
N HIS C 289 19.60 4.37 -0.59
CA HIS C 289 20.02 4.47 -1.97
C HIS C 289 18.88 5.11 -2.75
N ALA C 290 19.08 5.31 -4.05
CA ALA C 290 18.02 5.90 -4.85
C ALA C 290 16.95 4.88 -5.25
N LEU C 291 17.20 3.53 -5.02
CA LEU C 291 16.20 2.57 -5.49
C LEU C 291 15.39 2.02 -4.32
N PRO C 292 14.15 1.56 -4.56
CA PRO C 292 13.33 1.05 -3.45
C PRO C 292 13.96 -0.16 -2.76
N ARG C 293 13.71 -0.28 -1.45
CA ARG C 293 14.18 -1.40 -0.62
C ARG C 293 15.68 -1.62 -0.74
N THR C 294 16.45 -0.54 -0.96
CA THR C 294 17.90 -0.57 -1.17
C THR C 294 18.57 0.54 -0.37
N TRP C 295 19.71 0.23 0.25
CA TRP C 295 20.45 1.19 1.08
C TRP C 295 21.89 1.25 0.56
N HIS C 296 22.77 2.01 1.24
CA HIS C 296 24.19 1.99 0.90
C HIS C 296 25.04 2.46 2.08
N GLN C 297 26.32 2.11 2.01
CA GLN C 297 27.33 2.52 2.97
C GLN C 297 28.34 3.45 2.29
N MET C 298 29.07 4.20 3.11
CA MET C 298 30.06 5.15 2.60
C MET C 298 31.21 5.25 3.60
N GLY C 299 32.40 4.78 3.22
CA GLY C 299 33.60 5.01 4.02
C GLY C 299 34.33 6.21 3.48
N VAL C 300 34.65 7.16 4.38
CA VAL C 300 35.21 8.45 3.99
C VAL C 300 36.64 8.56 4.48
N ILE C 301 37.56 8.73 3.55
CA ILE C 301 38.96 9.03 3.82
C ILE C 301 39.18 10.50 3.50
N LEU C 302 39.43 11.29 4.55
CA LEU C 302 39.45 12.74 4.41
C LEU C 302 40.54 13.19 3.44
N SER C 303 41.64 12.43 3.31
CA SER C 303 42.70 12.82 2.36
C SER C 303 43.13 11.58 1.61
N ALA C 304 42.75 11.50 0.33
CA ALA C 304 43.19 10.39 -0.50
C ALA C 304 44.10 10.96 -1.57
N ALA C 305 43.51 11.40 -2.69
CA ALA C 305 44.30 12.07 -3.71
C ALA C 305 44.92 13.35 -3.19
N SER C 306 44.30 13.98 -2.17
CA SER C 306 44.87 15.21 -1.62
C SER C 306 46.13 14.94 -0.79
N ALA C 307 46.34 13.70 -0.34
CA ALA C 307 47.63 13.36 0.27
C ALA C 307 48.77 13.40 -0.74
N LEU C 308 48.50 12.92 -1.97
CA LEU C 308 49.51 12.97 -3.01
C LEU C 308 49.72 14.40 -3.49
N GLU C 309 48.64 15.19 -3.64
CA GLU C 309 48.82 16.60 -3.95
C GLU C 309 49.70 17.28 -2.90
N TRP C 310 49.40 17.05 -1.62
CA TRP C 310 50.19 17.68 -0.56
C TRP C 310 51.65 17.27 -0.65
N TYR C 311 51.90 15.98 -0.82
CA TYR C 311 53.29 15.53 -0.92
C TYR C 311 53.97 16.13 -2.14
N SER C 312 53.26 16.26 -3.25
CA SER C 312 53.89 16.80 -4.45
C SER C 312 54.29 18.26 -4.24
N LYS C 313 53.48 19.05 -3.52
CA LYS C 313 53.85 20.44 -3.25
C LYS C 313 55.12 20.52 -2.40
N ILE C 314 55.36 19.55 -1.51
CA ILE C 314 56.61 19.50 -0.75
C ILE C 314 57.79 19.26 -1.68
N VAL C 315 57.74 18.16 -2.45
CA VAL C 315 58.91 17.75 -3.24
C VAL C 315 58.99 18.43 -4.58
N GLY C 316 58.04 19.31 -4.92
CA GLY C 316 58.15 20.13 -6.10
C GLY C 316 57.86 19.46 -7.42
N ALA C 317 57.09 18.38 -7.41
CA ALA C 317 56.65 17.74 -8.64
C ALA C 317 55.13 17.86 -8.72
N THR C 318 54.53 17.18 -9.69
CA THR C 318 53.08 17.07 -9.76
C THR C 318 52.72 15.63 -9.51
N PRO C 319 51.52 15.34 -9.05
CA PRO C 319 51.16 13.94 -8.81
C PRO C 319 51.47 13.02 -9.99
N GLN C 320 51.18 13.48 -11.19
CA GLN C 320 51.40 12.63 -12.36
C GLN C 320 52.91 12.38 -12.58
N SER C 321 53.77 13.35 -12.26
CA SER C 321 55.22 13.17 -12.44
C SER C 321 55.78 12.13 -11.48
N LEU C 322 55.33 12.16 -10.22
CA LEU C 322 55.75 11.17 -9.23
C LEU C 322 55.28 9.79 -9.61
N ASP C 323 54.06 9.70 -10.15
CA ASP C 323 53.50 8.42 -10.55
C ASP C 323 54.32 7.80 -11.68
N ARG C 324 54.73 8.60 -12.66
CA ARG C 324 55.58 8.07 -13.73
C ARG C 324 56.92 7.62 -13.17
N GLU C 325 57.44 8.34 -12.17
CA GLU C 325 58.74 8.02 -11.57
C GLU C 325 58.68 6.72 -10.78
N LEU C 326 57.58 6.48 -10.07
CA LEU C 326 57.46 5.26 -9.30
C LEU C 326 57.27 4.04 -10.22
N GLY C 327 56.52 4.20 -11.30
CA GLY C 327 56.40 3.15 -12.29
C GLY C 327 55.08 2.41 -12.25
N GLU C 328 55.01 1.38 -13.08
CA GLU C 328 53.82 0.55 -13.18
C GLU C 328 53.91 -0.74 -12.38
N THR C 329 55.11 -1.13 -11.96
CA THR C 329 55.32 -2.41 -11.29
C THR C 329 55.21 -2.22 -9.79
N LEU C 330 54.32 -2.99 -9.16
CA LEU C 330 54.15 -2.90 -7.73
C LEU C 330 55.42 -3.37 -7.04
N LYS C 331 55.85 -2.61 -6.04
CA LYS C 331 57.05 -2.93 -5.29
C LYS C 331 56.67 -3.42 -3.91
N ALA C 332 57.56 -4.22 -3.34
CA ALA C 332 57.39 -4.66 -1.97
C ALA C 332 57.53 -3.45 -1.04
N PRO C 333 56.69 -3.35 -0.02
CA PRO C 333 56.82 -2.22 0.90
C PRO C 333 58.19 -2.19 1.54
N GLY C 334 58.68 -0.97 1.76
CA GLY C 334 59.88 -0.70 2.52
C GLY C 334 59.55 -0.28 3.92
N SER C 335 60.53 0.29 4.60
CA SER C 335 60.32 0.65 6.00
C SER C 335 59.52 1.93 6.18
N VAL C 336 59.39 2.75 5.15
CA VAL C 336 58.65 4.00 5.30
C VAL C 336 57.14 3.72 5.25
N THR C 337 56.42 4.29 6.23
CA THR C 337 54.97 4.18 6.35
C THR C 337 54.37 5.58 6.39
N PHE C 338 53.25 5.80 5.68
CA PHE C 338 52.58 7.11 5.66
C PHE C 338 51.14 6.99 6.18
N LEU C 339 50.83 7.73 7.25
CA LEU C 339 49.45 7.86 7.71
C LEU C 339 48.85 9.08 7.06
N PRO C 340 47.80 8.92 6.23
CA PRO C 340 47.35 10.06 5.43
C PRO C 340 46.44 11.02 6.15
N TYR C 341 46.61 11.23 7.47
CA TYR C 341 45.63 11.99 8.24
C TYR C 341 45.91 13.48 8.25
N LEU C 342 46.28 14.06 7.11
CA LEU C 342 46.70 15.45 7.08
C LEU C 342 45.63 16.41 7.60
N SER C 343 44.36 16.01 7.61
CA SER C 343 43.29 16.86 8.12
C SER C 343 42.45 16.16 9.18
N GLY C 344 43.06 15.26 9.93
CA GLY C 344 42.34 14.31 10.75
C GLY C 344 41.91 13.10 9.95
N GLU C 345 40.99 12.33 10.50
CA GLU C 345 40.43 11.22 9.75
C GLU C 345 38.99 10.96 10.18
N ARG C 346 38.15 10.61 9.20
CA ARG C 346 36.76 10.26 9.51
C ARG C 346 36.67 8.75 9.70
N THR C 347 36.47 8.00 8.63
CA THR C 347 36.34 6.56 8.78
C THR C 347 37.72 5.92 8.97
N PRO C 348 37.93 5.13 10.03
CA PRO C 348 36.98 4.66 11.05
C PRO C 348 37.07 5.28 12.46
N TYR C 349 37.84 6.35 12.66
CA TYR C 349 38.14 6.82 14.02
C TYR C 349 37.42 8.08 14.43
N ASN C 350 36.92 8.85 13.47
CA ASN C 350 36.30 10.14 13.72
C ASN C 350 37.14 10.94 14.70
N ASP C 351 38.37 11.25 14.24
CA ASP C 351 39.43 11.84 15.05
C ASP C 351 39.88 13.12 14.39
N ALA C 352 39.49 14.26 14.97
CA ALA C 352 39.85 15.56 14.43
C ALA C 352 41.23 16.02 14.88
N LYS C 353 41.78 15.41 15.95
CA LYS C 353 43.05 15.88 16.52
C LYS C 353 44.27 15.20 15.89
N ILE C 354 44.15 13.94 15.45
CA ILE C 354 45.29 13.21 14.87
C ILE C 354 45.78 13.88 13.57
N ARG C 355 47.05 13.67 13.25
CA ARG C 355 47.64 14.31 12.09
C ARG C 355 48.47 13.32 11.26
N GLY C 356 48.94 13.78 10.10
CA GLY C 356 49.64 12.90 9.19
C GLY C 356 51.04 12.56 9.65
N SER C 357 51.62 11.52 9.05
CA SER C 357 52.89 11.04 9.57
C SER C 357 53.65 10.22 8.55
N PHE C 358 54.98 10.38 8.53
CA PHE C 358 55.90 9.43 7.93
C PHE C 358 56.67 8.76 9.05
N CYS C 359 56.87 7.45 8.95
CA CYS C 359 57.67 6.74 9.93
C CYS C 359 58.58 5.76 9.22
N GLY C 360 59.60 5.28 9.94
CA GLY C 360 60.51 4.34 9.33
C GLY C 360 61.47 4.96 8.35
N LEU C 361 61.70 6.26 8.45
CA LEU C 361 62.60 6.97 7.54
C LEU C 361 64.05 6.52 7.71
N GLU C 362 64.73 6.36 6.57
CA GLU C 362 66.11 5.89 6.46
C GLU C 362 66.84 6.84 5.52
N HIS C 363 68.17 6.85 5.57
CA HIS C 363 68.91 7.66 4.60
C HIS C 363 68.64 7.18 3.18
N GLU C 364 68.43 5.87 3.02
CA GLU C 364 68.17 5.26 1.71
C GLU C 364 66.83 5.66 1.12
N ALA C 365 65.90 6.22 1.89
CA ALA C 365 64.58 6.56 1.37
C ALA C 365 64.69 7.77 0.46
N ASP C 366 64.39 7.60 -0.82
CA ASP C 366 64.40 8.72 -1.74
C ASP C 366 62.96 9.20 -1.98
N ARG C 367 62.80 10.16 -2.90
CA ARG C 367 61.48 10.68 -3.25
C ARG C 367 60.52 9.56 -3.66
N SER C 368 60.98 8.63 -4.51
CA SER C 368 60.11 7.54 -4.95
C SER C 368 59.64 6.69 -3.77
N ALA C 369 60.52 6.47 -2.79
CA ALA C 369 60.18 5.62 -1.65
C ALA C 369 59.07 6.24 -0.83
N LEU C 370 59.09 7.56 -0.73
CA LEU C 370 58.06 8.27 0.02
C LEU C 370 56.77 8.38 -0.79
N THR C 371 56.88 8.64 -2.10
CA THR C 371 55.71 8.52 -2.98
C THR C 371 55.06 7.15 -2.81
N GLN C 372 55.88 6.08 -2.87
CA GLN C 372 55.37 4.73 -2.64
C GLN C 372 54.64 4.61 -1.30
N ALA C 373 55.17 5.22 -0.24
CA ALA C 373 54.51 5.13 1.07
C ALA C 373 53.20 5.91 1.12
N VAL C 374 53.11 7.01 0.36
CA VAL C 374 51.85 7.77 0.32
C VAL C 374 50.76 6.95 -0.38
N LEU C 375 51.10 6.26 -1.48
CA LEU C 375 50.12 5.41 -2.13
C LEU C 375 49.77 4.21 -1.24
N GLU C 376 50.79 3.57 -0.64
CA GLU C 376 50.50 2.48 0.30
C GLU C 376 49.62 2.94 1.45
N GLY C 377 49.89 4.13 2.00
CA GLY C 377 49.14 4.56 3.18
C GLY C 377 47.65 4.75 2.92
N VAL C 378 47.30 5.35 1.79
CA VAL C 378 45.91 5.50 1.41
C VAL C 378 45.27 4.15 1.14
N ALA C 379 46.01 3.22 0.52
CA ALA C 379 45.50 1.85 0.35
C ALA C 379 45.17 1.21 1.70
N PHE C 380 46.06 1.36 2.68
CA PHE C 380 45.79 0.83 4.00
C PHE C 380 44.62 1.54 4.67
N ALA C 381 44.43 2.83 4.38
CA ALA C 381 43.23 3.51 4.85
C ALA C 381 41.98 2.89 4.23
N ILE C 382 42.04 2.58 2.92
CA ILE C 382 40.93 1.88 2.28
C ILE C 382 40.69 0.52 2.93
N ARG C 383 41.77 -0.18 3.29
CA ARG C 383 41.57 -1.47 3.96
C ARG C 383 40.92 -1.27 5.33
N ASP C 384 41.29 -0.21 6.05
CA ASP C 384 40.59 0.12 7.29
C ASP C 384 39.10 0.35 7.03
N ASN C 385 38.77 1.00 5.91
CA ASN C 385 37.38 1.27 5.57
C ASN C 385 36.64 -0.01 5.22
N LEU C 386 37.24 -0.86 4.38
CA LEU C 386 36.60 -2.14 4.06
C LEU C 386 36.32 -2.94 5.31
N LEU C 387 37.25 -2.92 6.27
CA LEU C 387 37.01 -3.64 7.51
C LEU C 387 35.81 -3.08 8.27
N ALA C 388 35.66 -1.75 8.30
CA ALA C 388 34.51 -1.18 9.00
C ALA C 388 33.21 -1.58 8.31
N LEU C 389 33.15 -1.44 6.99
CA LEU C 389 31.96 -1.88 6.26
C LEU C 389 31.70 -3.37 6.48
N GLN C 390 32.75 -4.20 6.42
CA GLN C 390 32.53 -5.62 6.63
C GLN C 390 32.05 -5.92 8.05
N SER C 391 32.46 -5.10 9.02
CA SER C 391 31.95 -5.30 10.37
C SER C 391 30.48 -4.93 10.50
N ALA C 392 29.91 -4.31 9.47
CA ALA C 392 28.50 -3.93 9.42
C ALA C 392 27.72 -4.76 8.41
N GLY C 393 28.15 -6.00 8.16
CA GLY C 393 27.41 -6.98 7.38
C GLY C 393 27.65 -7.02 5.89
N THR C 394 28.72 -6.41 5.38
CA THR C 394 28.96 -6.30 3.95
C THR C 394 30.19 -7.10 3.59
N GLU C 395 30.06 -8.00 2.60
CA GLU C 395 31.21 -8.65 1.98
C GLU C 395 31.27 -8.13 0.56
N ILE C 396 32.35 -7.41 0.24
CA ILE C 396 32.44 -6.77 -1.06
C ILE C 396 33.04 -7.73 -2.06
N THR C 397 32.27 -8.05 -3.10
CA THR C 397 32.63 -9.06 -4.09
C THR C 397 33.51 -8.47 -5.19
N SER C 398 33.01 -7.45 -5.87
CA SER C 398 33.73 -6.73 -6.90
C SER C 398 33.94 -5.29 -6.48
N LEU C 399 35.07 -4.71 -6.85
CA LEU C 399 35.38 -3.31 -6.56
C LEU C 399 35.77 -2.59 -7.83
N THR C 400 35.18 -1.41 -8.06
CA THR C 400 35.44 -0.56 -9.23
C THR C 400 36.04 0.77 -8.81
N ALA C 401 37.04 1.24 -9.56
CA ALA C 401 37.80 2.44 -9.21
C ALA C 401 37.46 3.59 -10.14
N VAL C 402 37.17 4.75 -9.58
CA VAL C 402 36.91 5.96 -10.32
C VAL C 402 37.64 7.09 -9.62
N GLY C 403 37.57 8.29 -10.17
CA GLY C 403 38.20 9.45 -9.58
C GLY C 403 39.64 9.65 -10.05
N GLY C 404 40.18 10.84 -9.75
CA GLY C 404 41.47 11.22 -10.30
C GLY C 404 42.57 10.22 -9.98
N GLY C 405 42.61 9.70 -8.76
CA GLY C 405 43.65 8.76 -8.38
C GLY C 405 43.64 7.45 -9.15
N SER C 406 42.48 7.06 -9.69
CA SER C 406 42.42 5.78 -10.41
C SER C 406 43.14 5.82 -11.75
N ARG C 407 43.60 6.99 -12.19
CA ARG C 407 44.46 7.08 -13.36
C ARG C 407 45.88 6.66 -13.07
N SER C 408 46.20 6.26 -11.83
CA SER C 408 47.54 5.79 -11.47
C SER C 408 47.54 4.27 -11.44
N THR C 409 48.30 3.66 -12.37
CA THR C 409 48.43 2.22 -12.40
C THR C 409 49.03 1.66 -11.10
N TYR C 410 50.03 2.33 -10.53
CA TYR C 410 50.58 1.85 -9.26
C TYR C 410 49.51 1.87 -8.16
N TRP C 411 48.77 2.97 -8.05
CA TRP C 411 47.83 3.10 -6.94
C TRP C 411 46.81 1.98 -6.97
N LEU C 412 46.32 1.61 -8.17
CA LEU C 412 45.32 0.57 -8.28
C LEU C 412 45.89 -0.78 -7.91
N LYS C 413 47.10 -1.07 -8.37
CA LYS C 413 47.72 -2.34 -7.99
C LYS C 413 47.96 -2.40 -6.50
N ALA C 414 48.26 -1.25 -5.86
CA ALA C 414 48.46 -1.18 -4.43
C ALA C 414 47.18 -1.50 -3.66
N ILE C 415 46.07 -0.89 -4.08
CA ILE C 415 44.78 -1.09 -3.41
C ILE C 415 44.32 -2.53 -3.58
N ALA C 416 44.56 -3.11 -4.77
CA ALA C 416 44.15 -4.49 -5.01
C ALA C 416 44.88 -5.45 -4.09
N THR C 417 46.19 -5.29 -3.98
CA THR C 417 46.96 -6.20 -3.15
C THR C 417 46.67 -5.95 -1.68
N ALA C 418 46.31 -4.73 -1.31
CA ALA C 418 46.01 -4.40 0.08
C ALA C 418 44.69 -5.04 0.55
N LEU C 419 43.66 -5.03 -0.30
CA LEU C 419 42.36 -5.59 0.08
C LEU C 419 42.21 -7.04 -0.32
N ASN C 420 43.09 -7.52 -1.20
CA ASN C 420 42.98 -8.82 -1.87
C ASN C 420 41.64 -8.99 -2.58
N VAL C 421 41.19 -7.95 -3.27
CA VAL C 421 40.07 -8.04 -4.20
C VAL C 421 40.50 -7.47 -5.55
N PRO C 422 40.11 -8.10 -6.67
CA PRO C 422 40.32 -7.48 -7.98
C PRO C 422 39.59 -6.14 -8.09
N ILE C 423 40.16 -5.26 -8.90
CA ILE C 423 39.58 -3.95 -9.15
C ILE C 423 39.28 -3.84 -10.63
N ALA C 424 38.04 -3.50 -10.96
CA ALA C 424 37.65 -3.28 -12.33
C ALA C 424 37.82 -1.80 -12.64
N LEU C 425 38.55 -1.50 -13.70
CA LEU C 425 38.71 -0.14 -14.12
C LEU C 425 37.78 0.13 -15.29
N PRO C 426 36.80 1.03 -15.16
CA PRO C 426 35.80 1.21 -16.22
C PRO C 426 36.38 1.82 -17.48
N GLU C 427 35.69 1.60 -18.60
CA GLU C 427 36.02 2.31 -19.84
C GLU C 427 35.87 3.82 -19.67
N GLU C 428 36.54 4.56 -20.54
CA GLU C 428 36.45 6.01 -20.48
C GLU C 428 35.06 6.48 -20.91
N GLY C 429 34.53 7.46 -20.19
CA GLY C 429 33.21 7.98 -20.48
C GLY C 429 32.68 8.76 -19.29
N ASP C 430 31.39 9.13 -19.40
CA ASP C 430 30.71 9.91 -18.37
C ASP C 430 29.67 9.03 -17.69
N PHE C 431 30.02 8.49 -16.53
CA PHE C 431 29.14 7.68 -15.71
C PHE C 431 29.02 8.31 -14.33
N GLY C 432 29.03 9.64 -14.28
CA GLY C 432 29.02 10.37 -13.04
C GLY C 432 27.61 10.67 -12.56
N ALA C 433 27.51 11.71 -11.73
CA ALA C 433 26.24 12.04 -11.08
C ALA C 433 25.17 12.39 -12.11
N ALA C 434 25.54 13.11 -13.17
CA ALA C 434 24.57 13.48 -14.20
C ALA C 434 24.06 12.26 -14.97
N PHE C 435 24.94 11.28 -15.22
CA PHE C 435 24.50 10.07 -15.90
C PHE C 435 23.61 9.21 -15.01
N GLY C 436 23.93 9.11 -13.71
CA GLY C 436 23.00 8.46 -12.80
C GLY C 436 21.67 9.18 -12.72
N ALA C 437 21.71 10.52 -12.75
CA ALA C 437 20.49 11.32 -12.79
C ALA C 437 19.68 11.02 -14.04
N ALA C 438 20.34 10.97 -15.20
CA ALA C 438 19.63 10.63 -16.43
C ALA C 438 18.98 9.25 -16.34
N ARG C 439 19.70 8.26 -15.80
CA ARG C 439 19.14 6.92 -15.66
C ARG C 439 17.88 6.93 -14.81
N LEU C 440 17.88 7.69 -13.73
CA LEU C 440 16.72 7.73 -12.85
C LEU C 440 15.53 8.37 -13.57
N GLY C 441 15.79 9.36 -14.43
CA GLY C 441 14.74 9.92 -15.25
C GLY C 441 14.16 8.92 -16.24
N LEU C 442 15.03 8.07 -16.82
CA LEU C 442 14.57 7.03 -17.72
C LEU C 442 13.76 5.95 -16.99
N ILE C 443 14.13 5.62 -15.75
CA ILE C 443 13.42 4.58 -14.99
C ILE C 443 12.02 5.06 -14.61
N ALA C 444 11.92 6.29 -14.10
CA ALA C 444 10.63 6.81 -13.67
C ALA C 444 9.68 7.02 -14.83
N ALA C 445 10.20 7.41 -15.99
CA ALA C 445 9.33 7.65 -17.14
C ALA C 445 8.85 6.35 -17.75
N THR C 446 9.71 5.32 -17.80
CA THR C 446 9.33 4.07 -18.44
C THR C 446 8.79 3.02 -17.46
N GLY C 447 9.05 3.15 -16.17
CA GLY C 447 8.59 2.15 -15.22
C GLY C 447 9.27 0.80 -15.30
N ALA C 448 10.46 0.73 -15.89
CA ALA C 448 11.20 -0.52 -15.94
C ALA C 448 11.80 -0.85 -14.57
N ASP C 449 12.14 -2.11 -14.39
CA ASP C 449 12.83 -2.55 -13.18
C ASP C 449 14.15 -1.83 -13.07
N PRO C 450 14.42 -1.12 -11.97
CA PRO C 450 15.66 -0.32 -11.89
C PRO C 450 16.95 -1.13 -11.96
N PHE C 451 16.93 -2.41 -11.57
CA PHE C 451 18.17 -3.17 -11.53
C PHE C 451 18.68 -3.52 -12.94
N THR C 452 17.80 -3.61 -13.94
CA THR C 452 18.22 -3.87 -15.31
C THR C 452 18.65 -2.61 -16.07
N ILE C 453 18.32 -1.42 -15.57
CA ILE C 453 18.74 -0.15 -16.20
C ILE C 453 20.09 0.29 -15.65
N CYS C 454 20.27 0.24 -14.32
CA CYS C 454 21.49 0.69 -13.64
C CYS C 454 22.52 -0.44 -13.67
N THR C 455 23.11 -0.62 -14.83
CA THR C 455 24.10 -1.63 -15.15
C THR C 455 25.53 -1.10 -14.96
N PRO C 456 26.50 -1.98 -14.70
CA PRO C 456 27.88 -1.52 -14.64
C PRO C 456 28.38 -1.12 -16.02
N PRO C 457 29.37 -0.25 -16.11
CA PRO C 457 29.96 0.09 -17.40
C PRO C 457 30.83 -1.05 -17.92
N GLN C 458 31.23 -0.93 -19.19
CA GLN C 458 32.15 -1.90 -19.75
C GLN C 458 33.52 -1.74 -19.07
N THR C 459 34.11 -2.86 -18.68
CA THR C 459 35.36 -2.84 -17.93
C THR C 459 36.52 -2.68 -18.91
N ALA C 460 37.37 -1.68 -18.67
CA ALA C 460 38.54 -1.49 -19.54
C ALA C 460 39.63 -2.49 -19.21
N ARG C 461 40.10 -2.46 -17.98
CA ARG C 461 41.10 -3.38 -17.48
C ARG C 461 40.62 -3.93 -16.15
N THR C 462 41.07 -5.14 -15.82
CA THR C 462 40.86 -5.70 -14.50
C THR C 462 42.23 -5.85 -13.84
N ILE C 463 42.41 -5.16 -12.72
CA ILE C 463 43.69 -5.15 -12.02
C ILE C 463 43.58 -6.16 -10.87
N GLU C 464 44.36 -7.21 -10.96
CA GLU C 464 44.33 -8.26 -9.95
C GLU C 464 45.31 -7.97 -8.82
N PRO C 465 45.03 -8.49 -7.63
CA PRO C 465 46.01 -8.40 -6.55
C PRO C 465 47.26 -9.23 -6.86
N GLU C 466 48.42 -8.69 -6.49
CA GLU C 466 49.71 -9.34 -6.69
C GLU C 466 49.94 -10.37 -5.58
N GLN C 467 49.84 -11.66 -5.92
CA GLN C 467 49.92 -12.69 -4.90
C GLN C 467 51.25 -12.72 -4.16
N ALA C 468 52.35 -12.43 -4.86
CA ALA C 468 53.65 -12.48 -4.21
C ALA C 468 53.78 -11.41 -3.14
N LEU C 469 53.12 -10.26 -3.31
CA LEU C 469 53.23 -9.15 -2.37
C LEU C 469 52.12 -9.13 -1.33
N LEU C 470 51.25 -10.14 -1.30
CA LEU C 470 50.12 -10.16 -0.38
C LEU C 470 50.59 -10.25 1.06
N SER C 471 51.60 -11.08 1.33
CA SER C 471 52.10 -11.19 2.69
C SER C 471 52.79 -9.89 3.08
N ALA C 472 53.61 -9.35 2.17
CA ALA C 472 54.29 -8.11 2.45
C ALA C 472 53.30 -6.98 2.73
N TYR C 473 52.16 -6.97 2.04
CA TYR C 473 51.14 -5.97 2.32
C TYR C 473 50.44 -6.21 3.65
N ASP C 474 50.24 -7.47 4.05
CA ASP C 474 49.71 -7.74 5.38
C ASP C 474 50.64 -7.20 6.46
N GLU C 475 51.95 -7.45 6.31
CA GLU C 475 52.88 -6.97 7.32
C GLU C 475 52.90 -5.45 7.35
N ALA C 476 52.96 -4.81 6.19
CA ALA C 476 53.04 -3.35 6.15
C ALA C 476 51.75 -2.72 6.65
N TYR C 477 50.59 -3.30 6.32
CA TYR C 477 49.34 -2.80 6.88
C TYR C 477 49.36 -2.88 8.41
N GLN C 478 49.89 -3.97 8.96
CA GLN C 478 49.89 -4.13 10.41
C GLN C 478 50.76 -3.06 11.07
N ARG C 479 51.90 -2.73 10.46
CA ARG C 479 52.69 -1.60 10.95
C ARG C 479 51.84 -0.33 10.93
N TYR C 480 51.11 -0.12 9.84
CA TYR C 480 50.27 1.07 9.65
C TYR C 480 49.15 1.13 10.68
N HIS C 481 48.51 -0.01 10.95
CA HIS C 481 47.40 -0.05 11.90
C HIS C 481 47.87 0.27 13.31
N ALA C 482 49.02 -0.29 13.71
CA ALA C 482 49.53 -0.09 15.06
C ALA C 482 49.95 1.35 15.34
N LEU C 483 50.27 2.11 14.28
CA LEU C 483 50.71 3.48 14.46
C LEU C 483 49.62 4.37 15.00
N TYR C 484 48.34 4.11 14.65
CA TYR C 484 47.28 5.02 15.04
C TYR C 484 47.13 5.09 16.55
N PRO C 485 46.97 3.99 17.29
CA PRO C 485 46.87 4.12 18.75
C PRO C 485 48.11 4.71 19.38
N ALA C 486 49.30 4.46 18.79
CA ALA C 486 50.54 5.00 19.35
C ALA C 486 50.54 6.53 19.32
N LEU C 487 50.17 7.12 18.18
CA LEU C 487 50.12 8.57 18.06
C LEU C 487 48.91 9.16 18.75
N HIS C 488 47.81 8.41 18.76
CA HIS C 488 46.57 8.88 19.39
C HIS C 488 46.72 9.12 20.88
N ALA C 489 47.56 8.31 21.56
CA ALA C 489 47.77 8.47 22.99
C ALA C 489 48.49 9.77 23.35
N LEU C 490 49.20 10.38 22.41
CA LEU C 490 49.96 11.60 22.65
C LEU C 490 49.12 12.85 22.47
N ASP C 491 47.84 12.72 22.08
CA ASP C 491 47.02 13.89 21.80
C ASP C 491 46.28 14.34 23.07
N HIS D 8 -3.86 -10.11 24.12
CA HIS D 8 -3.39 -11.48 23.92
C HIS D 8 -2.12 -11.80 24.74
N MET D 9 -2.03 -13.01 25.32
CA MET D 9 -0.90 -13.43 26.15
C MET D 9 -0.55 -14.88 25.84
N TYR D 10 0.73 -15.24 26.05
CA TYR D 10 1.24 -16.56 25.73
C TYR D 10 2.17 -17.06 26.84
N LEU D 11 1.99 -18.32 27.21
CA LEU D 11 2.67 -18.92 28.35
C LEU D 11 3.58 -20.06 27.91
N GLY D 12 4.82 -20.09 28.41
CA GLY D 12 5.74 -21.19 28.18
C GLY D 12 6.03 -21.90 29.49
N LEU D 13 6.00 -23.24 29.46
CA LEU D 13 6.27 -24.07 30.63
C LEU D 13 7.50 -24.91 30.32
N ASP D 14 8.58 -24.66 31.04
CA ASP D 14 9.79 -25.45 30.91
C ASP D 14 9.82 -26.41 32.09
N LEU D 15 9.66 -27.69 31.80
CA LEU D 15 9.79 -28.75 32.80
C LEU D 15 11.23 -29.22 32.74
N GLY D 16 12.07 -28.68 33.64
CA GLY D 16 13.46 -29.06 33.72
C GLY D 16 13.69 -30.21 34.70
N THR D 17 14.96 -30.54 34.89
CA THR D 17 15.23 -31.60 35.85
C THR D 17 15.11 -31.10 37.28
N SER D 18 15.51 -29.87 37.54
CA SER D 18 15.51 -29.33 38.90
C SER D 18 14.23 -28.59 39.27
N GLY D 19 13.38 -28.26 38.30
CA GLY D 19 12.13 -27.60 38.61
C GLY D 19 11.35 -27.28 37.35
N VAL D 20 10.18 -26.70 37.55
CA VAL D 20 9.29 -26.29 36.47
C VAL D 20 9.24 -24.77 36.44
N LYS D 21 9.62 -24.16 35.32
CA LYS D 21 9.61 -22.71 35.16
C LYS D 21 8.47 -22.27 34.24
N ALA D 22 7.76 -21.23 34.65
CA ALA D 22 6.67 -20.69 33.86
C ALA D 22 6.92 -19.23 33.54
N LEU D 23 6.79 -18.86 32.26
CA LEU D 23 7.07 -17.53 31.75
C LEU D 23 5.88 -17.07 30.92
N LEU D 24 5.39 -15.85 31.18
CA LEU D 24 4.22 -15.31 30.50
C LEU D 24 4.63 -14.08 29.67
N ILE D 25 4.24 -14.05 28.40
CA ILE D 25 4.63 -12.97 27.49
C ILE D 25 3.44 -12.47 26.69
N ASP D 26 3.56 -11.26 26.13
CA ASP D 26 2.51 -10.66 25.32
C ASP D 26 2.80 -10.81 23.82
N GLU D 27 1.92 -10.18 23.02
CA GLU D 27 1.96 -10.31 21.56
C GLU D 27 3.27 -9.80 20.98
N ALA D 28 4.03 -8.99 21.73
CA ALA D 28 5.34 -8.50 21.31
C ALA D 28 6.48 -9.25 21.99
N GLN D 29 6.19 -10.41 22.59
CA GLN D 29 7.21 -11.27 23.20
C GLN D 29 7.90 -10.57 24.38
N ASN D 30 7.17 -9.69 25.07
CA ASN D 30 7.73 -9.10 26.28
C ASN D 30 7.32 -9.91 27.50
N PRO D 31 8.26 -10.27 28.38
CA PRO D 31 7.90 -11.02 29.59
C PRO D 31 7.19 -10.12 30.59
N VAL D 32 6.23 -10.70 31.30
CA VAL D 32 5.46 -9.99 32.29
C VAL D 32 5.63 -10.54 33.70
N GLY D 33 6.48 -11.55 33.87
CA GLY D 33 6.68 -12.16 35.16
C GLY D 33 6.81 -13.66 35.00
N ALA D 34 7.29 -14.32 36.05
CA ALA D 34 7.59 -15.73 35.93
C ALA D 34 7.50 -16.38 37.31
N ALA D 35 7.28 -17.69 37.31
CA ALA D 35 7.14 -18.44 38.54
C ALA D 35 7.86 -19.77 38.43
N HIS D 36 8.20 -20.33 39.59
CA HIS D 36 9.02 -21.53 39.70
C HIS D 36 8.36 -22.51 40.66
N GLY D 37 8.56 -23.80 40.38
CA GLY D 37 8.25 -24.87 41.32
C GLY D 37 9.41 -25.85 41.40
N GLU D 38 10.00 -26.07 42.57
CA GLU D 38 11.21 -26.87 42.68
C GLU D 38 10.90 -28.37 42.59
N LEU D 39 11.85 -29.14 42.05
CA LEU D 39 11.69 -30.58 41.86
C LEU D 39 12.91 -31.33 42.40
N ASP D 40 12.68 -32.55 42.85
CA ASP D 40 13.71 -33.44 43.39
C ASP D 40 14.02 -34.57 42.42
N VAL D 41 15.17 -35.18 42.61
CA VAL D 41 15.54 -36.38 41.88
C VAL D 41 15.85 -37.46 42.90
N SER D 42 15.32 -38.66 42.69
CA SER D 42 15.62 -39.78 43.58
C SER D 42 16.66 -40.68 42.90
N ARG D 43 17.61 -41.17 43.67
CA ARG D 43 18.69 -42.01 43.17
C ARG D 43 18.69 -43.28 44.02
N PRO D 44 17.77 -44.21 43.73
CA PRO D 44 17.60 -45.39 44.60
C PRO D 44 18.80 -46.33 44.60
N HIS D 45 19.46 -46.48 43.47
CA HIS D 45 20.63 -47.31 43.27
C HIS D 45 21.66 -46.41 42.62
N PRO D 46 22.94 -46.79 42.65
CA PRO D 46 23.94 -45.98 41.94
C PRO D 46 23.64 -45.91 40.45
N GLY D 47 23.77 -44.71 39.89
CA GLY D 47 23.53 -44.54 38.48
C GLY D 47 22.07 -44.39 38.11
N TRP D 48 21.15 -44.62 39.04
CA TRP D 48 19.75 -44.45 38.74
C TRP D 48 19.36 -43.01 38.94
N SER D 49 18.36 -42.57 38.19
CA SER D 49 17.85 -41.20 38.31
C SER D 49 16.38 -41.19 37.90
N GLU D 50 15.50 -41.02 38.88
CA GLU D 50 14.07 -41.11 38.65
C GLU D 50 13.35 -39.90 39.23
N GLN D 51 12.09 -39.76 38.82
CA GLN D 51 11.19 -38.71 39.28
C GLN D 51 9.76 -39.25 39.26
N ASP D 52 8.98 -38.90 40.28
CA ASP D 52 7.56 -39.21 40.26
C ASP D 52 6.85 -38.17 39.42
N PRO D 53 6.19 -38.54 38.31
CA PRO D 53 5.56 -37.53 37.46
C PRO D 53 4.47 -36.71 38.15
N ALA D 54 3.91 -37.19 39.26
CA ALA D 54 2.96 -36.36 40.00
C ALA D 54 3.62 -35.10 40.54
N GLN D 55 4.90 -35.19 40.91
CA GLN D 55 5.63 -34.02 41.35
C GLN D 55 5.76 -33.00 40.22
N TRP D 56 5.93 -33.49 38.98
CA TRP D 56 5.87 -32.59 37.81
C TRP D 56 4.57 -31.82 37.79
N ILE D 57 3.45 -32.52 38.00
CA ILE D 57 2.15 -31.85 37.97
C ILE D 57 2.02 -30.90 39.16
N LYS D 58 2.43 -31.32 40.36
CA LYS D 58 2.31 -30.42 41.51
C LYS D 58 3.18 -29.17 41.32
N ALA D 59 4.40 -29.33 40.82
CA ALA D 59 5.26 -28.17 40.59
C ALA D 59 4.74 -27.31 39.43
N CYS D 60 4.26 -27.93 38.37
CA CYS D 60 3.65 -27.17 37.28
C CYS D 60 2.40 -26.43 37.75
N ARG D 61 1.54 -27.10 38.52
CA ARG D 61 0.38 -26.46 39.09
C ARG D 61 0.79 -25.33 40.04
N THR D 62 1.92 -25.50 40.73
CA THR D 62 2.45 -24.45 41.61
C THR D 62 2.87 -23.21 40.82
N ALA D 63 3.60 -23.40 39.73
CA ALA D 63 4.08 -22.25 38.96
C ALA D 63 2.95 -21.56 38.22
N ILE D 64 1.96 -22.31 37.77
CA ILE D 64 0.84 -21.70 37.07
C ILE D 64 0.07 -20.78 38.01
N GLU D 65 -0.27 -21.26 39.21
CA GLU D 65 -1.07 -20.46 40.13
C GLU D 65 -0.30 -19.25 40.70
N ALA D 66 1.01 -19.39 40.96
CA ALA D 66 1.77 -18.22 41.40
C ALA D 66 1.78 -17.14 40.32
N LEU D 67 1.79 -17.57 39.07
CA LEU D 67 1.71 -16.64 37.96
C LEU D 67 0.33 -15.98 37.89
N ARG D 68 -0.74 -16.77 38.01
CA ARG D 68 -2.09 -16.23 37.93
C ARG D 68 -2.36 -15.25 39.05
N ALA D 69 -1.87 -15.54 40.25
CA ALA D 69 -2.10 -14.66 41.39
C ALA D 69 -1.23 -13.41 41.39
N ALA D 70 -0.12 -13.40 40.65
CA ALA D 70 0.76 -12.24 40.61
C ALA D 70 0.46 -11.32 39.44
N HIS D 71 -0.11 -11.85 38.35
CA HIS D 71 -0.45 -11.08 37.16
C HIS D 71 -1.79 -11.58 36.67
N PRO D 72 -2.85 -11.33 37.43
CA PRO D 72 -4.14 -11.96 37.14
C PRO D 72 -4.78 -11.52 35.84
N LYS D 73 -4.81 -10.21 35.58
CA LYS D 73 -5.48 -9.72 34.38
C LYS D 73 -4.76 -10.21 33.13
N GLU D 74 -3.43 -10.25 33.15
CA GLU D 74 -2.66 -10.75 32.01
C GLU D 74 -2.82 -12.26 31.87
N PHE D 75 -2.89 -12.98 33.00
CA PHE D 75 -3.02 -14.44 32.94
C PHE D 75 -4.30 -14.84 32.22
N SER D 76 -5.39 -14.07 32.39
CA SER D 76 -6.66 -14.42 31.77
C SER D 76 -6.62 -14.30 30.25
N ALA D 77 -5.62 -13.64 29.69
CA ALA D 77 -5.51 -13.46 28.25
C ALA D 77 -4.65 -14.51 27.57
N ILE D 78 -4.32 -15.60 28.26
CA ILE D 78 -3.48 -16.64 27.67
C ILE D 78 -4.25 -17.32 26.54
N THR D 79 -3.66 -17.30 25.35
CA THR D 79 -4.26 -17.87 24.15
C THR D 79 -3.60 -19.15 23.71
N GLY D 80 -2.30 -19.24 23.87
CA GLY D 80 -1.58 -20.44 23.49
C GLY D 80 -0.63 -20.81 24.61
N ILE D 81 -0.32 -22.09 24.67
CA ILE D 81 0.64 -22.62 25.64
C ILE D 81 1.72 -23.38 24.87
N GLY D 82 2.97 -23.11 25.19
CA GLY D 82 4.11 -23.83 24.64
C GLY D 82 4.78 -24.62 25.76
N LEU D 83 5.24 -25.82 25.42
CA LEU D 83 5.85 -26.72 26.37
C LEU D 83 7.31 -26.90 26.04
N SER D 84 8.14 -27.01 27.06
CA SER D 84 9.54 -27.35 26.87
C SER D 84 9.92 -28.30 27.98
N GLY D 85 10.78 -29.27 27.68
CA GLY D 85 11.12 -30.24 28.70
C GLY D 85 12.51 -30.80 28.62
N GLN D 86 12.96 -31.30 29.77
CA GLN D 86 14.09 -32.20 29.77
C GLN D 86 13.78 -33.37 28.85
N MET D 87 14.78 -33.76 28.05
CA MET D 87 14.64 -34.77 26.99
C MET D 87 14.77 -36.19 27.56
N HIS D 88 14.51 -37.15 26.69
CA HIS D 88 14.92 -38.55 26.89
C HIS D 88 14.21 -39.30 28.01
N GLY D 89 13.57 -38.61 28.95
CA GLY D 89 12.95 -39.32 30.07
C GLY D 89 11.88 -40.30 29.61
N ALA D 90 11.84 -41.45 30.26
CA ALA D 90 10.94 -42.54 29.88
C ALA D 90 9.81 -42.63 30.92
N THR D 91 8.59 -42.26 30.53
CA THR D 91 7.42 -42.31 31.42
C THR D 91 6.45 -43.39 30.94
N LEU D 92 6.32 -44.48 31.70
CA LEU D 92 5.49 -45.60 31.25
C LEU D 92 4.07 -45.50 31.80
N LEU D 93 3.08 -45.52 30.89
CA LEU D 93 1.67 -45.45 31.26
C LEU D 93 0.95 -46.71 30.82
N ASP D 94 -0.08 -47.09 31.58
CA ASP D 94 -0.90 -48.26 31.28
C ASP D 94 -2.17 -47.85 30.51
N ALA D 95 -3.17 -48.75 30.47
CA ALA D 95 -4.38 -48.45 29.69
C ALA D 95 -5.17 -47.28 30.28
N GLU D 96 -5.08 -47.05 31.59
CA GLU D 96 -5.80 -45.96 32.24
C GLU D 96 -4.92 -44.74 32.52
N ASP D 97 -3.80 -44.60 31.80
CA ASP D 97 -2.87 -43.47 31.85
C ASP D 97 -2.17 -43.30 33.20
N ARG D 98 -2.32 -44.26 34.12
CA ARG D 98 -1.63 -44.18 35.40
C ARG D 98 -0.16 -44.57 35.21
N VAL D 99 0.71 -43.98 36.03
CA VAL D 99 2.16 -44.17 35.89
C VAL D 99 2.57 -45.52 36.46
N LEU D 100 3.21 -46.38 35.63
CA LEU D 100 3.58 -47.74 36.07
C LEU D 100 4.83 -47.76 36.93
N ARG D 101 5.77 -46.88 36.67
CA ARG D 101 7.01 -46.81 37.42
C ARG D 101 7.52 -45.40 37.32
N PRO D 102 8.36 -44.97 38.24
CA PRO D 102 8.92 -43.62 38.14
C PRO D 102 9.59 -43.42 36.78
N CYS D 103 9.54 -42.18 36.31
CA CYS D 103 10.18 -41.82 35.05
C CYS D 103 11.68 -41.99 35.14
N ILE D 104 12.25 -42.62 34.12
CA ILE D 104 13.69 -42.85 34.04
C ILE D 104 14.33 -41.72 33.24
N LEU D 105 15.06 -40.84 33.93
CA LEU D 105 15.52 -39.58 33.35
C LEU D 105 16.70 -39.77 32.39
N TRP D 106 17.08 -38.65 31.73
CA TRP D 106 18.15 -38.59 30.74
C TRP D 106 19.52 -38.90 31.33
N ASN D 107 19.74 -38.56 32.60
CA ASN D 107 20.98 -38.81 33.32
C ASN D 107 20.97 -40.13 34.08
N ASP D 108 20.02 -41.02 33.78
CA ASP D 108 20.05 -42.39 34.26
C ASP D 108 20.91 -43.25 33.35
N THR D 109 21.75 -44.10 33.96
CA THR D 109 22.67 -44.92 33.21
C THR D 109 22.45 -46.43 33.45
N ARG D 110 21.31 -46.82 34.01
CA ARG D 110 21.13 -48.23 34.37
C ARG D 110 21.07 -49.15 33.16
N SER D 111 20.79 -48.60 31.97
CA SER D 111 20.57 -49.41 30.78
C SER D 111 21.80 -49.47 29.89
N TYR D 112 22.99 -49.34 30.47
CA TYR D 112 24.22 -49.30 29.67
C TYR D 112 24.40 -50.59 28.87
N ARG D 113 24.03 -51.73 29.45
CA ARG D 113 24.13 -52.99 28.71
C ARG D 113 23.23 -52.96 27.48
N GLU D 114 21.97 -52.57 27.68
CA GLU D 114 20.99 -52.54 26.59
C GLU D 114 21.37 -51.49 25.54
N ALA D 115 21.89 -50.35 25.98
CA ALA D 115 22.31 -49.31 25.05
C ALA D 115 23.47 -49.77 24.18
N ALA D 116 24.37 -50.59 24.74
CA ALA D 116 25.46 -51.12 23.93
C ALA D 116 24.93 -52.09 22.87
N GLU D 117 23.95 -52.92 23.24
CA GLU D 117 23.37 -53.87 22.30
C GLU D 117 22.63 -53.17 21.16
N LEU D 118 21.85 -52.13 21.48
CA LEU D 118 21.17 -51.41 20.42
C LEU D 118 22.16 -50.64 19.56
N ASP D 119 23.17 -50.03 20.18
CA ASP D 119 24.15 -49.26 19.42
C ASP D 119 24.89 -50.13 18.42
N ALA D 120 25.08 -51.42 18.75
CA ALA D 120 25.77 -52.36 17.88
C ALA D 120 24.90 -52.82 16.71
N ASP D 121 23.60 -52.53 16.74
CA ASP D 121 22.76 -52.78 15.58
C ASP D 121 22.91 -51.55 14.71
N PRO D 122 23.52 -51.66 13.52
CA PRO D 122 23.76 -50.47 12.68
C PRO D 122 22.48 -49.75 12.26
N ALA D 123 21.32 -50.40 12.43
CA ALA D 123 20.07 -49.77 12.04
C ALA D 123 19.82 -48.52 12.85
N PHE D 124 20.29 -48.50 14.10
CA PHE D 124 20.03 -47.35 14.97
C PHE D 124 20.81 -46.11 14.54
N ARG D 125 22.10 -46.26 14.19
CA ARG D 125 22.80 -45.09 13.67
C ARG D 125 22.27 -44.69 12.29
N ALA D 126 21.87 -45.66 11.48
CA ALA D 126 21.37 -45.35 10.15
C ALA D 126 20.05 -44.61 10.19
N ILE D 127 19.13 -45.06 11.05
CA ILE D 127 17.77 -44.49 11.09
C ILE D 127 17.66 -43.34 12.08
N THR D 128 18.27 -43.42 13.26
CA THR D 128 18.15 -42.33 14.22
C THR D 128 19.20 -41.27 14.06
N GLY D 129 20.32 -41.60 13.41
CA GLY D 129 21.45 -40.72 13.26
C GLY D 129 22.24 -40.44 14.53
N ASN D 130 21.97 -41.17 15.61
CA ASN D 130 22.63 -40.89 16.87
C ASN D 130 23.15 -42.18 17.49
N ILE D 131 24.16 -42.02 18.36
CA ILE D 131 24.58 -43.10 19.21
C ILE D 131 23.46 -43.46 20.18
N VAL D 132 23.33 -44.74 20.51
CA VAL D 132 22.34 -45.16 21.50
C VAL D 132 23.04 -45.10 22.85
N PHE D 133 22.85 -43.97 23.57
CA PHE D 133 23.32 -43.79 24.94
C PHE D 133 22.28 -44.31 25.92
N PRO D 134 22.70 -44.79 27.09
CA PRO D 134 21.73 -45.40 28.02
C PRO D 134 20.71 -44.43 28.55
N GLY D 135 20.97 -43.14 28.42
CA GLY D 135 20.04 -42.12 28.84
C GLY D 135 18.96 -41.80 27.84
N PHE D 136 19.04 -42.38 26.63
CA PHE D 136 17.97 -42.26 25.65
C PHE D 136 16.84 -43.24 25.99
N THR D 137 15.68 -43.04 25.36
CA THR D 137 14.48 -43.73 25.83
C THR D 137 14.50 -45.20 25.43
N ALA D 138 14.87 -45.49 24.19
CA ALA D 138 14.79 -46.86 23.69
C ALA D 138 15.54 -47.87 24.55
N PRO D 139 16.83 -47.68 24.89
CA PRO D 139 17.51 -48.70 25.71
C PRO D 139 16.90 -48.91 27.09
N LYS D 140 16.28 -47.88 27.67
CA LYS D 140 15.63 -48.02 28.97
C LYS D 140 14.44 -48.97 28.91
N LEU D 141 13.76 -49.05 27.76
CA LEU D 141 12.58 -49.90 27.66
C LEU D 141 12.95 -51.36 27.44
N VAL D 142 14.10 -51.63 26.83
CA VAL D 142 14.64 -52.98 26.85
C VAL D 142 14.96 -53.40 28.28
N TRP D 143 15.59 -52.51 29.05
CA TRP D 143 15.85 -52.78 30.47
C TRP D 143 14.56 -53.13 31.21
N VAL D 144 13.51 -52.32 31.02
CA VAL D 144 12.22 -52.63 31.63
C VAL D 144 11.69 -53.95 31.08
N ALA D 145 11.86 -54.18 29.77
CA ALA D 145 11.43 -55.43 29.16
C ALA D 145 12.11 -56.63 29.80
N ARG D 146 13.35 -56.45 30.29
CA ARG D 146 14.13 -57.53 30.86
C ARG D 146 14.13 -57.56 32.39
N ASN D 147 13.85 -56.45 33.07
CA ASN D 147 13.94 -56.42 34.53
C ASN D 147 12.61 -56.25 35.24
N GLU D 148 11.62 -55.66 34.60
CA GLU D 148 10.29 -55.46 35.21
C GLU D 148 9.21 -55.96 34.23
N ALA D 149 9.26 -57.26 33.92
CA ALA D 149 8.46 -57.78 32.81
C ALA D 149 6.97 -57.63 33.04
N ASP D 150 6.51 -57.76 34.30
CA ASP D 150 5.11 -57.50 34.61
C ASP D 150 4.77 -56.03 34.36
N ILE D 151 5.70 -55.12 34.68
CA ILE D 151 5.50 -53.71 34.35
C ILE D 151 5.54 -53.51 32.84
N PHE D 152 6.39 -54.29 32.14
CA PHE D 152 6.48 -54.12 30.69
C PHE D 152 5.19 -54.57 30.00
N ALA D 153 4.56 -55.62 30.52
CA ALA D 153 3.36 -56.14 29.88
C ALA D 153 2.21 -55.14 29.88
N ARG D 154 2.25 -54.16 30.76
CA ARG D 154 1.14 -53.23 30.91
C ARG D 154 1.35 -51.90 30.20
N ILE D 155 2.45 -51.72 29.48
CA ILE D 155 2.73 -50.45 28.81
C ILE D 155 1.76 -50.27 27.64
N ARG D 156 1.02 -49.16 27.64
CA ARG D 156 0.21 -48.80 26.47
C ARG D 156 0.67 -47.50 25.80
N LYS D 157 1.43 -46.67 26.50
CA LYS D 157 1.99 -45.44 25.95
C LYS D 157 3.31 -45.20 26.66
N VAL D 158 4.31 -44.71 25.92
CA VAL D 158 5.60 -44.27 26.48
C VAL D 158 5.77 -42.80 26.11
N LEU D 159 5.88 -41.93 27.10
CA LEU D 159 5.90 -40.50 26.87
C LEU D 159 7.13 -39.87 27.48
N LEU D 160 7.59 -38.77 26.87
CA LEU D 160 8.64 -37.94 27.45
C LEU D 160 8.04 -36.99 28.49
N PRO D 161 8.86 -36.45 29.41
CA PRO D 161 8.29 -35.65 30.51
C PRO D 161 7.37 -34.53 30.03
N LYS D 162 7.82 -33.78 29.03
CA LYS D 162 7.02 -32.67 28.53
C LYS D 162 5.71 -33.16 27.94
N ASP D 163 5.71 -34.37 27.35
CA ASP D 163 4.52 -34.92 26.73
C ASP D 163 3.55 -35.48 27.76
N TYR D 164 4.08 -35.96 28.89
CA TYR D 164 3.21 -36.33 30.00
C TYR D 164 2.50 -35.12 30.57
N LEU D 165 3.22 -34.02 30.69
CA LEU D 165 2.59 -32.79 31.12
C LEU D 165 1.47 -32.40 30.15
N ARG D 166 1.72 -32.56 28.85
CA ARG D 166 0.67 -32.27 27.89
C ARG D 166 -0.52 -33.20 28.05
N LEU D 167 -0.29 -34.46 28.44
CA LEU D 167 -1.42 -35.36 28.67
C LEU D 167 -2.27 -34.86 29.83
N TRP D 168 -1.62 -34.34 30.88
CA TRP D 168 -2.35 -33.70 31.95
C TRP D 168 -3.09 -32.47 31.43
N LEU D 169 -2.43 -31.66 30.61
CA LEU D 169 -3.05 -30.41 30.17
C LEU D 169 -4.15 -30.64 29.13
N THR D 170 -3.94 -31.56 28.19
CA THR D 170 -4.81 -31.65 27.02
C THR D 170 -5.63 -32.93 26.95
N GLY D 171 -5.22 -34.00 27.62
CA GLY D 171 -5.91 -35.26 27.49
C GLY D 171 -5.60 -36.01 26.24
N GLU D 172 -4.60 -35.58 25.48
CA GLU D 172 -4.17 -36.18 24.22
C GLU D 172 -2.76 -36.72 24.40
N TYR D 173 -2.39 -37.65 23.53
CA TYR D 173 -1.03 -38.21 23.48
C TYR D 173 -0.30 -37.60 22.29
N ILE D 174 0.53 -36.60 22.54
CA ILE D 174 1.21 -35.90 21.45
C ILE D 174 2.65 -35.60 21.84
N SER D 175 3.56 -35.75 20.88
CA SER D 175 4.95 -35.33 21.05
C SER D 175 5.38 -34.54 19.82
N ASP D 176 6.46 -33.78 19.96
CA ASP D 176 7.00 -33.01 18.86
C ASP D 176 8.23 -33.72 18.30
N MET D 177 8.65 -33.27 17.11
CA MET D 177 9.75 -33.89 16.39
C MET D 177 11.07 -33.81 17.18
N SER D 178 11.31 -32.66 17.82
CA SER D 178 12.62 -32.40 18.44
C SER D 178 12.84 -33.25 19.68
N ASP D 179 11.78 -33.48 20.45
CA ASP D 179 11.91 -34.29 21.65
C ASP D 179 11.88 -35.78 21.31
N SER D 180 11.09 -36.17 20.32
CA SER D 180 10.93 -37.58 19.99
C SER D 180 12.12 -38.12 19.20
N ALA D 181 12.92 -37.25 18.59
CA ALA D 181 14.18 -37.70 18.00
C ALA D 181 15.17 -38.16 19.05
N GLY D 182 15.00 -37.73 20.31
CA GLY D 182 15.81 -38.20 21.41
C GLY D 182 15.38 -39.52 22.00
N THR D 183 14.42 -40.21 21.40
CA THR D 183 13.99 -41.50 21.91
C THR D 183 14.72 -42.67 21.28
N SER D 184 15.45 -42.45 20.18
CA SER D 184 16.06 -43.54 19.39
C SER D 184 15.03 -44.48 18.77
N TRP D 185 13.78 -44.04 18.67
CA TRP D 185 12.78 -44.72 17.87
C TRP D 185 12.42 -43.93 16.62
N LEU D 186 12.89 -42.69 16.50
CA LEU D 186 12.46 -41.84 15.41
C LEU D 186 13.35 -41.99 14.18
N ASP D 187 12.72 -42.04 13.01
CA ASP D 187 13.41 -41.85 11.73
C ASP D 187 13.62 -40.35 11.61
N THR D 188 14.76 -39.89 12.14
CA THR D 188 15.00 -38.47 12.29
C THR D 188 14.94 -37.74 10.95
N GLY D 189 15.44 -38.36 9.87
CA GLY D 189 15.39 -37.73 8.57
C GLY D 189 14.00 -37.64 7.97
N ALA D 190 13.15 -38.64 8.22
CA ALA D 190 11.81 -38.64 7.65
C ALA D 190 10.78 -37.98 8.56
N ARG D 191 11.14 -37.68 9.81
CA ARG D 191 10.24 -37.07 10.79
C ARG D 191 9.03 -37.94 11.07
N ARG D 192 9.27 -39.25 11.20
CA ARG D 192 8.22 -40.23 11.41
C ARG D 192 8.76 -41.28 12.38
N TRP D 193 7.84 -42.03 13.00
CA TRP D 193 8.29 -43.16 13.79
C TRP D 193 8.84 -44.22 12.86
N SER D 194 9.84 -44.96 13.36
CA SER D 194 10.45 -46.07 12.62
C SER D 194 9.86 -47.36 13.16
N ALA D 195 9.12 -48.07 12.31
CA ALA D 195 8.53 -49.34 12.75
C ALA D 195 9.62 -50.33 13.12
N GLU D 196 10.67 -50.41 12.31
CA GLU D 196 11.75 -51.37 12.54
C GLU D 196 12.43 -51.19 13.89
N LEU D 197 12.69 -49.93 14.29
CA LEU D 197 13.41 -49.70 15.54
C LEU D 197 12.56 -50.04 16.75
N LEU D 198 11.26 -49.73 16.68
CA LEU D 198 10.35 -50.07 17.77
C LEU D 198 10.29 -51.58 17.99
N ALA D 199 10.15 -52.34 16.91
CA ALA D 199 10.05 -53.79 17.02
C ALA D 199 11.32 -54.38 17.62
N LYS D 200 12.47 -53.80 17.34
CA LYS D 200 13.70 -54.37 17.88
C LYS D 200 13.85 -54.11 19.38
N THR D 201 13.07 -53.21 19.97
CA THR D 201 13.06 -53.03 21.42
C THR D 201 11.78 -53.56 22.05
N GLY D 202 10.89 -54.15 21.25
CA GLY D 202 9.75 -54.89 21.77
C GLY D 202 8.47 -54.10 21.93
N LEU D 203 8.31 -53.01 21.18
CA LEU D 203 7.13 -52.17 21.25
C LEU D 203 6.63 -51.90 19.84
N GLY D 204 5.42 -51.33 19.76
CA GLY D 204 4.81 -50.97 18.50
C GLY D 204 4.46 -49.50 18.49
N GLU D 205 4.06 -49.02 17.30
CA GLU D 205 3.74 -47.61 17.12
C GLU D 205 2.51 -47.17 17.91
N GLY D 206 1.61 -48.10 18.24
CA GLY D 206 0.48 -47.73 19.08
C GLY D 206 0.87 -47.40 20.51
N GLN D 207 2.08 -47.77 20.93
CA GLN D 207 2.60 -47.44 22.25
C GLN D 207 3.35 -46.13 22.27
N MET D 208 3.46 -45.45 21.14
CA MET D 208 4.06 -44.14 21.05
C MET D 208 2.97 -43.08 20.92
N PRO D 209 3.26 -41.85 21.30
CA PRO D 209 2.32 -40.75 21.03
C PRO D 209 2.34 -40.40 19.56
N GLN D 210 1.35 -39.60 19.17
CA GLN D 210 1.28 -39.03 17.82
C GLN D 210 2.31 -37.89 17.68
N LEU D 211 2.86 -37.76 16.48
CA LEU D 211 3.92 -36.79 16.23
C LEU D 211 3.36 -35.56 15.55
N VAL D 212 3.92 -34.38 15.89
CA VAL D 212 3.56 -33.09 15.31
C VAL D 212 4.81 -32.22 15.27
N GLU D 213 4.73 -31.12 14.52
CA GLU D 213 5.79 -30.12 14.54
C GLU D 213 5.65 -29.20 15.76
N GLY D 214 6.82 -28.78 16.27
CA GLY D 214 6.84 -28.00 17.49
C GLY D 214 6.09 -26.68 17.42
N SER D 215 6.08 -26.05 16.24
CA SER D 215 5.49 -24.73 16.15
C SER D 215 4.03 -24.76 15.82
N GLU D 216 3.45 -25.95 15.61
CA GLU D 216 2.04 -26.02 15.26
C GLU D 216 1.17 -26.48 16.43
N ALA D 217 -0.13 -26.20 16.31
CA ALA D 217 -1.10 -26.47 17.38
C ALA D 217 -1.39 -27.96 17.51
N ALA D 218 -1.36 -28.45 18.76
CA ALA D 218 -1.43 -29.86 19.07
C ALA D 218 -2.28 -30.05 20.34
N GLY D 219 -3.55 -29.68 20.24
CA GLY D 219 -4.49 -29.88 21.33
C GLY D 219 -4.96 -28.57 21.94
N CYS D 220 -6.08 -28.66 22.65
CA CYS D 220 -6.63 -27.55 23.41
C CYS D 220 -6.58 -27.89 24.89
N LEU D 221 -6.38 -26.85 25.70
CA LEU D 221 -6.42 -27.02 27.15
C LEU D 221 -7.82 -27.53 27.54
N ARG D 222 -7.83 -28.53 28.42
CA ARG D 222 -9.07 -29.21 28.79
C ARG D 222 -10.07 -28.23 29.41
N ALA D 223 -11.35 -28.45 29.11
CA ALA D 223 -12.41 -27.59 29.65
C ALA D 223 -12.40 -27.60 31.17
N GLU D 224 -12.15 -28.76 31.79
CA GLU D 224 -12.12 -28.83 33.25
C GLU D 224 -11.04 -27.93 33.84
N LEU D 225 -9.85 -27.87 33.22
CA LEU D 225 -8.77 -27.03 33.72
C LEU D 225 -8.94 -25.55 33.36
N ALA D 226 -9.49 -25.24 32.18
CA ALA D 226 -9.74 -23.84 31.83
C ALA D 226 -10.74 -23.20 32.80
N ALA D 227 -11.78 -23.94 33.21
CA ALA D 227 -12.75 -23.34 34.13
C ALA D 227 -12.20 -23.29 35.54
N GLU D 228 -11.28 -24.20 35.86
CA GLU D 228 -10.53 -24.09 37.12
C GLU D 228 -9.78 -22.76 37.18
N TRP D 229 -9.12 -22.39 36.08
CA TRP D 229 -8.22 -21.25 36.05
C TRP D 229 -8.88 -20.00 35.47
N SER D 230 -10.17 -20.04 35.19
CA SER D 230 -10.88 -18.92 34.56
C SER D 230 -10.11 -18.43 33.32
N LEU D 231 -10.10 -19.30 32.32
CA LEU D 231 -9.51 -19.02 31.01
C LEU D 231 -10.65 -19.21 29.99
N THR D 232 -11.35 -18.10 29.71
CA THR D 232 -12.60 -18.20 28.94
C THR D 232 -12.35 -18.50 27.47
N ALA D 233 -11.28 -17.93 26.90
CA ALA D 233 -10.95 -18.22 25.52
C ALA D 233 -10.46 -19.65 25.37
N SER D 234 -10.35 -20.08 24.11
CA SER D 234 -9.78 -21.38 23.79
C SER D 234 -8.26 -21.26 23.82
N VAL D 235 -7.60 -22.17 24.53
CA VAL D 235 -6.15 -22.13 24.65
C VAL D 235 -5.59 -23.39 23.99
N ILE D 236 -4.89 -23.21 22.87
CA ILE D 236 -4.23 -24.32 22.17
C ILE D 236 -2.83 -24.48 22.73
N VAL D 237 -2.39 -25.72 22.88
CA VAL D 237 -1.05 -26.05 23.35
C VAL D 237 -0.22 -26.45 22.15
N ALA D 238 0.96 -25.84 22.00
CA ALA D 238 1.80 -26.11 20.86
C ALA D 238 2.45 -27.49 20.99
N GLY D 239 3.07 -27.92 19.91
CA GLY D 239 3.86 -29.13 19.98
C GLY D 239 4.95 -29.02 21.01
N GLY D 240 5.55 -27.83 21.14
CA GLY D 240 6.61 -27.62 22.10
C GLY D 240 7.94 -28.09 21.54
N ALA D 241 8.91 -28.30 22.45
CA ALA D 241 10.23 -28.78 22.05
C ALA D 241 10.96 -29.31 23.29
N GLY D 242 12.01 -30.09 23.03
CA GLY D 242 12.94 -30.42 24.08
C GLY D 242 13.72 -29.17 24.52
N ASP D 243 14.40 -29.29 25.66
CA ASP D 243 15.04 -28.12 26.24
C ASP D 243 16.06 -27.49 25.28
N ASN D 244 16.78 -28.32 24.52
CA ASN D 244 17.78 -27.79 23.59
C ASN D 244 17.15 -26.99 22.46
N ALA D 245 16.21 -27.60 21.73
CA ALA D 245 15.57 -26.88 20.63
C ALA D 245 14.79 -25.67 21.13
N ALA D 246 14.17 -25.79 22.29
CA ALA D 246 13.43 -24.68 22.85
C ALA D 246 14.35 -23.49 23.16
N SER D 247 15.51 -23.76 23.76
CA SER D 247 16.45 -22.66 24.02
C SER D 247 16.84 -21.99 22.71
N ALA D 248 17.10 -22.80 21.67
CA ALA D 248 17.45 -22.26 20.37
C ALA D 248 16.34 -21.42 19.78
N CYS D 249 15.07 -21.82 20.00
CA CYS D 249 13.97 -20.94 19.63
C CYS D 249 14.02 -19.65 20.44
N GLY D 250 14.44 -19.73 21.70
CA GLY D 250 14.57 -18.51 22.48
C GLY D 250 15.67 -17.60 22.02
N MET D 251 16.78 -18.16 21.52
CA MET D 251 17.93 -17.34 21.15
C MET D 251 17.94 -16.95 19.68
N GLY D 252 16.97 -17.41 18.90
CA GLY D 252 16.96 -17.11 17.48
C GLY D 252 17.80 -18.04 16.61
N THR D 253 18.17 -19.20 17.13
CA THR D 253 19.02 -20.12 16.38
C THR D 253 18.11 -21.10 15.64
N VAL D 254 17.53 -20.60 14.54
CA VAL D 254 16.59 -21.42 13.77
C VAL D 254 16.91 -21.48 12.30
N LYS D 255 17.80 -20.54 11.71
CA LYS D 255 18.16 -20.61 10.29
C LYS D 255 19.46 -21.40 10.10
N PRO D 256 19.65 -21.98 8.93
CA PRO D 256 20.85 -22.80 8.67
C PRO D 256 22.16 -22.07 8.92
N GLY D 257 23.08 -22.76 9.59
CA GLY D 257 24.39 -22.17 9.85
C GLY D 257 24.43 -21.23 11.02
N HIS D 258 23.29 -20.87 11.58
CA HIS D 258 23.27 -20.10 12.81
C HIS D 258 23.54 -21.03 13.99
N ALA D 259 24.39 -20.58 14.89
CA ALA D 259 24.89 -21.44 15.95
C ALA D 259 25.02 -20.67 17.25
N PHE D 260 24.82 -21.37 18.36
CA PHE D 260 25.19 -20.84 19.66
C PHE D 260 26.09 -21.85 20.35
N VAL D 261 26.98 -21.33 21.20
CA VAL D 261 27.84 -22.14 22.06
C VAL D 261 27.46 -21.85 23.51
N SER D 262 27.21 -22.91 24.28
CA SER D 262 26.74 -22.76 25.65
C SER D 262 27.85 -23.15 26.62
N LEU D 263 28.36 -22.16 27.35
CA LEU D 263 29.43 -22.40 28.32
C LEU D 263 28.87 -22.71 29.72
N GLY D 264 28.05 -23.77 29.81
CA GLY D 264 27.53 -24.23 31.08
C GLY D 264 28.44 -25.26 31.72
N THR D 265 27.91 -25.94 32.75
CA THR D 265 28.72 -26.98 33.38
C THR D 265 29.26 -27.92 32.33
N SER D 266 28.42 -28.27 31.35
CA SER D 266 28.87 -28.87 30.12
C SER D 266 28.73 -27.91 28.95
N GLY D 267 29.66 -28.00 28.01
CA GLY D 267 29.54 -27.22 26.79
C GLY D 267 28.58 -27.85 25.81
N VAL D 268 27.83 -27.01 25.11
CA VAL D 268 26.96 -27.44 24.01
C VAL D 268 27.25 -26.52 22.83
N LEU D 269 27.48 -27.12 21.66
CA LEU D 269 27.62 -26.39 20.40
C LEU D 269 26.38 -26.73 19.56
N PHE D 270 25.53 -25.74 19.33
CA PHE D 270 24.24 -25.94 18.67
C PHE D 270 24.22 -25.19 17.35
N ALA D 271 23.97 -25.91 16.27
CA ALA D 271 23.82 -25.34 14.94
C ALA D 271 22.48 -25.76 14.36
N ALA D 272 21.72 -24.81 13.83
CA ALA D 272 20.50 -25.15 13.13
C ALA D 272 20.83 -25.61 11.72
N ASN D 273 20.07 -26.58 11.23
CA ASN D 273 20.35 -27.15 9.91
C ASN D 273 19.16 -26.94 8.98
N GLY D 274 19.47 -26.75 7.70
CA GLY D 274 18.47 -26.73 6.65
C GLY D 274 18.05 -28.09 6.16
N ALA D 275 18.77 -29.15 6.56
CA ALA D 275 18.43 -30.53 6.25
C ALA D 275 18.96 -31.41 7.38
N TYR D 276 18.61 -32.70 7.32
CA TYR D 276 19.07 -33.69 8.29
C TYR D 276 20.52 -34.07 8.01
N GLN D 277 21.41 -33.85 8.98
CA GLN D 277 22.86 -33.97 8.75
C GLN D 277 23.54 -34.79 9.84
N PRO D 278 23.37 -36.10 9.83
CA PRO D 278 23.93 -36.94 10.90
C PRO D 278 25.43 -37.18 10.77
N LYS D 279 26.06 -37.42 11.94
CA LYS D 279 27.45 -37.85 11.98
C LYS D 279 27.72 -38.58 13.29
N PRO D 280 27.04 -39.71 13.53
CA PRO D 280 27.26 -40.41 14.80
C PRO D 280 28.62 -41.06 14.92
N GLU D 281 29.32 -41.35 13.81
CA GLU D 281 30.65 -41.92 13.92
C GLU D 281 31.58 -40.97 14.64
N SER D 282 31.35 -39.67 14.44
CA SER D 282 32.09 -38.62 15.11
C SER D 282 31.34 -38.08 16.32
N ALA D 283 30.30 -38.82 16.78
CA ALA D 283 29.59 -38.59 18.05
C ALA D 283 28.96 -37.20 18.17
N VAL D 284 28.47 -36.65 17.05
CA VAL D 284 27.65 -35.44 17.11
C VAL D 284 26.19 -35.87 17.10
N HIS D 285 25.35 -35.14 17.84
CA HIS D 285 23.91 -35.43 17.89
C HIS D 285 23.17 -34.73 16.76
N ALA D 286 22.20 -35.42 16.17
CA ALA D 286 21.40 -34.86 15.09
C ALA D 286 19.94 -35.09 15.38
N PHE D 287 19.21 -34.00 15.58
CA PHE D 287 17.80 -34.08 15.95
C PHE D 287 17.01 -33.15 15.04
N CYS D 288 15.70 -33.37 15.03
CA CYS D 288 14.82 -32.36 14.46
C CYS D 288 14.83 -31.10 15.33
N HIS D 289 14.61 -29.96 14.71
CA HIS D 289 14.45 -28.71 15.42
C HIS D 289 12.97 -28.56 15.79
N ALA D 290 12.62 -27.47 16.47
CA ALA D 290 11.23 -27.28 16.81
C ALA D 290 10.40 -26.83 15.62
N LEU D 291 11.05 -26.45 14.51
CA LEU D 291 10.32 -25.86 13.39
C LEU D 291 10.22 -26.83 12.19
N PRO D 292 9.20 -26.68 11.36
CA PRO D 292 9.03 -27.61 10.23
C PRO D 292 10.17 -27.48 9.22
N ARG D 293 10.46 -28.63 8.59
CA ARG D 293 11.52 -28.76 7.58
C ARG D 293 12.86 -28.26 8.11
N THR D 294 13.08 -28.43 9.43
CA THR D 294 14.26 -27.91 10.12
C THR D 294 14.82 -28.93 11.10
N TRP D 295 16.13 -29.04 11.14
CA TRP D 295 16.85 -30.00 11.96
C TRP D 295 17.88 -29.25 12.79
N HIS D 296 18.65 -29.98 13.60
CA HIS D 296 19.79 -29.35 14.27
C HIS D 296 20.84 -30.40 14.68
N GLN D 297 22.05 -29.88 14.90
CA GLN D 297 23.20 -30.64 15.39
C GLN D 297 23.59 -30.16 16.78
N MET D 298 24.23 -31.06 17.52
CA MET D 298 24.64 -30.80 18.90
C MET D 298 25.97 -31.49 19.15
N GLY D 299 27.01 -30.70 19.43
CA GLY D 299 28.25 -31.20 19.99
C GLY D 299 28.22 -31.01 21.49
N VAL D 300 28.57 -32.07 22.22
CA VAL D 300 28.49 -32.07 23.69
C VAL D 300 29.89 -32.17 24.24
N ILE D 301 30.28 -31.16 25.01
CA ILE D 301 31.54 -31.14 25.76
C ILE D 301 31.18 -31.45 27.21
N LEU D 302 31.63 -32.60 27.71
CA LEU D 302 31.13 -33.08 29.00
C LEU D 302 31.58 -32.19 30.16
N SER D 303 32.69 -31.47 30.02
CA SER D 303 33.17 -30.62 31.09
C SER D 303 33.65 -29.32 30.48
N ALA D 304 32.88 -28.26 30.65
CA ALA D 304 33.26 -26.95 30.15
C ALA D 304 33.44 -26.01 31.34
N ALA D 305 32.37 -25.33 31.76
CA ALA D 305 32.48 -24.50 32.95
C ALA D 305 32.82 -25.32 34.19
N SER D 306 32.47 -26.62 34.20
CA SER D 306 32.80 -27.47 35.33
C SER D 306 34.28 -27.81 35.39
N ALA D 307 35.00 -27.69 34.28
CA ALA D 307 36.44 -27.84 34.30
C ALA D 307 37.09 -26.71 35.08
N LEU D 308 36.56 -25.49 34.94
CA LEU D 308 37.06 -24.36 35.72
C LEU D 308 36.61 -24.46 37.18
N GLU D 309 35.37 -24.90 37.43
CA GLU D 309 34.96 -25.19 38.81
C GLU D 309 35.93 -26.19 39.45
N TRP D 310 36.25 -27.27 38.74
CA TRP D 310 37.13 -28.28 39.30
C TRP D 310 38.47 -27.68 39.67
N TYR D 311 39.07 -26.93 38.74
CA TYR D 311 40.35 -26.33 39.00
C TYR D 311 40.27 -25.31 40.13
N SER D 312 39.18 -24.53 40.18
CA SER D 312 39.08 -23.55 41.25
C SER D 312 38.97 -24.22 42.61
N LYS D 313 38.25 -25.34 42.71
CA LYS D 313 38.17 -26.06 43.99
C LYS D 313 39.54 -26.60 44.40
N ILE D 314 40.37 -26.94 43.40
CA ILE D 314 41.75 -27.37 43.66
C ILE D 314 42.54 -26.24 44.31
N VAL D 315 42.58 -25.08 43.64
CA VAL D 315 43.45 -23.97 44.04
C VAL D 315 42.82 -23.01 45.06
N GLY D 316 41.60 -23.26 45.52
CA GLY D 316 41.03 -22.44 46.58
C GLY D 316 40.55 -21.06 46.18
N ALA D 317 40.26 -20.84 44.92
CA ALA D 317 39.66 -19.59 44.49
C ALA D 317 38.30 -19.93 43.89
N THR D 318 37.65 -18.92 43.30
CA THR D 318 36.40 -19.14 42.57
C THR D 318 36.63 -18.80 41.11
N PRO D 319 35.84 -19.36 40.21
CA PRO D 319 36.01 -19.04 38.78
C PRO D 319 36.05 -17.54 38.50
N GLN D 320 35.21 -16.77 39.20
CA GLN D 320 35.17 -15.33 38.97
C GLN D 320 36.48 -14.67 39.42
N SER D 321 37.06 -15.11 40.54
CA SER D 321 38.33 -14.51 40.97
C SER D 321 39.49 -14.95 40.08
N LEU D 322 39.50 -16.23 39.66
CA LEU D 322 40.53 -16.66 38.72
C LEU D 322 40.43 -15.89 37.42
N ASP D 323 39.20 -15.61 36.97
CA ASP D 323 38.99 -14.83 35.76
C ASP D 323 39.53 -13.40 35.92
N ARG D 324 39.32 -12.80 37.09
CA ARG D 324 39.85 -11.45 37.32
C ARG D 324 41.39 -11.43 37.31
N GLU D 325 42.03 -12.49 37.82
CA GLU D 325 43.48 -12.52 37.88
C GLU D 325 44.09 -12.65 36.48
N LEU D 326 43.49 -13.47 35.62
CA LEU D 326 44.05 -13.67 34.29
C LEU D 326 43.92 -12.41 33.44
N GLY D 327 42.81 -11.70 33.59
CA GLY D 327 42.63 -10.41 32.95
C GLY D 327 41.73 -10.49 31.73
N GLU D 328 41.60 -9.34 31.08
CA GLU D 328 40.77 -9.21 29.90
C GLU D 328 41.55 -9.32 28.60
N THR D 329 42.89 -9.22 28.64
CA THR D 329 43.71 -9.26 27.44
C THR D 329 44.17 -10.68 27.14
N LEU D 330 43.88 -11.14 25.94
CA LEU D 330 44.26 -12.49 25.54
C LEU D 330 45.78 -12.63 25.51
N LYS D 331 46.27 -13.72 26.08
CA LYS D 331 47.69 -14.01 26.12
C LYS D 331 48.00 -15.14 25.14
N ALA D 332 49.22 -15.15 24.64
CA ALA D 332 49.67 -16.24 23.79
C ALA D 332 49.79 -17.52 24.62
N PRO D 333 49.37 -18.66 24.09
CA PRO D 333 49.43 -19.91 24.88
C PRO D 333 50.86 -20.20 25.32
N GLY D 334 50.97 -20.78 26.51
CA GLY D 334 52.25 -21.27 27.02
C GLY D 334 52.43 -22.75 26.80
N SER D 335 53.44 -23.31 27.48
CA SER D 335 53.74 -24.71 27.29
C SER D 335 52.73 -25.62 27.98
N VAL D 336 51.90 -25.03 28.85
CA VAL D 336 50.88 -25.82 29.55
C VAL D 336 49.68 -26.07 28.64
N THR D 337 49.25 -27.32 28.60
CA THR D 337 48.10 -27.79 27.86
C THR D 337 47.18 -28.50 28.83
N PHE D 338 45.86 -28.25 28.70
CA PHE D 338 44.85 -28.86 29.55
C PHE D 338 43.85 -29.63 28.72
N LEU D 339 43.75 -30.94 28.99
CA LEU D 339 42.68 -31.76 28.42
C LEU D 339 41.48 -31.74 29.35
N PRO D 340 40.37 -31.22 28.92
CA PRO D 340 39.25 -31.00 29.83
C PRO D 340 38.38 -32.23 30.01
N TYR D 341 38.97 -33.42 29.88
CA TYR D 341 38.20 -34.67 29.85
C TYR D 341 37.93 -35.25 31.25
N LEU D 342 37.52 -34.43 32.22
CA LEU D 342 37.34 -34.91 33.59
C LEU D 342 36.28 -36.01 33.73
N SER D 343 35.39 -36.17 32.77
CA SER D 343 34.35 -37.20 32.84
C SER D 343 34.43 -38.12 31.63
N GLY D 344 35.60 -38.25 31.02
CA GLY D 344 35.63 -38.77 29.67
C GLY D 344 35.29 -37.63 28.73
N GLU D 345 34.95 -37.97 27.48
CA GLU D 345 34.49 -36.94 26.55
C GLU D 345 33.46 -37.52 25.59
N ARG D 346 32.52 -36.67 25.19
CA ARG D 346 31.58 -37.12 24.16
C ARG D 346 32.05 -36.70 22.78
N THR D 347 31.69 -35.51 22.33
CA THR D 347 32.04 -35.13 20.96
C THR D 347 33.50 -34.67 20.92
N PRO D 348 34.35 -35.25 20.04
CA PRO D 348 34.13 -36.23 18.98
C PRO D 348 34.56 -37.69 19.22
N TYR D 349 34.92 -38.07 20.45
CA TYR D 349 35.57 -39.36 20.68
C TYR D 349 34.68 -40.42 21.32
N ASN D 350 33.57 -40.04 21.96
CA ASN D 350 32.70 -40.95 22.71
C ASN D 350 33.55 -41.90 23.55
N ASP D 351 34.27 -41.30 24.49
CA ASP D 351 35.31 -42.00 25.25
C ASP D 351 35.02 -41.86 26.74
N ALA D 352 34.61 -42.95 27.37
CA ALA D 352 34.32 -42.94 28.78
C ALA D 352 35.54 -43.12 29.67
N LYS D 353 36.63 -43.71 29.14
CA LYS D 353 37.77 -44.06 29.99
C LYS D 353 38.82 -42.96 30.06
N ILE D 354 38.98 -42.17 28.99
CA ILE D 354 39.99 -41.10 29.00
C ILE D 354 39.63 -40.08 30.08
N ARG D 355 40.64 -39.41 30.63
CA ARG D 355 40.43 -38.48 31.73
C ARG D 355 41.16 -37.17 31.47
N GLY D 356 40.99 -36.22 32.39
CA GLY D 356 41.62 -34.93 32.22
C GLY D 356 43.13 -34.98 32.46
N SER D 357 43.82 -33.93 32.01
CA SER D 357 45.27 -33.95 32.04
C SER D 357 45.84 -32.54 31.91
N PHE D 358 46.92 -32.27 32.65
CA PHE D 358 47.82 -31.14 32.42
C PHE D 358 49.14 -31.64 31.87
N CYS D 359 49.67 -30.98 30.84
CA CYS D 359 50.95 -31.38 30.29
C CYS D 359 51.81 -30.15 30.09
N GLY D 360 53.12 -30.39 29.96
CA GLY D 360 54.02 -29.28 29.78
C GLY D 360 54.22 -28.46 31.03
N LEU D 361 53.96 -29.02 32.21
CA LEU D 361 54.11 -28.28 33.46
C LEU D 361 55.57 -27.92 33.69
N GLU D 362 55.77 -26.69 34.16
CA GLU D 362 57.08 -26.10 34.39
C GLU D 362 57.08 -25.39 35.73
N HIS D 363 58.29 -25.08 36.22
CA HIS D 363 58.41 -24.25 37.43
C HIS D 363 57.88 -22.84 37.22
N GLU D 364 58.07 -22.28 36.03
CA GLU D 364 57.62 -20.91 35.80
C GLU D 364 56.11 -20.80 35.74
N ALA D 365 55.40 -21.92 35.60
CA ALA D 365 53.95 -21.91 35.52
C ALA D 365 53.33 -21.69 36.90
N ASP D 366 52.63 -20.57 37.06
CA ASP D 366 51.91 -20.25 38.29
C ASP D 366 50.42 -20.54 38.12
N ARG D 367 49.62 -20.14 39.13
CA ARG D 367 48.16 -20.33 39.09
C ARG D 367 47.51 -19.76 37.83
N SER D 368 47.83 -18.50 37.49
CA SER D 368 47.24 -17.87 36.31
C SER D 368 47.59 -18.62 35.02
N ALA D 369 48.77 -19.25 34.95
CA ALA D 369 49.13 -19.99 33.75
C ALA D 369 48.25 -21.21 33.55
N LEU D 370 47.86 -21.87 34.64
CA LEU D 370 47.02 -23.05 34.52
C LEU D 370 45.55 -22.69 34.31
N THR D 371 45.09 -21.63 34.97
CA THR D 371 43.79 -21.05 34.64
C THR D 371 43.72 -20.82 33.14
N GLN D 372 44.73 -20.16 32.59
CA GLN D 372 44.79 -19.87 31.16
C GLN D 372 44.69 -21.15 30.32
N ALA D 373 45.39 -22.21 30.74
CA ALA D 373 45.36 -23.46 29.98
C ALA D 373 44.00 -24.15 30.05
N VAL D 374 43.29 -24.02 31.18
CA VAL D 374 41.96 -24.61 31.29
C VAL D 374 40.99 -23.94 30.32
N LEU D 375 41.05 -22.61 30.23
CA LEU D 375 40.18 -21.92 29.30
C LEU D 375 40.53 -22.28 27.86
N GLU D 376 41.84 -22.30 27.53
CA GLU D 376 42.27 -22.70 26.20
C GLU D 376 41.82 -24.11 25.87
N GLY D 377 41.92 -25.03 26.84
CA GLY D 377 41.59 -26.42 26.57
C GLY D 377 40.14 -26.62 26.21
N VAL D 378 39.24 -25.95 26.93
CA VAL D 378 37.83 -26.01 26.58
C VAL D 378 37.60 -25.32 25.24
N ALA D 379 38.33 -24.23 24.98
CA ALA D 379 38.31 -23.60 23.66
C ALA D 379 38.74 -24.58 22.55
N PHE D 380 39.81 -25.33 22.77
CA PHE D 380 40.20 -26.34 21.78
C PHE D 380 39.16 -27.44 21.63
N ALA D 381 38.44 -27.76 22.71
CA ALA D 381 37.34 -28.72 22.61
C ALA D 381 36.25 -28.19 21.69
N ILE D 382 35.94 -26.92 21.84
CA ILE D 382 34.97 -26.29 20.96
C ILE D 382 35.46 -26.36 19.53
N ARG D 383 36.78 -26.20 19.34
CA ARG D 383 37.31 -26.31 17.98
C ARG D 383 37.14 -27.73 17.44
N ASP D 384 37.32 -28.74 18.30
CA ASP D 384 37.06 -30.12 17.90
C ASP D 384 35.59 -30.32 17.52
N ASN D 385 34.67 -29.74 18.29
CA ASN D 385 33.26 -29.88 18.00
C ASN D 385 32.90 -29.18 16.70
N LEU D 386 33.39 -27.96 16.52
CA LEU D 386 33.18 -27.24 15.27
C LEU D 386 33.70 -28.04 14.08
N LEU D 387 34.84 -28.72 14.25
CA LEU D 387 35.35 -29.55 13.17
C LEU D 387 34.37 -30.68 12.84
N ALA D 388 33.81 -31.32 13.87
CA ALA D 388 32.90 -32.44 13.67
C ALA D 388 31.66 -32.00 12.92
N LEU D 389 31.07 -30.88 13.34
CA LEU D 389 29.94 -30.33 12.62
C LEU D 389 30.34 -29.97 11.19
N GLN D 390 31.53 -29.40 10.99
CA GLN D 390 31.96 -29.10 9.64
C GLN D 390 32.08 -30.36 8.80
N SER D 391 32.41 -31.49 9.41
CA SER D 391 32.48 -32.77 8.70
C SER D 391 31.11 -33.31 8.35
N ALA D 392 30.05 -32.67 8.84
CA ALA D 392 28.68 -33.08 8.57
C ALA D 392 27.91 -32.03 7.76
N GLY D 393 28.62 -31.21 6.98
CA GLY D 393 27.97 -30.33 6.02
C GLY D 393 27.61 -28.95 6.54
N THR D 394 28.15 -28.55 7.67
CA THR D 394 27.75 -27.31 8.34
C THR D 394 28.93 -26.34 8.33
N GLU D 395 28.67 -25.13 7.89
CA GLU D 395 29.59 -24.02 8.01
C GLU D 395 29.02 -23.03 9.01
N ILE D 396 29.75 -22.79 10.10
CA ILE D 396 29.30 -21.85 11.13
C ILE D 396 29.78 -20.46 10.74
N THR D 397 28.85 -19.56 10.44
CA THR D 397 29.23 -18.21 10.05
C THR D 397 29.32 -17.30 11.28
N SER D 398 28.24 -17.19 12.05
CA SER D 398 28.20 -16.41 13.27
C SER D 398 28.03 -17.33 14.47
N LEU D 399 28.64 -16.96 15.58
CA LEU D 399 28.54 -17.76 16.78
C LEU D 399 28.08 -16.88 17.94
N THR D 400 27.12 -17.36 18.71
CA THR D 400 26.61 -16.65 19.87
C THR D 400 26.97 -17.42 21.13
N ALA D 401 27.42 -16.71 22.16
CA ALA D 401 27.91 -17.35 23.37
C ALA D 401 26.91 -17.15 24.49
N VAL D 402 26.54 -18.24 25.14
CA VAL D 402 25.66 -18.20 26.29
C VAL D 402 26.23 -19.14 27.36
N GLY D 403 25.56 -19.19 28.50
CA GLY D 403 26.01 -19.99 29.62
C GLY D 403 26.90 -19.19 30.54
N GLY D 404 27.10 -19.74 31.75
CA GLY D 404 27.84 -19.02 32.78
C GLY D 404 29.25 -18.64 32.35
N GLY D 405 29.96 -19.54 31.67
CA GLY D 405 31.32 -19.23 31.28
C GLY D 405 31.44 -18.01 30.40
N SER D 406 30.37 -17.66 29.68
CA SER D 406 30.37 -16.51 28.78
C SER D 406 30.46 -15.18 29.52
N ARG D 407 30.46 -15.19 30.85
CA ARG D 407 30.75 -14.00 31.62
C ARG D 407 32.25 -13.69 31.67
N SER D 408 33.09 -14.54 31.07
CA SER D 408 34.55 -14.37 31.07
C SER D 408 35.00 -13.74 29.74
N THR D 409 35.47 -12.50 29.81
CA THR D 409 35.98 -11.85 28.61
C THR D 409 37.16 -12.61 28.01
N TYR D 410 38.08 -13.08 28.86
CA TYR D 410 39.19 -13.87 28.36
C TYR D 410 38.70 -15.12 27.64
N TRP D 411 37.75 -15.83 28.25
CA TRP D 411 37.26 -17.08 27.66
C TRP D 411 36.64 -16.86 26.29
N LEU D 412 35.91 -15.75 26.12
CA LEU D 412 35.31 -15.49 24.82
C LEU D 412 36.38 -15.19 23.80
N LYS D 413 37.38 -14.37 24.17
CA LYS D 413 38.46 -14.06 23.25
C LYS D 413 39.25 -15.31 22.87
N ALA D 414 39.40 -16.23 23.83
CA ALA D 414 40.08 -17.51 23.58
C ALA D 414 39.30 -18.37 22.60
N ILE D 415 37.97 -18.46 22.77
CA ILE D 415 37.17 -19.25 21.85
C ILE D 415 37.13 -18.57 20.49
N ALA D 416 37.03 -17.25 20.48
CA ALA D 416 37.00 -16.53 19.22
C ALA D 416 38.30 -16.77 18.46
N THR D 417 39.44 -16.74 19.15
CA THR D 417 40.70 -16.91 18.46
C THR D 417 40.94 -18.36 18.04
N ALA D 418 40.43 -19.33 18.80
CA ALA D 418 40.61 -20.73 18.44
C ALA D 418 39.80 -21.08 17.20
N LEU D 419 38.58 -20.54 17.07
CA LEU D 419 37.74 -20.84 15.91
C LEU D 419 37.93 -19.89 14.74
N ASN D 420 38.55 -18.73 14.98
CA ASN D 420 38.60 -17.65 13.98
C ASN D 420 37.21 -17.33 13.44
N VAL D 421 36.25 -17.28 14.35
CA VAL D 421 34.91 -16.76 14.05
C VAL D 421 34.65 -15.67 15.07
N PRO D 422 34.05 -14.55 14.69
CA PRO D 422 33.56 -13.61 15.70
C PRO D 422 32.49 -14.24 16.55
N ILE D 423 32.41 -13.82 17.81
CA ILE D 423 31.42 -14.31 18.75
C ILE D 423 30.58 -13.14 19.23
N ALA D 424 29.26 -13.27 19.06
CA ALA D 424 28.31 -12.27 19.50
C ALA D 424 27.81 -12.59 20.91
N LEU D 425 27.89 -11.59 21.80
CA LEU D 425 27.43 -11.72 23.17
C LEU D 425 26.06 -11.07 23.31
N PRO D 426 25.01 -11.81 23.64
CA PRO D 426 23.67 -11.23 23.66
C PRO D 426 23.49 -10.20 24.77
N GLU D 427 22.46 -9.38 24.60
CA GLU D 427 22.01 -8.54 25.71
C GLU D 427 21.51 -9.41 26.86
N GLU D 428 21.50 -8.82 28.06
CA GLU D 428 21.04 -9.52 29.25
C GLU D 428 19.53 -9.78 29.17
N GLY D 429 19.11 -10.96 29.59
CA GLY D 429 17.70 -11.28 29.51
C GLY D 429 17.46 -12.76 29.69
N ASP D 430 16.22 -13.13 29.45
CA ASP D 430 15.74 -14.49 29.61
C ASP D 430 15.39 -14.99 28.21
N PHE D 431 16.32 -15.69 27.59
CA PHE D 431 16.07 -16.20 26.25
C PHE D 431 16.27 -17.72 26.19
N GLY D 432 15.98 -18.40 27.30
CA GLY D 432 16.22 -19.83 27.39
C GLY D 432 15.00 -20.62 26.95
N ALA D 433 14.94 -21.88 27.42
CA ALA D 433 13.89 -22.79 26.97
C ALA D 433 12.49 -22.26 27.27
N ALA D 434 12.31 -21.61 28.42
CA ALA D 434 10.97 -21.13 28.78
C ALA D 434 10.48 -20.06 27.80
N PHE D 435 11.38 -19.19 27.33
CA PHE D 435 10.98 -18.15 26.39
C PHE D 435 10.70 -18.75 25.01
N GLY D 436 11.49 -19.76 24.63
CA GLY D 436 11.18 -20.48 23.40
C GLY D 436 9.85 -21.19 23.43
N ALA D 437 9.48 -21.77 24.59
CA ALA D 437 8.17 -22.39 24.73
C ALA D 437 7.05 -21.37 24.55
N ALA D 438 7.19 -20.19 25.17
CA ALA D 438 6.20 -19.13 24.96
C ALA D 438 6.11 -18.75 23.48
N ARG D 439 7.26 -18.65 22.82
CA ARG D 439 7.26 -18.35 21.39
C ARG D 439 6.54 -19.43 20.61
N LEU D 440 6.79 -20.70 20.92
CA LEU D 440 6.13 -21.80 20.23
C LEU D 440 4.63 -21.83 20.54
N GLY D 441 4.23 -21.50 21.75
CA GLY D 441 2.81 -21.36 22.02
C GLY D 441 2.19 -20.22 21.22
N LEU D 442 2.91 -19.10 21.13
CA LEU D 442 2.45 -17.98 20.31
C LEU D 442 2.42 -18.32 18.84
N ILE D 443 3.39 -19.10 18.37
CA ILE D 443 3.42 -19.45 16.95
C ILE D 443 2.20 -20.30 16.59
N ALA D 444 1.90 -21.29 17.42
CA ALA D 444 0.72 -22.11 17.15
C ALA D 444 -0.55 -21.30 17.36
N ALA D 445 -0.53 -20.32 18.28
CA ALA D 445 -1.73 -19.54 18.57
C ALA D 445 -2.05 -18.51 17.50
N THR D 446 -1.06 -17.80 16.97
CA THR D 446 -1.32 -16.79 15.94
C THR D 446 -1.15 -17.35 14.54
N GLY D 447 -0.54 -18.54 14.40
CA GLY D 447 -0.32 -19.06 13.08
C GLY D 447 0.69 -18.24 12.31
N ALA D 448 1.50 -17.45 13.00
CA ALA D 448 2.48 -16.62 12.34
C ALA D 448 3.58 -17.50 11.73
N ASP D 449 4.32 -16.90 10.81
CA ASP D 449 5.52 -17.53 10.25
C ASP D 449 6.51 -17.75 11.39
N PRO D 450 6.97 -18.99 11.63
CA PRO D 450 7.82 -19.22 12.82
C PRO D 450 9.11 -18.43 12.82
N PHE D 451 9.64 -18.12 11.64
CA PHE D 451 10.95 -17.47 11.53
C PHE D 451 10.90 -15.97 11.79
N THR D 452 9.75 -15.32 11.63
CA THR D 452 9.65 -13.93 12.04
C THR D 452 9.41 -13.78 13.52
N ILE D 453 9.05 -14.87 14.19
CA ILE D 453 8.86 -14.83 15.64
C ILE D 453 10.19 -15.10 16.36
N CYS D 454 10.89 -16.16 15.96
CA CYS D 454 12.09 -16.62 16.68
C CYS D 454 13.32 -15.84 16.22
N THR D 455 13.35 -14.59 16.60
CA THR D 455 14.49 -13.80 16.16
C THR D 455 15.58 -13.86 17.21
N PRO D 456 16.82 -13.63 16.79
CA PRO D 456 17.89 -13.56 17.78
C PRO D 456 17.71 -12.33 18.64
N PRO D 457 18.21 -12.35 19.87
CA PRO D 457 18.19 -11.13 20.68
C PRO D 457 19.27 -10.16 20.23
N GLN D 458 19.16 -8.92 20.67
CA GLN D 458 20.13 -7.91 20.26
C GLN D 458 21.51 -8.16 20.86
N THR D 459 22.54 -7.94 20.03
CA THR D 459 23.93 -8.21 20.40
C THR D 459 24.52 -7.04 21.18
N ALA D 460 25.05 -7.33 22.37
CA ALA D 460 25.71 -6.33 23.21
C ALA D 460 27.15 -6.06 22.76
N ARG D 461 27.98 -7.10 22.71
CA ARG D 461 29.36 -6.97 22.26
C ARG D 461 29.62 -8.00 21.18
N THR D 462 30.58 -7.68 20.31
CA THR D 462 31.09 -8.65 19.34
C THR D 462 32.57 -8.85 19.63
N ILE D 463 32.94 -10.07 19.98
CA ILE D 463 34.31 -10.41 20.33
C ILE D 463 34.97 -10.97 19.08
N GLU D 464 35.96 -10.22 18.52
CA GLU D 464 36.68 -10.63 17.33
C GLU D 464 37.92 -11.46 17.70
N PRO D 465 38.33 -12.36 16.81
CA PRO D 465 39.56 -13.12 17.05
C PRO D 465 40.81 -12.24 17.07
N GLU D 466 41.76 -12.59 17.93
CA GLU D 466 43.00 -11.82 17.99
C GLU D 466 43.91 -12.25 16.84
N GLN D 467 44.04 -11.40 15.82
CA GLN D 467 44.77 -11.81 14.63
C GLN D 467 46.22 -12.13 14.95
N ALA D 468 46.82 -11.41 15.92
CA ALA D 468 48.22 -11.68 16.25
C ALA D 468 48.41 -13.04 16.88
N LEU D 469 47.41 -13.52 17.61
CA LEU D 469 47.54 -14.78 18.32
C LEU D 469 46.92 -15.94 17.55
N LEU D 470 46.46 -15.69 16.33
CA LEU D 470 45.77 -16.74 15.57
C LEU D 470 46.71 -17.91 15.29
N SER D 471 47.96 -17.63 14.92
CA SER D 471 48.89 -18.72 14.66
C SER D 471 49.31 -19.45 15.92
N ALA D 472 49.59 -18.69 17.00
CA ALA D 472 49.96 -19.32 18.26
C ALA D 472 48.84 -20.24 18.75
N TYR D 473 47.58 -19.86 18.52
CA TYR D 473 46.49 -20.74 18.89
C TYR D 473 46.44 -21.98 17.99
N ASP D 474 46.79 -21.83 16.71
CA ASP D 474 46.89 -22.99 15.84
C ASP D 474 47.92 -23.97 16.37
N GLU D 475 49.07 -23.45 16.80
CA GLU D 475 50.14 -24.31 17.31
C GLU D 475 49.72 -25.02 18.61
N ALA D 476 49.11 -24.28 19.52
CA ALA D 476 48.68 -24.87 20.78
C ALA D 476 47.57 -25.88 20.58
N TYR D 477 46.65 -25.63 19.64
CA TYR D 477 45.62 -26.63 19.34
C TYR D 477 46.24 -27.96 18.89
N GLN D 478 47.24 -27.92 18.00
CA GLN D 478 47.80 -29.17 17.50
C GLN D 478 48.49 -29.96 18.61
N ARG D 479 49.14 -29.27 19.56
CA ARG D 479 49.65 -29.92 20.78
C ARG D 479 48.54 -30.60 21.56
N TYR D 480 47.42 -29.88 21.77
CA TYR D 480 46.24 -30.43 22.46
C TYR D 480 45.64 -31.61 21.71
N HIS D 481 45.53 -31.51 20.38
CA HIS D 481 44.94 -32.56 19.58
C HIS D 481 45.82 -33.81 19.57
N ALA D 482 47.14 -33.63 19.48
CA ALA D 482 48.05 -34.76 19.47
C ALA D 482 48.07 -35.48 20.80
N LEU D 483 47.70 -34.81 21.90
CA LEU D 483 47.72 -35.47 23.21
C LEU D 483 46.70 -36.59 23.31
N TYR D 484 45.53 -36.48 22.67
CA TYR D 484 44.49 -37.47 22.91
C TYR D 484 44.89 -38.87 22.46
N PRO D 485 45.34 -39.10 21.23
CA PRO D 485 45.74 -40.47 20.89
C PRO D 485 46.90 -40.99 21.74
N ALA D 486 47.79 -40.12 22.18
CA ALA D 486 48.90 -40.54 23.03
C ALA D 486 48.41 -41.13 24.35
N LEU D 487 47.43 -40.48 25.00
CA LEU D 487 46.87 -40.98 26.25
C LEU D 487 45.87 -42.10 26.03
N HIS D 488 45.11 -42.03 24.94
CA HIS D 488 44.10 -43.04 24.63
C HIS D 488 44.70 -44.44 24.47
N ALA D 489 45.92 -44.54 23.96
CA ALA D 489 46.57 -45.83 23.82
C ALA D 489 46.87 -46.49 25.16
N LEU D 490 46.88 -45.71 26.25
CA LEU D 490 47.16 -46.26 27.57
C LEU D 490 45.92 -46.79 28.29
N ASP D 491 44.74 -46.65 27.69
CA ASP D 491 43.48 -47.11 28.28
C ASP D 491 43.11 -48.49 27.77
#